data_4JBS
#
_entry.id   4JBS
#
_cell.length_a   75.150
_cell.length_b   134.770
_cell.length_c   128.731
_cell.angle_alpha   90.00
_cell.angle_beta   90.28
_cell.angle_gamma   90.00
#
_symmetry.space_group_name_H-M   'P 1 21 1'
#
loop_
_entity.id
_entity.type
_entity.pdbx_description
1 polymer 'Endoplasmic reticulum aminopeptidase 2'
2 branched 2-acetamido-2-deoxy-beta-D-glucopyranose-(1-4)-2-acetamido-2-deoxy-beta-D-glucopyranose
3 branched alpha-D-mannopyranose-(1-4)-alpha-D-mannopyranose-(1-4)-2-acetamido-2-deoxy-beta-D-glucopyranose-(1-4)-2-acetamido-2-deoxy-beta-D-glucopyranose
4 non-polymer 2-acetamido-2-deoxy-beta-D-glucopyranose
5 non-polymer 'ZINC ION'
6 non-polymer Nalpha-[(2S)-2-{[[(1R)-1-amino-3-phenylpropyl](hydroxy)phosphoryl]methyl}-4-methylpentanoyl]-L-tryptophanamide
7 non-polymer IMIDAZOLE
8 water water
#
_entity_poly.entity_id   1
_entity_poly.type   'polypeptide(L)'
_entity_poly.pdbx_seq_one_letter_code
;MVHSSAMVNSHRKPMFNIHRGFYCLTAILPQICICSQFSVPSSYHFTEDPGAFPVATNGERFPWQELRLPSVVIPLHYDL
FVHPNLTSLDFVASEKIEVLVSNATQFIILHSKDLEITNATLQSEEDSRYMKPGKELKVLSYPAHEQIALLVPEKLTPHL
KYYVAMDFQAKLGDGFEGFYKSTYRTLGGETRILAVTDFEPTQARMAFPCFDEPLFKANFSIKIRRESRHIALSNMPKVK
TIELEGGLLEDHFETTVKMSTYLVAYIVCDFHSLSGFTSSGVKVSIYASPDKRNQTHYALQASLKLLDFYEKYFDIYYPL
SKLDLIAIPDFAPGAMENWGLITYRETSLLFDPKTSSASDKLWVTRVIAHELAHQWFGNLVTMEWWNDIWLKEGFAKYME
LIAVNATYPELQFDDYFLNVCFEVITKDSLNSSRPISKPAETPTQIQEMFDEVSYNKGACILNMLKDFLGEEKFQKGIIQ
YLKKFSYRNAKNDDLWSSLSNSCLESDFTSGGVCHSDPKMTSNMLAFLGENAEVKEMMTTWTLQKGIPLLVVKQDGCSLR
LQQERFLQGVFQEDPEWRALQERYLWHIPLTYSTSSSNVIHRHILKSKTDTLDLPEKTSWVKFNVDSNGYYIVHYEGHGW
DQLITQLNQNHTLLRPKDRVGLIHDVFQLVGAGRLTLDKALDMTYYLQHETSSPALLEGLSYLESFYHMMDRRNISDISE
NLKRYLLQYFKPVIDRQSWSDKGSVWDRMLRSALLKLACDLNHAPCIQKAAELFSQWMESSGKLNIPTDVLKIVYSVGAQ
TTAGWNYLLEQYELSMSSAEQNKILYALSTSKHQEKLLKLIELGMEGKVIKTQNLAALLHAIARRPKGQQLAWDFVRENW
THLLKKFDLGSYDIRMIISGTTAHFSSKDKLQEVKLFFESLEAQGSHLDIFQTVLETITKNIKWLEKNLPTLRTWLMVNT
RHHHHHH
;
_entity_poly.pdbx_strand_id   A,B
#
# COMPACT_ATOMS: atom_id res chain seq x y z
N PRO A 54 -23.19 38.65 -17.33
CA PRO A 54 -22.48 37.52 -17.94
C PRO A 54 -23.09 36.19 -17.53
N VAL A 55 -22.89 35.15 -18.34
CA VAL A 55 -23.46 33.85 -18.05
C VAL A 55 -23.04 32.71 -18.97
N ALA A 56 -23.56 31.52 -18.67
CA ALA A 56 -23.18 30.27 -19.31
C ALA A 56 -24.14 29.23 -18.70
N THR A 57 -23.86 27.93 -18.77
CA THR A 57 -22.70 27.36 -19.43
C THR A 57 -22.96 27.32 -20.92
N ASN A 58 -24.06 26.66 -21.28
CA ASN A 58 -24.51 26.64 -22.66
C ASN A 58 -25.39 27.85 -22.94
N GLY A 59 -24.85 28.78 -23.73
CA GLY A 59 -25.55 30.00 -24.07
C GLY A 59 -26.44 30.53 -22.97
N GLU A 60 -27.63 30.97 -23.34
CA GLU A 60 -28.60 31.55 -22.41
C GLU A 60 -27.95 32.56 -21.46
N ARG A 61 -28.57 32.74 -20.30
CA ARG A 61 -28.09 33.73 -19.34
C ARG A 61 -28.22 33.17 -17.93
N PHE A 62 -27.72 33.93 -16.96
CA PHE A 62 -27.91 33.59 -15.56
C PHE A 62 -28.70 34.71 -14.92
N PRO A 63 -29.96 34.41 -14.55
CA PRO A 63 -30.87 35.41 -13.98
C PRO A 63 -30.25 36.20 -12.83
N TRP A 64 -29.13 35.71 -12.31
CA TRP A 64 -28.49 36.29 -11.13
C TRP A 64 -26.98 36.38 -11.33
N GLN A 65 -26.37 37.43 -10.80
CA GLN A 65 -24.96 37.70 -11.10
C GLN A 65 -24.01 37.71 -9.87
N GLU A 66 -24.56 38.03 -8.69
CA GLU A 66 -23.78 38.12 -7.46
C GLU A 66 -23.38 36.73 -6.95
N LEU A 67 -22.17 36.60 -6.39
CA LEU A 67 -21.76 35.31 -5.84
C LEU A 67 -22.39 35.08 -4.47
N ARG A 68 -22.85 36.16 -3.85
CA ARG A 68 -23.75 36.06 -2.72
C ARG A 68 -25.10 35.63 -3.27
N LEU A 69 -25.87 34.89 -2.48
CA LEU A 69 -27.15 34.35 -2.98
C LEU A 69 -28.28 35.36 -2.86
N PRO A 70 -29.36 35.15 -3.62
CA PRO A 70 -30.58 35.96 -3.50
C PRO A 70 -31.25 35.68 -2.16
N SER A 71 -31.78 36.72 -1.54
CA SER A 71 -32.46 36.57 -0.25
C SER A 71 -33.94 36.23 -0.42
N VAL A 72 -34.40 36.20 -1.68
CA VAL A 72 -35.79 35.94 -2.00
C VAL A 72 -36.24 34.52 -1.64
N VAL A 73 -35.51 33.53 -2.13
CA VAL A 73 -35.78 32.13 -1.80
C VAL A 73 -35.18 31.79 -0.44
N ILE A 74 -35.93 31.04 0.37
CA ILE A 74 -35.48 30.71 1.73
C ILE A 74 -35.73 29.25 2.07
N PRO A 75 -34.68 28.51 2.42
CA PRO A 75 -34.79 27.09 2.74
C PRO A 75 -35.30 26.91 4.16
N LEU A 76 -36.21 25.97 4.36
CA LEU A 76 -36.74 25.70 5.69
C LEU A 76 -36.42 24.28 6.12
N HIS A 77 -36.21 23.41 5.14
CA HIS A 77 -36.03 21.99 5.41
C HIS A 77 -35.43 21.25 4.22
N TYR A 78 -34.55 20.29 4.50
CA TYR A 78 -33.99 19.44 3.45
C TYR A 78 -34.26 17.96 3.73
N ASP A 79 -34.97 17.31 2.82
CA ASP A 79 -35.03 15.85 2.83
C ASP A 79 -33.86 15.38 2.00
N LEU A 80 -32.86 14.81 2.66
CA LEU A 80 -31.64 14.44 1.96
C LEU A 80 -31.44 12.92 1.93
N PHE A 81 -31.29 12.39 0.72
CA PHE A 81 -31.04 10.97 0.55
C PHE A 81 -29.71 10.78 -0.16
N VAL A 82 -28.82 10.03 0.47
CA VAL A 82 -27.53 9.74 -0.13
C VAL A 82 -27.28 8.25 -0.18
N HIS A 83 -26.92 7.77 -1.36
CA HIS A 83 -26.66 6.35 -1.60
C HIS A 83 -25.24 6.20 -2.14
N PRO A 84 -24.26 6.04 -1.24
CA PRO A 84 -22.86 5.88 -1.62
C PRO A 84 -22.48 4.42 -1.90
N ASN A 85 -21.55 4.21 -2.82
CA ASN A 85 -20.98 2.88 -3.05
C ASN A 85 -19.46 2.90 -2.89
N LEU A 86 -18.96 2.08 -1.97
CA LEU A 86 -17.55 2.13 -1.60
C LEU A 86 -16.67 1.20 -2.43
N THR A 87 -17.31 0.34 -3.23
CA THR A 87 -16.57 -0.48 -4.17
C THR A 87 -16.54 0.29 -5.49
N SER A 88 -17.67 0.91 -5.80
CA SER A 88 -17.82 1.73 -6.99
C SER A 88 -17.13 3.08 -6.81
N LEU A 89 -16.90 3.46 -5.56
CA LEU A 89 -16.27 4.73 -5.22
C LEU A 89 -17.02 5.94 -5.78
N ASP A 90 -18.34 5.94 -5.64
CA ASP A 90 -19.14 7.07 -6.07
C ASP A 90 -20.43 7.08 -5.29
N PHE A 91 -21.27 8.07 -5.54
CA PHE A 91 -22.57 8.13 -4.89
C PHE A 91 -23.70 8.58 -5.82
N VAL A 92 -24.93 8.30 -5.39
CA VAL A 92 -26.13 8.72 -6.08
C VAL A 92 -27.08 9.24 -5.01
N ALA A 93 -27.67 10.42 -5.23
CA ALA A 93 -28.47 11.04 -4.19
C ALA A 93 -29.53 11.98 -4.75
N SER A 94 -30.52 12.29 -3.92
CA SER A 94 -31.58 13.23 -4.27
C SER A 94 -31.99 14.01 -3.03
N GLU A 95 -32.65 15.15 -3.23
CA GLU A 95 -33.06 15.99 -2.11
C GLU A 95 -34.36 16.72 -2.40
N LYS A 96 -35.06 17.13 -1.34
CA LYS A 96 -36.29 17.91 -1.46
C LYS A 96 -36.29 19.08 -0.46
N ILE A 97 -36.08 20.29 -0.98
CA ILE A 97 -35.98 21.49 -0.15
C ILE A 97 -37.31 22.24 -0.04
N GLU A 98 -37.83 22.35 1.18
CA GLU A 98 -39.02 23.17 1.40
C GLU A 98 -38.64 24.64 1.43
N VAL A 99 -38.95 25.33 0.34
CA VAL A 99 -38.60 26.73 0.16
C VAL A 99 -39.71 27.63 0.67
N LEU A 100 -39.37 28.89 0.93
CA LEU A 100 -40.35 29.94 1.16
C LEU A 100 -39.99 31.16 0.34
N VAL A 101 -40.88 31.55 -0.56
CA VAL A 101 -40.67 32.70 -1.42
C VAL A 101 -41.00 34.01 -0.67
N SER A 102 -40.06 34.95 -0.68
CA SER A 102 -40.27 36.25 -0.04
C SER A 102 -40.93 37.22 -1.02
N ASN A 103 -40.18 37.63 -2.03
CA ASN A 103 -40.73 38.38 -3.16
C ASN A 103 -40.94 37.43 -4.34
N ALA A 104 -41.85 37.76 -5.24
CA ALA A 104 -42.13 36.91 -6.39
C ALA A 104 -40.95 36.80 -7.34
N THR A 105 -40.70 35.59 -7.85
CA THR A 105 -39.57 35.32 -8.73
C THR A 105 -39.89 34.30 -9.80
N GLN A 106 -39.05 34.24 -10.82
CA GLN A 106 -39.21 33.30 -11.93
C GLN A 106 -38.08 32.27 -11.92
N PHE A 107 -37.15 32.44 -10.98
CA PHE A 107 -35.96 31.59 -10.93
C PHE A 107 -35.49 31.39 -9.48
N ILE A 108 -34.88 30.23 -9.24
CA ILE A 108 -34.33 29.92 -7.92
C ILE A 108 -32.83 29.70 -8.01
N ILE A 109 -32.07 30.38 -7.16
CA ILE A 109 -30.61 30.28 -7.19
C ILE A 109 -30.05 29.67 -5.91
N LEU A 110 -29.30 28.59 -6.08
CA LEU A 110 -28.55 27.96 -4.99
C LEU A 110 -27.20 27.44 -5.47
N HIS A 111 -26.44 26.82 -4.57
CA HIS A 111 -25.09 26.36 -4.91
C HIS A 111 -25.03 24.90 -5.34
N SER A 112 -24.16 24.64 -6.32
CA SER A 112 -23.81 23.29 -6.73
C SER A 112 -22.40 23.29 -7.32
N LYS A 113 -21.67 22.20 -7.10
CA LYS A 113 -20.32 22.08 -7.64
C LYS A 113 -19.91 20.63 -7.89
N ASP A 114 -19.52 20.34 -9.12
CA ASP A 114 -19.08 19.00 -9.47
C ASP A 114 -20.17 17.99 -9.22
N LEU A 115 -21.41 18.46 -9.20
CA LEU A 115 -22.56 17.58 -9.06
C LEU A 115 -23.32 17.51 -10.37
N GLU A 116 -23.39 16.32 -10.96
CA GLU A 116 -24.20 16.11 -12.16
C GLU A 116 -25.67 16.01 -11.77
N ILE A 117 -26.40 17.10 -11.96
CA ILE A 117 -27.82 17.15 -11.62
C ILE A 117 -28.67 16.58 -12.74
N THR A 118 -29.59 15.70 -12.39
CA THR A 118 -30.30 14.91 -13.39
C THR A 118 -31.79 14.72 -13.11
N ASN A 119 -32.48 15.81 -12.77
CA ASN A 119 -33.94 15.81 -12.69
C ASN A 119 -34.46 16.86 -11.72
N ALA A 120 -34.82 18.03 -12.24
CA ALA A 120 -35.26 19.14 -11.38
C ALA A 120 -36.77 19.38 -11.48
N THR A 121 -37.46 19.27 -10.34
CA THR A 121 -38.88 19.52 -10.27
C THR A 121 -39.20 20.48 -9.14
N LEU A 122 -40.36 21.14 -9.23
CA LEU A 122 -40.89 21.96 -8.15
C LEU A 122 -42.31 21.50 -7.85
N GLN A 123 -42.64 21.35 -6.57
CA GLN A 123 -43.97 20.89 -6.21
C GLN A 123 -44.76 21.91 -5.42
N SER A 124 -46.08 21.74 -5.45
CA SER A 124 -47.00 22.79 -5.05
C SER A 124 -47.86 22.38 -3.84
N GLU A 125 -47.53 22.96 -2.68
CA GLU A 125 -48.35 22.75 -1.50
C GLU A 125 -49.46 23.79 -1.47
N GLU A 126 -49.25 24.87 -2.22
CA GLU A 126 -50.16 26.02 -2.22
C GLU A 126 -50.18 26.70 -0.84
N TYR A 130 -50.25 26.14 -5.26
CA TYR A 130 -50.29 26.58 -6.64
C TYR A 130 -50.81 25.48 -7.57
N MET A 131 -49.88 24.77 -8.19
CA MET A 131 -50.17 23.71 -9.15
C MET A 131 -50.30 22.32 -8.48
N LYS A 132 -50.30 21.26 -9.29
CA LYS A 132 -50.37 19.88 -8.79
C LYS A 132 -48.97 19.40 -8.38
N PRO A 133 -48.83 18.09 -8.06
CA PRO A 133 -47.51 17.46 -7.99
C PRO A 133 -47.16 16.75 -9.30
N GLY A 134 -46.33 17.35 -10.14
CA GLY A 134 -45.76 18.67 -9.91
C GLY A 134 -45.42 19.36 -11.23
N LYS A 135 -44.24 19.98 -11.30
CA LYS A 135 -43.73 20.55 -12.55
C LYS A 135 -42.20 20.47 -12.64
N GLU A 136 -41.66 20.51 -13.85
CA GLU A 136 -40.22 20.33 -14.07
C GLU A 136 -39.47 21.65 -14.23
N LEU A 137 -38.31 21.76 -13.58
CA LEU A 137 -37.46 22.95 -13.68
C LEU A 137 -36.39 22.85 -14.77
N LYS A 138 -36.02 24.01 -15.33
CA LYS A 138 -34.90 24.11 -16.24
C LYS A 138 -33.66 24.44 -15.42
N VAL A 139 -32.64 23.60 -15.53
CA VAL A 139 -31.46 23.75 -14.70
C VAL A 139 -30.36 24.51 -15.45
N LEU A 140 -29.81 25.52 -14.79
CA LEU A 140 -28.76 26.34 -15.39
C LEU A 140 -27.52 26.46 -14.50
N SER A 141 -26.41 25.92 -14.97
CA SER A 141 -25.15 25.92 -14.23
C SER A 141 -24.27 27.13 -14.57
N TYR A 142 -23.59 27.67 -13.57
CA TYR A 142 -22.59 28.73 -13.78
C TYR A 142 -21.43 28.53 -12.80
N PRO A 143 -20.47 27.67 -13.19
CA PRO A 143 -19.34 27.23 -12.36
C PRO A 143 -18.51 28.37 -11.76
N ALA A 144 -18.19 29.38 -12.55
CA ALA A 144 -17.35 30.48 -12.09
C ALA A 144 -17.88 31.14 -10.82
N HIS A 145 -19.13 30.81 -10.45
CA HIS A 145 -19.73 31.32 -9.21
C HIS A 145 -20.28 30.18 -8.36
N GLU A 146 -20.05 28.96 -8.81
CA GLU A 146 -20.46 27.77 -8.07
C GLU A 146 -21.94 27.84 -7.75
N GLN A 147 -22.69 28.43 -8.67
CA GLN A 147 -24.13 28.56 -8.51
C GLN A 147 -24.85 27.78 -9.60
N ILE A 148 -26.13 27.51 -9.36
CA ILE A 148 -27.02 27.04 -10.42
C ILE A 148 -28.35 27.78 -10.32
N ALA A 149 -28.94 28.02 -11.49
CA ALA A 149 -30.24 28.65 -11.59
C ALA A 149 -31.29 27.62 -11.94
N LEU A 150 -32.36 27.59 -11.15
CA LEU A 150 -33.52 26.77 -11.43
C LEU A 150 -34.64 27.67 -11.96
N LEU A 151 -35.07 27.41 -13.19
CA LEU A 151 -36.01 28.27 -13.89
C LEU A 151 -37.45 27.75 -13.85
N VAL A 152 -38.31 28.54 -13.21
CA VAL A 152 -39.72 28.22 -13.08
C VAL A 152 -40.53 28.76 -14.27
N PRO A 153 -41.49 27.94 -14.78
CA PRO A 153 -42.39 28.39 -15.84
C PRO A 153 -43.42 29.42 -15.36
N GLU A 154 -43.94 29.21 -14.15
CA GLU A 154 -44.93 30.14 -13.60
C GLU A 154 -44.43 30.90 -12.38
N LYS A 155 -44.17 32.18 -12.58
CA LYS A 155 -43.75 33.09 -11.52
C LYS A 155 -44.34 32.70 -10.17
N LEU A 156 -43.51 32.76 -9.12
CA LEU A 156 -43.91 32.28 -7.80
C LEU A 156 -44.60 33.35 -6.95
N THR A 157 -45.34 32.90 -5.94
CA THR A 157 -46.16 33.81 -5.13
C THR A 157 -45.56 34.08 -3.77
N PRO A 158 -45.31 35.36 -3.47
CA PRO A 158 -44.81 35.78 -2.16
C PRO A 158 -45.59 35.14 -1.02
N HIS A 159 -44.89 34.65 0.00
CA HIS A 159 -45.48 34.11 1.22
C HIS A 159 -46.03 32.69 1.06
N LEU A 160 -45.58 31.99 0.02
CA LEU A 160 -45.99 30.61 -0.19
C LEU A 160 -44.82 29.63 -0.27
N LYS A 161 -45.01 28.46 0.36
CA LYS A 161 -43.98 27.43 0.41
C LYS A 161 -43.94 26.55 -0.83
N TYR A 162 -42.75 26.07 -1.18
CA TYR A 162 -42.58 25.22 -2.37
C TYR A 162 -41.60 24.08 -2.08
N TYR A 163 -41.43 23.17 -3.03
CA TYR A 163 -40.52 22.05 -2.83
C TYR A 163 -39.63 21.79 -4.04
N VAL A 164 -38.46 22.39 -4.04
CA VAL A 164 -37.45 22.09 -5.05
C VAL A 164 -36.88 20.70 -4.79
N ALA A 165 -36.71 19.92 -5.85
CA ALA A 165 -36.27 18.56 -5.71
C ALA A 165 -35.51 18.13 -6.94
N MET A 166 -34.37 17.47 -6.73
CA MET A 166 -33.54 17.03 -7.83
C MET A 166 -32.72 15.78 -7.49
N ASP A 167 -32.29 15.09 -8.53
CA ASP A 167 -31.42 13.94 -8.39
C ASP A 167 -30.05 14.30 -8.90
N PHE A 168 -29.02 13.98 -8.13
CA PHE A 168 -27.66 14.32 -8.50
C PHE A 168 -26.71 13.16 -8.21
N GLN A 169 -25.50 13.25 -8.74
CA GLN A 169 -24.54 12.17 -8.62
C GLN A 169 -23.12 12.65 -8.95
N ALA A 170 -22.14 11.91 -8.43
CA ALA A 170 -20.74 12.23 -8.63
C ALA A 170 -19.90 11.13 -8.05
N LYS A 171 -18.59 11.22 -8.25
CA LYS A 171 -17.67 10.28 -7.63
C LYS A 171 -17.29 10.80 -6.25
N LEU A 172 -16.95 9.91 -5.33
CA LEU A 172 -16.51 10.35 -4.02
C LEU A 172 -15.29 11.23 -4.20
N GLY A 173 -15.26 12.36 -3.50
CA GLY A 173 -14.14 13.27 -3.53
C GLY A 173 -12.78 12.60 -3.51
N ASP A 174 -11.80 13.26 -4.15
CA ASP A 174 -10.48 12.69 -4.35
C ASP A 174 -9.46 13.30 -3.39
N GLY A 175 -9.92 14.16 -2.49
CA GLY A 175 -9.01 14.75 -1.54
C GLY A 175 -9.60 15.67 -0.49
N PHE A 176 -10.05 15.09 0.61
CA PHE A 176 -10.25 15.87 1.84
C PHE A 176 -11.41 16.89 1.84
N GLU A 177 -12.20 16.96 0.78
CA GLU A 177 -13.29 17.94 0.76
C GLU A 177 -14.61 17.46 0.19
N GLY A 178 -15.71 18.04 0.69
CA GLY A 178 -17.04 17.62 0.32
C GLY A 178 -17.29 16.21 0.80
N PHE A 179 -17.95 15.41 -0.03
CA PHE A 179 -18.14 14.00 0.28
C PHE A 179 -17.04 13.17 -0.36
N TYR A 180 -15.98 12.90 0.40
CA TYR A 180 -14.80 12.24 -0.15
C TYR A 180 -14.53 10.83 0.36
N LYS A 181 -13.45 10.24 -0.15
CA LYS A 181 -13.07 8.87 0.17
C LYS A 181 -11.77 8.83 0.96
N SER A 182 -11.77 8.05 2.04
CA SER A 182 -10.59 7.88 2.88
C SER A 182 -10.33 6.39 3.09
N THR A 183 -9.08 6.06 3.38
CA THR A 183 -8.71 4.67 3.63
C THR A 183 -7.91 4.57 4.92
N TYR A 184 -7.75 3.35 5.41
CA TYR A 184 -6.94 3.12 6.58
C TYR A 184 -6.41 1.70 6.61
N ARG A 185 -5.35 1.48 7.38
CA ARG A 185 -4.77 0.16 7.51
C ARG A 185 -5.21 -0.52 8.81
N THR A 186 -5.49 -1.81 8.73
CA THR A 186 -5.88 -2.59 9.89
C THR A 186 -4.65 -3.25 10.50
N LEU A 187 -4.81 -3.88 11.66
CA LEU A 187 -3.70 -4.52 12.34
C LEU A 187 -3.14 -5.67 11.50
N GLY A 188 -3.99 -6.24 10.66
CA GLY A 188 -3.58 -7.35 9.81
C GLY A 188 -2.91 -6.87 8.55
N GLY A 189 -3.07 -5.58 8.25
CA GLY A 189 -2.50 -4.98 7.07
C GLY A 189 -3.51 -4.77 5.96
N GLU A 190 -4.78 -5.03 6.25
CA GLU A 190 -5.84 -4.82 5.26
C GLU A 190 -6.10 -3.34 5.08
N THR A 191 -6.16 -2.89 3.84
CA THR A 191 -6.53 -1.52 3.52
C THR A 191 -8.06 -1.45 3.45
N ARG A 192 -8.65 -0.47 4.12
CA ARG A 192 -10.10 -0.30 4.09
C ARG A 192 -10.56 1.12 3.79
N ILE A 193 -11.81 1.25 3.37
CA ILE A 193 -12.33 2.51 2.88
C ILE A 193 -13.54 2.98 3.66
N LEU A 194 -13.66 4.30 3.77
CA LEU A 194 -14.87 4.92 4.30
C LEU A 194 -15.20 6.15 3.46
N ALA A 195 -16.46 6.57 3.48
CA ALA A 195 -16.85 7.83 2.85
C ALA A 195 -17.18 8.82 3.95
N VAL A 196 -16.54 9.98 3.90
CA VAL A 196 -16.77 11.00 4.92
C VAL A 196 -16.94 12.40 4.31
N THR A 197 -17.73 13.23 5.00
CA THR A 197 -18.01 14.59 4.56
C THR A 197 -17.21 15.63 5.36
N ASP A 198 -16.66 16.62 4.67
CA ASP A 198 -16.11 17.80 5.32
C ASP A 198 -16.48 19.03 4.49
N PHE A 199 -17.27 19.93 5.07
CA PHE A 199 -17.93 20.99 4.28
C PHE A 199 -17.50 22.44 4.50
N GLU A 200 -16.99 22.79 5.67
CA GLU A 200 -16.62 24.19 5.92
C GLU A 200 -15.47 24.66 5.03
N PRO A 201 -15.60 25.86 4.44
CA PRO A 201 -16.81 26.69 4.57
C PRO A 201 -17.78 26.48 3.41
N THR A 202 -17.27 26.13 2.23
CA THR A 202 -18.07 26.13 1.01
C THR A 202 -17.92 24.85 0.20
N GLN A 203 -18.00 23.70 0.86
CA GLN A 203 -17.88 22.44 0.16
C GLN A 203 -19.15 21.58 0.22
N ALA A 204 -20.11 21.98 1.04
CA ALA A 204 -21.40 21.29 1.09
C ALA A 204 -21.99 21.20 -0.32
N ARG A 205 -21.83 22.29 -1.07
CA ARG A 205 -22.30 22.40 -2.45
C ARG A 205 -21.69 21.35 -3.37
N MET A 206 -20.65 20.66 -2.92
CA MET A 206 -20.03 19.59 -3.71
C MET A 206 -20.67 18.25 -3.40
N ALA A 207 -21.49 18.22 -2.35
CA ALA A 207 -22.15 17.00 -1.93
C ALA A 207 -23.62 17.01 -2.31
N PHE A 208 -24.32 18.08 -1.96
CA PHE A 208 -25.70 18.25 -2.39
C PHE A 208 -25.96 19.70 -2.78
N PRO A 209 -26.77 19.91 -3.83
CA PRO A 209 -27.11 21.28 -4.23
C PRO A 209 -27.84 21.94 -3.08
N CYS A 210 -27.51 23.19 -2.77
CA CYS A 210 -28.14 23.84 -1.62
C CYS A 210 -27.78 25.31 -1.46
N PHE A 211 -28.61 26.01 -0.68
CA PHE A 211 -28.36 27.40 -0.31
C PHE A 211 -27.22 27.42 0.68
N ASP A 212 -26.00 27.55 0.16
CA ASP A 212 -24.80 27.29 0.93
C ASP A 212 -24.20 28.52 1.58
N GLU A 213 -24.93 29.12 2.51
CA GLU A 213 -24.42 30.24 3.30
C GLU A 213 -24.92 30.11 4.74
N PRO A 214 -24.09 30.53 5.72
CA PRO A 214 -24.34 30.31 7.15
C PRO A 214 -25.67 30.85 7.65
N LEU A 215 -26.24 31.82 6.93
CA LEU A 215 -27.55 32.37 7.26
C LEU A 215 -28.69 31.39 6.93
N PHE A 216 -28.57 30.73 5.78
CA PHE A 216 -29.59 29.83 5.29
C PHE A 216 -29.72 28.57 6.13
N LYS A 217 -30.10 28.74 7.39
CA LYS A 217 -30.30 27.62 8.30
C LYS A 217 -31.61 26.91 7.99
N ALA A 218 -31.61 25.60 8.19
CA ALA A 218 -32.77 24.78 7.90
C ALA A 218 -32.69 23.52 8.74
N ASN A 219 -33.78 22.76 8.77
CA ASN A 219 -33.75 21.42 9.34
C ASN A 219 -33.29 20.48 8.25
N PHE A 220 -32.66 19.38 8.65
CA PHE A 220 -32.20 18.38 7.71
C PHE A 220 -32.63 16.99 8.14
N SER A 221 -33.30 16.27 7.24
CA SER A 221 -33.62 14.88 7.49
C SER A 221 -32.79 14.04 6.55
N ILE A 222 -31.90 13.21 7.10
CA ILE A 222 -30.93 12.50 6.28
C ILE A 222 -31.20 10.99 6.27
N LYS A 223 -31.21 10.40 5.07
CA LYS A 223 -31.26 8.95 4.93
C LYS A 223 -30.06 8.43 4.14
N ILE A 224 -29.51 7.30 4.57
CA ILE A 224 -28.33 6.72 3.93
C ILE A 224 -28.53 5.25 3.62
N ARG A 225 -28.26 4.86 2.38
CA ARG A 225 -28.31 3.47 1.98
C ARG A 225 -26.90 2.89 2.07
N ARG A 226 -26.78 1.66 2.56
CA ARG A 226 -25.48 1.08 2.85
C ARG A 226 -25.49 -0.45 2.81
N GLU A 227 -24.30 -1.05 2.81
CA GLU A 227 -24.17 -2.50 2.87
C GLU A 227 -24.22 -2.97 4.32
N SER A 228 -24.16 -4.29 4.52
CA SER A 228 -24.20 -4.87 5.86
C SER A 228 -22.89 -4.65 6.59
N ARG A 229 -21.79 -4.53 5.85
CA ARG A 229 -20.46 -4.42 6.43
C ARG A 229 -20.24 -3.07 7.13
N HIS A 230 -20.98 -2.05 6.70
CA HIS A 230 -20.79 -0.69 7.19
C HIS A 230 -21.87 -0.21 8.17
N ILE A 231 -21.55 0.85 8.88
CA ILE A 231 -22.53 1.63 9.61
C ILE A 231 -22.65 2.98 8.90
N ALA A 232 -23.73 3.70 9.16
CA ALA A 232 -23.86 5.05 8.63
C ALA A 232 -24.07 6.00 9.79
N LEU A 233 -23.33 7.11 9.79
CA LEU A 233 -23.43 8.10 10.85
C LEU A 233 -23.82 9.43 10.27
N SER A 234 -24.40 10.29 11.11
CA SER A 234 -24.82 11.61 10.70
C SER A 234 -25.03 12.50 11.92
N ASN A 235 -25.37 13.75 11.70
CA ASN A 235 -25.52 14.72 12.79
C ASN A 235 -26.41 14.22 13.91
N MET A 236 -27.50 13.56 13.52
CA MET A 236 -28.56 13.17 14.46
C MET A 236 -28.65 11.67 14.69
N PRO A 237 -29.24 11.26 15.83
CA PRO A 237 -29.40 9.83 16.16
C PRO A 237 -30.15 9.09 15.06
N LYS A 238 -29.96 7.77 14.99
CA LYS A 238 -30.64 6.96 14.01
C LYS A 238 -32.00 6.50 14.53
N VAL A 239 -33.04 6.86 13.79
CA VAL A 239 -34.40 6.49 14.17
C VAL A 239 -34.68 5.05 13.81
N LYS A 240 -34.35 4.66 12.59
CA LYS A 240 -34.64 3.31 12.14
C LYS A 240 -33.71 2.85 11.02
N THR A 241 -33.61 1.52 10.87
CA THR A 241 -32.89 0.93 9.75
C THR A 241 -33.85 -0.06 9.09
N ILE A 242 -33.95 0.00 7.77
CA ILE A 242 -34.89 -0.87 7.06
C ILE A 242 -34.25 -1.77 6.00
N GLU A 243 -34.55 -3.06 6.07
CA GLU A 243 -34.05 -4.06 5.13
C GLU A 243 -34.67 -3.86 3.75
N LEU A 244 -33.81 -3.73 2.74
CA LEU A 244 -34.27 -3.55 1.37
C LEU A 244 -34.14 -4.86 0.60
N GLU A 245 -34.76 -4.90 -0.58
CA GLU A 245 -34.82 -6.10 -1.41
C GLU A 245 -33.49 -6.86 -1.50
N GLY A 246 -32.53 -6.30 -2.24
CA GLY A 246 -31.30 -6.98 -2.54
C GLY A 246 -30.31 -7.12 -1.38
N GLY A 247 -30.85 -7.13 -0.16
CA GLY A 247 -30.03 -7.31 1.03
C GLY A 247 -29.46 -6.01 1.58
N LEU A 248 -29.80 -4.89 0.93
CA LEU A 248 -29.32 -3.59 1.38
C LEU A 248 -30.11 -3.05 2.58
N LEU A 249 -29.54 -2.07 3.26
CA LEU A 249 -30.17 -1.47 4.42
C LEU A 249 -30.21 0.03 4.23
N GLU A 250 -31.05 0.70 5.01
CA GLU A 250 -31.24 2.13 4.84
C GLU A 250 -31.48 2.85 6.15
N ASP A 251 -30.43 3.50 6.65
CA ASP A 251 -30.52 4.24 7.91
C ASP A 251 -31.35 5.52 7.79
N HIS A 252 -32.27 5.70 8.73
CA HIS A 252 -33.09 6.90 8.82
C HIS A 252 -32.72 7.68 10.06
N PHE A 253 -32.22 8.90 9.88
CA PHE A 253 -31.76 9.71 10.99
C PHE A 253 -32.75 10.79 11.37
N GLU A 254 -32.92 10.98 12.67
CA GLU A 254 -33.82 12.01 13.20
C GLU A 254 -33.55 13.36 12.57
N THR A 255 -34.62 14.07 12.20
CA THR A 255 -34.50 15.41 11.63
C THR A 255 -33.63 16.31 12.51
N THR A 256 -32.76 17.10 11.90
CA THR A 256 -31.90 18.02 12.65
C THR A 256 -32.69 19.25 13.12
N VAL A 257 -32.15 19.92 14.13
CA VAL A 257 -32.63 21.25 14.50
C VAL A 257 -32.14 22.20 13.42
N LYS A 258 -32.56 23.46 13.48
CA LYS A 258 -32.08 24.43 12.51
C LYS A 258 -30.56 24.53 12.58
N MET A 259 -29.91 24.56 11.42
CA MET A 259 -28.46 24.62 11.39
C MET A 259 -27.94 24.99 10.00
N SER A 260 -26.77 25.65 9.97
CA SER A 260 -26.14 26.02 8.70
C SER A 260 -25.66 24.81 7.93
N THR A 261 -25.56 24.98 6.61
CA THR A 261 -25.21 23.86 5.73
C THR A 261 -23.81 23.29 5.96
N TYR A 262 -22.87 24.13 6.37
CA TYR A 262 -21.49 23.69 6.50
C TYR A 262 -21.29 22.66 7.62
N LEU A 263 -22.34 22.46 8.41
CA LEU A 263 -22.27 21.54 9.56
C LEU A 263 -22.94 20.19 9.28
N VAL A 264 -23.53 20.04 8.11
CA VAL A 264 -24.17 18.78 7.76
C VAL A 264 -23.12 17.71 7.52
N ALA A 265 -23.27 16.56 8.15
CA ALA A 265 -22.28 15.50 8.04
C ALA A 265 -22.87 14.09 7.94
N TYR A 266 -22.21 13.22 7.19
CA TYR A 266 -22.56 11.81 7.15
C TYR A 266 -21.37 10.93 6.77
N ILE A 267 -21.35 9.73 7.34
CA ILE A 267 -20.20 8.84 7.21
C ILE A 267 -20.68 7.40 7.10
N VAL A 268 -20.12 6.64 6.16
CA VAL A 268 -20.36 5.20 6.14
C VAL A 268 -19.01 4.52 6.29
N CYS A 269 -18.90 3.73 7.34
CA CYS A 269 -17.64 3.11 7.72
C CYS A 269 -17.92 1.84 8.52
N ASP A 270 -16.88 1.08 8.83
CA ASP A 270 -17.05 -0.09 9.68
C ASP A 270 -16.32 0.10 11.01
N PHE A 271 -16.44 1.31 11.56
CA PHE A 271 -15.67 1.69 12.75
C PHE A 271 -16.25 1.09 14.03
N HIS A 272 -15.49 1.19 15.11
CA HIS A 272 -15.90 0.72 16.42
C HIS A 272 -15.97 1.88 17.41
N SER A 273 -16.82 1.75 18.42
CA SER A 273 -17.03 2.86 19.37
C SER A 273 -17.04 2.47 20.85
N LEU A 274 -16.81 3.47 21.70
CA LEU A 274 -17.02 3.38 23.14
C LEU A 274 -18.00 4.47 23.52
N SER A 275 -19.01 4.11 24.31
CA SER A 275 -20.08 5.05 24.65
C SER A 275 -20.23 5.27 26.16
N GLY A 276 -20.82 6.42 26.51
CA GLY A 276 -21.05 6.80 27.88
C GLY A 276 -22.05 7.92 27.94
N PHE A 277 -22.57 8.21 29.12
CA PHE A 277 -23.58 9.25 29.25
C PHE A 277 -23.13 10.37 30.18
N THR A 278 -23.34 11.60 29.72
CA THR A 278 -23.11 12.77 30.56
C THR A 278 -24.23 12.90 31.58
N SER A 279 -24.07 13.79 32.54
CA SER A 279 -25.11 14.00 33.54
C SER A 279 -26.46 14.33 32.91
N SER A 280 -26.48 15.23 31.93
CA SER A 280 -27.76 15.60 31.30
C SER A 280 -28.28 14.53 30.34
N GLY A 281 -27.67 13.35 30.37
CA GLY A 281 -28.17 12.19 29.64
C GLY A 281 -27.86 12.15 28.16
N VAL A 282 -26.74 12.74 27.75
CA VAL A 282 -26.31 12.64 26.35
C VAL A 282 -25.39 11.45 26.15
N LYS A 283 -25.66 10.68 25.09
CA LYS A 283 -24.80 9.56 24.76
C LYS A 283 -23.61 10.03 23.94
N VAL A 284 -22.44 10.04 24.56
CA VAL A 284 -21.21 10.38 23.86
C VAL A 284 -20.52 9.12 23.38
N SER A 285 -20.12 9.10 22.12
CA SER A 285 -19.44 7.93 21.58
C SER A 285 -18.16 8.33 20.86
N ILE A 286 -17.12 7.51 21.05
CA ILE A 286 -15.87 7.74 20.34
C ILE A 286 -15.70 6.63 19.30
N TYR A 287 -15.80 7.00 18.03
CA TYR A 287 -15.67 6.06 16.93
C TYR A 287 -14.23 6.10 16.42
N ALA A 288 -13.76 4.95 15.94
CA ALA A 288 -12.40 4.83 15.42
C ALA A 288 -12.21 3.46 14.77
N SER A 289 -11.17 3.34 13.94
CA SER A 289 -10.84 2.06 13.32
C SER A 289 -10.99 0.96 14.35
N PRO A 290 -11.56 -0.18 13.95
CA PRO A 290 -11.82 -1.28 14.89
C PRO A 290 -10.60 -1.61 15.75
N ASP A 291 -9.43 -1.75 15.13
CA ASP A 291 -8.22 -2.14 15.86
C ASP A 291 -7.68 -1.02 16.76
N LYS A 292 -8.36 0.13 16.80
CA LYS A 292 -7.87 1.28 17.56
C LYS A 292 -8.80 1.72 18.71
N ARG A 293 -9.80 0.92 19.02
CA ARG A 293 -10.78 1.31 20.03
C ARG A 293 -10.16 1.52 21.40
N ASN A 294 -9.01 0.90 21.63
CA ASN A 294 -8.35 1.03 22.92
C ASN A 294 -7.86 2.45 23.19
N GLN A 295 -7.67 3.21 22.11
CA GLN A 295 -7.11 4.55 22.23
C GLN A 295 -8.20 5.60 22.45
N THR A 296 -9.45 5.16 22.40
CA THR A 296 -10.58 6.06 22.53
C THR A 296 -11.00 6.28 23.96
N HIS A 297 -10.24 5.74 24.92
CA HIS A 297 -10.64 5.80 26.32
C HIS A 297 -10.58 7.19 26.93
N TYR A 298 -9.48 7.89 26.69
CA TYR A 298 -9.30 9.23 27.25
C TYR A 298 -10.30 10.22 26.65
N ALA A 299 -10.47 10.13 25.34
CA ALA A 299 -11.37 11.02 24.61
C ALA A 299 -12.75 10.98 25.25
N LEU A 300 -13.23 9.78 25.50
CA LEU A 300 -14.54 9.59 26.12
C LEU A 300 -14.56 10.21 27.52
N GLN A 301 -13.53 9.92 28.30
CA GLN A 301 -13.40 10.49 29.63
C GLN A 301 -13.48 12.02 29.59
N ALA A 302 -12.66 12.62 28.73
CA ALA A 302 -12.62 14.07 28.60
C ALA A 302 -13.90 14.66 27.98
N SER A 303 -14.45 13.97 26.98
CA SER A 303 -15.67 14.40 26.31
C SER A 303 -16.77 14.73 27.30
N LEU A 304 -17.02 13.79 28.20
CA LEU A 304 -18.10 13.90 29.17
C LEU A 304 -17.87 15.05 30.13
N LYS A 305 -16.68 15.07 30.74
CA LYS A 305 -16.30 16.12 31.67
C LYS A 305 -16.50 17.51 31.05
N LEU A 306 -16.21 17.62 29.75
CA LEU A 306 -16.25 18.91 29.07
C LEU A 306 -17.66 19.32 28.70
N LEU A 307 -18.37 18.45 28.01
CA LEU A 307 -19.76 18.71 27.69
C LEU A 307 -20.49 19.15 28.95
N ASP A 308 -20.33 18.38 30.03
CA ASP A 308 -20.88 18.76 31.33
C ASP A 308 -20.52 20.21 31.64
N PHE A 309 -19.23 20.48 31.73
CA PHE A 309 -18.77 21.83 32.04
C PHE A 309 -19.51 22.86 31.22
N TYR A 310 -19.48 22.68 29.90
CA TYR A 310 -20.09 23.63 28.99
C TYR A 310 -21.57 23.86 29.26
N GLU A 311 -22.28 22.81 29.61
CA GLU A 311 -23.69 22.95 29.88
C GLU A 311 -23.88 23.86 31.10
N LYS A 312 -23.12 23.59 32.15
CA LYS A 312 -23.22 24.37 33.38
C LYS A 312 -22.78 25.80 33.13
N TYR A 313 -21.66 25.94 32.42
CA TYR A 313 -21.07 27.25 32.19
C TYR A 313 -21.97 28.13 31.34
N PHE A 314 -22.41 27.59 30.20
CA PHE A 314 -23.30 28.34 29.30
C PHE A 314 -24.76 28.28 29.76
N ASP A 315 -25.04 27.46 30.77
CA ASP A 315 -26.40 27.30 31.28
C ASP A 315 -27.36 26.91 30.16
N ILE A 316 -26.83 26.23 29.15
CA ILE A 316 -27.63 25.77 28.02
C ILE A 316 -27.29 24.32 27.72
N TYR A 317 -28.29 23.45 27.79
CA TYR A 317 -28.08 22.04 27.48
C TYR A 317 -27.68 21.86 26.03
N TYR A 318 -26.80 20.89 25.79
CA TYR A 318 -26.60 20.40 24.43
C TYR A 318 -27.96 19.92 23.96
N PRO A 319 -28.41 20.41 22.79
CA PRO A 319 -29.76 20.15 22.30
C PRO A 319 -30.00 18.69 21.97
N LEU A 320 -29.05 18.06 21.28
CA LEU A 320 -29.26 16.73 20.74
C LEU A 320 -29.11 15.64 21.79
N SER A 321 -29.53 14.43 21.45
CA SER A 321 -29.52 13.32 22.39
C SER A 321 -28.20 12.55 22.38
N LYS A 322 -27.39 12.76 21.34
CA LYS A 322 -26.09 12.10 21.25
C LYS A 322 -25.03 13.00 20.65
N LEU A 323 -23.79 12.82 21.09
CA LEU A 323 -22.65 13.47 20.48
C LEU A 323 -21.56 12.47 20.15
N ASP A 324 -21.26 12.32 18.87
CA ASP A 324 -20.21 11.41 18.44
C ASP A 324 -18.90 12.13 18.13
N LEU A 325 -17.79 11.49 18.48
CA LEU A 325 -16.47 11.98 18.11
C LEU A 325 -15.80 10.86 17.35
N ILE A 326 -15.41 11.13 16.10
CA ILE A 326 -14.87 10.08 15.26
C ILE A 326 -13.50 10.45 14.73
N ALA A 327 -12.60 9.48 14.74
CA ALA A 327 -11.22 9.69 14.32
C ALA A 327 -11.08 9.32 12.85
N ILE A 328 -10.86 10.32 12.00
CA ILE A 328 -10.76 10.08 10.57
C ILE A 328 -9.30 9.93 10.16
N PRO A 329 -8.99 8.81 9.49
CA PRO A 329 -7.65 8.48 8.99
C PRO A 329 -7.09 9.55 8.06
N ASP A 330 -7.82 9.86 6.99
CA ASP A 330 -7.42 10.94 6.08
C ASP A 330 -8.23 12.19 6.35
N PHE A 331 -7.71 13.06 7.18
CA PHE A 331 -8.45 14.26 7.53
C PHE A 331 -7.61 15.53 7.45
N ALA A 332 -7.94 16.39 6.49
CA ALA A 332 -7.19 17.62 6.26
C ALA A 332 -7.20 18.57 7.48
N PRO A 333 -8.39 19.01 7.92
CA PRO A 333 -8.43 19.94 9.05
C PRO A 333 -7.91 19.26 10.32
N GLY A 334 -7.71 20.03 11.39
CA GLY A 334 -7.35 19.44 12.67
C GLY A 334 -8.53 18.66 13.21
N ALA A 335 -9.72 19.24 13.06
CA ALA A 335 -10.98 18.59 13.37
C ALA A 335 -12.15 19.45 12.86
N MET A 336 -13.36 18.92 12.84
CA MET A 336 -14.53 19.70 12.42
C MET A 336 -15.73 19.51 13.34
N GLU A 337 -16.37 20.61 13.69
CA GLU A 337 -17.36 20.62 14.75
C GLU A 337 -18.77 20.26 14.31
N ASN A 338 -18.89 19.52 13.21
CA ASN A 338 -20.20 19.07 12.72
C ASN A 338 -21.16 18.73 13.86
N TRP A 339 -22.32 19.38 13.88
CA TRP A 339 -23.23 19.28 15.00
C TRP A 339 -23.65 17.83 15.22
N GLY A 340 -23.23 17.26 16.34
CA GLY A 340 -23.55 15.88 16.69
C GLY A 340 -22.59 14.82 16.14
N LEU A 341 -21.82 15.20 15.12
CA LEU A 341 -20.88 14.27 14.51
C LEU A 341 -19.55 14.96 14.24
N ILE A 342 -18.77 15.18 15.30
CA ILE A 342 -17.50 15.89 15.21
C ILE A 342 -16.39 14.97 14.74
N THR A 343 -15.67 15.41 13.71
CA THR A 343 -14.61 14.60 13.13
C THR A 343 -13.23 15.10 13.57
N TYR A 344 -12.29 14.16 13.72
CA TYR A 344 -10.95 14.48 14.20
C TYR A 344 -9.87 13.77 13.41
N ARG A 345 -8.70 14.40 13.33
CA ARG A 345 -7.50 13.68 12.94
C ARG A 345 -7.22 12.74 14.09
N GLU A 346 -6.61 11.59 13.80
CA GLU A 346 -6.33 10.62 14.84
C GLU A 346 -5.46 11.20 15.96
N THR A 347 -4.61 12.15 15.58
CA THR A 347 -3.71 12.78 16.55
C THR A 347 -4.43 13.83 17.38
N SER A 348 -5.65 14.19 16.99
CA SER A 348 -6.42 15.17 17.75
C SER A 348 -7.28 14.49 18.78
N LEU A 349 -7.51 13.19 18.59
CA LEU A 349 -8.51 12.47 19.38
C LEU A 349 -7.98 11.24 20.10
N LEU A 350 -7.24 10.40 19.40
CA LEU A 350 -6.77 9.14 19.97
C LEU A 350 -5.56 9.31 20.88
N PHE A 351 -5.60 8.63 22.03
CA PHE A 351 -4.50 8.66 22.96
C PHE A 351 -4.07 7.25 23.33
N ASP A 352 -2.77 7.02 23.32
CA ASP A 352 -2.18 5.72 23.66
C ASP A 352 -1.09 5.89 24.72
N PRO A 353 -1.33 5.37 25.93
CA PRO A 353 -0.46 5.64 27.08
C PRO A 353 0.96 5.15 26.87
N LYS A 354 1.12 4.12 26.06
CA LYS A 354 2.44 3.56 25.82
C LYS A 354 3.25 4.44 24.87
N THR A 355 2.57 5.36 24.19
CA THR A 355 3.22 6.07 23.08
C THR A 355 2.88 7.55 22.96
N SER A 356 1.89 8.01 23.69
CA SER A 356 1.49 9.41 23.60
C SER A 356 1.99 10.20 24.81
N SER A 357 2.72 11.28 24.55
CA SER A 357 3.41 12.02 25.59
C SER A 357 2.47 12.88 26.43
N ALA A 358 3.04 13.69 27.30
CA ALA A 358 2.25 14.56 28.17
C ALA A 358 1.60 15.67 27.34
N SER A 359 2.39 16.25 26.45
CA SER A 359 1.91 17.36 25.63
C SER A 359 0.88 16.85 24.64
N ASP A 360 1.05 15.61 24.22
CA ASP A 360 0.05 14.92 23.40
C ASP A 360 -1.31 14.94 24.10
N LYS A 361 -1.35 14.41 25.33
CA LYS A 361 -2.55 14.42 26.16
C LYS A 361 -3.15 15.80 26.20
N LEU A 362 -2.29 16.80 26.36
CA LEU A 362 -2.77 18.16 26.47
C LEU A 362 -3.33 18.61 25.13
N TRP A 363 -2.65 18.26 24.05
CA TRP A 363 -3.16 18.53 22.71
C TRP A 363 -4.59 18.03 22.56
N VAL A 364 -4.78 16.71 22.62
CA VAL A 364 -6.09 16.15 22.27
C VAL A 364 -7.16 16.64 23.23
N THR A 365 -6.77 16.96 24.46
CA THR A 365 -7.71 17.54 25.41
C THR A 365 -8.11 18.91 24.87
N ARG A 366 -7.11 19.69 24.51
CA ARG A 366 -7.36 21.02 24.00
CA ARG A 366 -7.35 21.03 23.97
C ARG A 366 -8.32 20.96 22.81
N VAL A 367 -7.95 20.22 21.77
CA VAL A 367 -8.78 20.18 20.56
C VAL A 367 -10.18 19.64 20.82
N ILE A 368 -10.32 18.72 21.77
CA ILE A 368 -11.62 18.23 22.19
C ILE A 368 -12.42 19.37 22.84
N ALA A 369 -11.75 20.13 23.69
CA ALA A 369 -12.36 21.29 24.32
C ALA A 369 -12.84 22.25 23.25
N HIS A 370 -11.96 22.55 22.30
CA HIS A 370 -12.26 23.46 21.20
C HIS A 370 -13.54 23.06 20.46
N GLU A 371 -13.64 21.79 20.07
CA GLU A 371 -14.77 21.34 19.25
C GLU A 371 -16.09 21.35 20.00
N LEU A 372 -16.06 21.01 21.29
CA LEU A 372 -17.28 21.04 22.08
C LEU A 372 -17.76 22.47 22.30
N ALA A 373 -16.81 23.40 22.43
CA ALA A 373 -17.14 24.81 22.59
C ALA A 373 -17.87 25.32 21.36
N HIS A 374 -17.66 24.64 20.24
CA HIS A 374 -18.25 25.02 18.95
C HIS A 374 -19.73 24.72 18.88
N GLN A 375 -20.14 23.61 19.48
CA GLN A 375 -21.54 23.21 19.50
C GLN A 375 -22.42 24.38 19.94
N TRP A 376 -21.91 25.16 20.88
CA TRP A 376 -22.54 26.42 21.26
C TRP A 376 -22.04 27.53 20.36
N PHE A 377 -20.78 27.92 20.54
CA PHE A 377 -20.16 28.94 19.69
C PHE A 377 -19.89 28.41 18.29
N GLY A 378 -20.81 28.68 17.38
CA GLY A 378 -20.64 28.30 15.99
C GLY A 378 -21.85 27.57 15.46
N ASN A 379 -22.24 26.52 16.18
CA ASN A 379 -23.36 25.68 15.77
C ASN A 379 -24.71 26.29 16.17
N LEU A 380 -24.92 26.40 17.48
CA LEU A 380 -26.13 27.03 18.01
C LEU A 380 -26.23 28.49 17.56
N VAL A 381 -25.22 29.27 17.91
CA VAL A 381 -25.10 30.64 17.42
C VAL A 381 -24.04 30.71 16.31
N THR A 382 -24.47 30.95 15.09
CA THR A 382 -23.55 31.02 13.96
C THR A 382 -23.40 32.45 13.48
N MET A 383 -22.22 32.79 12.97
CA MET A 383 -22.01 34.12 12.40
C MET A 383 -22.89 34.28 11.17
N GLU A 384 -23.21 35.52 10.82
CA GLU A 384 -24.00 35.77 9.62
C GLU A 384 -23.18 35.42 8.40
N TRP A 385 -21.94 35.89 8.38
CA TRP A 385 -21.05 35.71 7.24
C TRP A 385 -19.61 35.47 7.69
N TRP A 386 -18.81 34.94 6.77
CA TRP A 386 -17.44 34.53 7.05
C TRP A 386 -16.47 35.66 7.37
N ASN A 387 -16.95 36.89 7.36
CA ASN A 387 -16.13 38.02 7.78
C ASN A 387 -15.98 38.00 9.29
N ASP A 388 -17.03 37.52 9.96
CA ASP A 388 -17.08 37.47 11.40
C ASP A 388 -16.80 36.06 11.90
N ILE A 389 -16.02 35.31 11.14
CA ILE A 389 -15.67 33.95 11.54
C ILE A 389 -15.03 33.94 12.93
N TRP A 390 -14.46 35.07 13.33
CA TRP A 390 -13.79 35.16 14.62
C TRP A 390 -14.76 34.93 15.78
N LEU A 391 -16.05 35.18 15.55
CA LEU A 391 -17.04 35.06 16.62
C LEU A 391 -17.20 33.60 17.02
N LYS A 392 -16.92 32.72 16.06
CA LYS A 392 -16.96 31.29 16.24
C LYS A 392 -15.59 30.81 16.72
N GLU A 393 -14.55 31.18 15.99
CA GLU A 393 -13.20 30.68 16.22
C GLU A 393 -12.45 31.28 17.41
N GLY A 394 -12.54 32.60 17.58
CA GLY A 394 -11.90 33.28 18.69
C GLY A 394 -12.45 32.82 20.03
N PHE A 395 -13.77 32.60 20.07
CA PHE A 395 -14.43 32.13 21.28
C PHE A 395 -14.13 30.67 21.63
N ALA A 396 -14.19 29.79 20.64
CA ALA A 396 -13.81 28.39 20.84
C ALA A 396 -12.38 28.32 21.37
N LYS A 397 -11.49 29.04 20.69
CA LYS A 397 -10.09 29.11 21.10
C LYS A 397 -9.96 29.58 22.55
N TYR A 398 -10.81 30.51 22.95
CA TYR A 398 -10.79 31.04 24.31
C TYR A 398 -11.33 30.04 25.32
N MET A 399 -12.46 29.42 25.01
CA MET A 399 -13.06 28.44 25.90
C MET A 399 -12.12 27.26 26.16
N GLU A 400 -11.21 26.98 25.23
CA GLU A 400 -10.20 25.95 25.46
C GLU A 400 -9.58 26.21 26.83
N LEU A 401 -9.14 27.46 27.02
CA LEU A 401 -8.58 27.93 28.26
C LEU A 401 -9.53 27.69 29.43
N ILE A 402 -10.62 28.45 29.45
CA ILE A 402 -11.62 28.34 30.51
C ILE A 402 -11.99 26.88 30.78
N ALA A 403 -12.45 26.17 29.76
CA ALA A 403 -12.97 24.82 29.94
C ALA A 403 -11.91 23.84 30.45
N VAL A 404 -10.68 23.98 29.99
CA VAL A 404 -9.63 23.05 30.40
C VAL A 404 -9.03 23.43 31.76
N ASN A 405 -8.91 24.73 32.03
CA ASN A 405 -8.51 25.17 33.36
C ASN A 405 -9.49 24.64 34.39
N ALA A 406 -10.76 24.61 34.02
CA ALA A 406 -11.83 24.22 34.94
C ALA A 406 -11.82 22.71 35.20
N THR A 407 -11.89 21.93 34.13
CA THR A 407 -12.05 20.48 34.26
C THR A 407 -10.72 19.74 34.44
N TYR A 408 -9.64 20.34 33.97
CA TYR A 408 -8.32 19.72 34.03
C TYR A 408 -7.25 20.72 34.45
N PRO A 409 -7.31 21.17 35.70
CA PRO A 409 -6.33 22.15 36.19
C PRO A 409 -4.94 21.53 36.21
N GLU A 410 -4.88 20.21 36.38
CA GLU A 410 -3.63 19.49 36.53
C GLU A 410 -2.82 19.44 35.23
N LEU A 411 -3.46 19.84 34.13
CA LEU A 411 -2.77 19.92 32.85
C LEU A 411 -2.07 21.26 32.69
N GLN A 412 -2.34 22.17 33.62
CA GLN A 412 -1.61 23.43 33.70
C GLN A 412 -1.58 24.20 32.37
N PHE A 413 -2.73 24.25 31.71
CA PHE A 413 -2.83 24.92 30.42
C PHE A 413 -2.78 26.43 30.59
N ASP A 414 -3.18 26.90 31.76
CA ASP A 414 -3.22 28.34 32.06
C ASP A 414 -1.88 29.01 31.80
N ASP A 415 -0.80 28.34 32.15
CA ASP A 415 0.53 28.91 31.97
C ASP A 415 0.97 28.85 30.51
N TYR A 416 0.27 28.03 29.72
CA TYR A 416 0.61 27.85 28.32
C TYR A 416 -0.17 28.80 27.43
N PHE A 417 -1.13 29.51 28.01
CA PHE A 417 -2.01 30.32 27.19
C PHE A 417 -1.33 31.54 26.56
N LEU A 418 -0.39 32.16 27.27
CA LEU A 418 0.24 33.37 26.71
C LEU A 418 0.90 33.09 25.38
N ASN A 419 1.34 31.85 25.20
CA ASN A 419 1.94 31.44 23.94
C ASN A 419 1.01 31.71 22.78
N VAL A 420 -0.30 31.56 23.03
CA VAL A 420 -1.31 31.78 22.00
C VAL A 420 -1.21 33.19 21.48
N CYS A 421 -1.17 34.13 22.41
CA CYS A 421 -1.15 35.54 22.06
C CYS A 421 0.21 35.95 21.50
N PHE A 422 1.28 35.43 22.09
CA PHE A 422 2.62 35.69 21.58
C PHE A 422 2.73 35.27 20.11
N GLU A 423 2.26 34.07 19.81
CA GLU A 423 2.36 33.51 18.47
C GLU A 423 1.77 34.44 17.41
N VAL A 424 0.62 35.04 17.73
CA VAL A 424 -0.05 35.93 16.78
C VAL A 424 0.60 37.30 16.72
N ILE A 425 1.06 37.77 17.87
CA ILE A 425 1.69 39.08 17.93
C ILE A 425 2.85 39.17 16.94
N THR A 426 3.54 38.07 16.72
CA THR A 426 4.65 38.03 15.78
C THR A 426 4.21 38.51 14.40
N LYS A 427 2.96 38.23 14.06
CA LYS A 427 2.43 38.59 12.75
C LYS A 427 1.64 39.88 12.81
N ASP A 428 1.15 40.23 14.00
CA ASP A 428 0.35 41.42 14.19
C ASP A 428 1.24 42.66 14.28
N SER A 429 2.55 42.44 14.37
CA SER A 429 3.53 43.53 14.39
C SER A 429 4.06 43.80 12.99
N LEU A 430 3.48 43.13 12.01
CA LEU A 430 3.81 43.38 10.61
C LEU A 430 2.72 44.24 10.00
N ASN A 431 3.10 45.10 9.06
CA ASN A 431 2.14 45.92 8.35
C ASN A 431 1.09 45.04 7.68
N SER A 432 1.55 43.95 7.06
CA SER A 432 0.69 43.11 6.23
C SER A 432 -0.37 42.36 7.03
N SER A 433 -0.52 42.72 8.30
CA SER A 433 -1.50 42.05 9.14
C SER A 433 -2.90 42.54 8.80
N ARG A 434 -3.88 42.16 9.62
CA ARG A 434 -5.28 42.49 9.34
C ARG A 434 -6.12 42.53 10.61
N PRO A 435 -7.31 43.13 10.52
CA PRO A 435 -8.17 43.26 11.70
C PRO A 435 -8.93 41.97 11.92
N ILE A 436 -9.21 41.64 13.18
CA ILE A 436 -9.97 40.44 13.52
C ILE A 436 -11.15 40.28 12.56
N SER A 437 -11.96 41.33 12.47
CA SER A 437 -13.18 41.31 11.65
C SER A 437 -12.95 42.05 10.32
N LYS A 438 -12.84 41.29 9.24
CA LYS A 438 -12.52 41.82 7.92
C LYS A 438 -13.42 41.18 6.87
N PRO A 439 -13.68 41.89 5.76
CA PRO A 439 -14.52 41.38 4.67
C PRO A 439 -13.92 40.17 3.98
N ALA A 440 -14.79 39.29 3.47
CA ALA A 440 -14.37 38.09 2.76
C ALA A 440 -15.39 37.73 1.68
N GLU A 441 -14.89 37.34 0.51
CA GLU A 441 -15.73 37.15 -0.67
C GLU A 441 -15.60 35.76 -1.27
N THR A 442 -14.69 35.61 -2.23
CA THR A 442 -14.46 34.32 -2.86
C THR A 442 -14.14 33.26 -1.81
N PRO A 443 -14.46 31.99 -2.11
CA PRO A 443 -14.12 30.91 -1.18
C PRO A 443 -12.70 31.05 -0.65
N THR A 444 -11.76 31.29 -1.55
CA THR A 444 -10.35 31.38 -1.17
C THR A 444 -10.13 32.43 -0.09
N GLN A 445 -10.78 33.58 -0.24
CA GLN A 445 -10.65 34.63 0.75
C GLN A 445 -11.35 34.25 2.05
N ILE A 446 -12.42 33.47 1.95
CA ILE A 446 -13.07 32.95 3.15
C ILE A 446 -12.14 31.98 3.85
N GLN A 447 -11.51 31.10 3.09
CA GLN A 447 -10.56 30.18 3.69
C GLN A 447 -9.48 30.98 4.41
N GLU A 448 -8.98 32.00 3.73
CA GLU A 448 -7.92 32.83 4.28
C GLU A 448 -8.29 33.46 5.61
N MET A 449 -9.58 33.45 5.94
CA MET A 449 -10.05 34.08 7.17
C MET A 449 -9.67 33.25 8.39
N PHE A 450 -9.21 32.03 8.14
CA PHE A 450 -8.88 31.12 9.23
C PHE A 450 -7.41 31.21 9.54
N ASP A 451 -7.08 31.99 10.55
CA ASP A 451 -5.68 32.20 10.90
C ASP A 451 -5.54 32.67 12.34
N GLU A 452 -4.31 33.00 12.72
CA GLU A 452 -4.01 33.34 14.10
C GLU A 452 -4.58 34.68 14.53
N VAL A 453 -5.22 35.37 13.60
CA VAL A 453 -5.93 36.61 13.95
C VAL A 453 -7.35 36.27 14.41
N SER A 454 -8.06 35.49 13.61
CA SER A 454 -9.44 35.10 13.92
C SER A 454 -9.45 34.23 15.17
N TYR A 455 -8.38 33.44 15.31
CA TYR A 455 -8.27 32.45 16.37
C TYR A 455 -7.57 33.01 17.61
N ASN A 456 -6.24 33.17 17.51
CA ASN A 456 -5.44 33.61 18.66
C ASN A 456 -5.80 35.01 19.13
N LYS A 457 -5.69 36.00 18.23
CA LYS A 457 -5.95 37.38 18.60
C LYS A 457 -7.37 37.50 19.12
N GLY A 458 -8.30 36.87 18.41
CA GLY A 458 -9.69 36.83 18.84
C GLY A 458 -9.83 36.34 20.26
N ALA A 459 -9.16 35.23 20.57
CA ALA A 459 -9.21 34.66 21.91
C ALA A 459 -8.49 35.58 22.90
N CYS A 460 -7.48 36.28 22.42
CA CYS A 460 -6.63 37.08 23.30
C CYS A 460 -7.25 38.41 23.74
N ILE A 461 -8.11 38.97 22.90
CA ILE A 461 -8.80 40.21 23.26
C ILE A 461 -9.99 39.93 24.18
N LEU A 462 -10.59 38.75 24.04
CA LEU A 462 -11.64 38.34 24.96
C LEU A 462 -11.02 38.15 26.34
N ASN A 463 -9.85 37.55 26.39
CA ASN A 463 -9.18 37.33 27.66
C ASN A 463 -8.85 38.64 28.32
N MET A 464 -8.59 39.64 27.49
CA MET A 464 -8.40 41.00 27.96
C MET A 464 -9.72 41.52 28.52
N LEU A 465 -10.78 41.40 27.72
CA LEU A 465 -12.09 41.90 28.11
C LEU A 465 -12.56 41.25 29.41
N LYS A 466 -12.45 39.93 29.49
CA LYS A 466 -12.88 39.22 30.68
C LYS A 466 -12.18 39.75 31.91
N ASP A 467 -10.89 40.04 31.77
CA ASP A 467 -10.09 40.51 32.88
C ASP A 467 -10.63 41.86 33.32
N PHE A 468 -10.94 42.69 32.33
CA PHE A 468 -11.52 43.99 32.59
C PHE A 468 -12.85 43.87 33.34
N LEU A 469 -13.65 42.86 32.97
CA LEU A 469 -15.02 42.75 33.48
C LEU A 469 -15.21 41.77 34.64
N GLY A 470 -14.20 40.95 34.92
CA GLY A 470 -14.36 39.92 35.94
C GLY A 470 -15.10 38.71 35.40
N GLU A 471 -14.73 37.53 35.90
CA GLU A 471 -15.27 36.27 35.38
C GLU A 471 -16.79 36.27 35.25
N GLU A 472 -17.48 36.58 36.34
CA GLU A 472 -18.94 36.43 36.38
C GLU A 472 -19.64 37.33 35.37
N LYS A 473 -19.40 38.63 35.45
CA LYS A 473 -20.07 39.57 34.55
C LYS A 473 -19.77 39.24 33.09
N PHE A 474 -18.56 38.74 32.84
CA PHE A 474 -18.18 38.33 31.50
C PHE A 474 -18.95 37.07 31.14
N GLN A 475 -18.97 36.11 32.06
CA GLN A 475 -19.73 34.89 31.86
C GLN A 475 -21.19 35.20 31.55
N LYS A 476 -21.77 36.10 32.35
CA LYS A 476 -23.16 36.52 32.14
C LYS A 476 -23.35 37.04 30.72
N GLY A 477 -22.39 37.80 30.23
CA GLY A 477 -22.45 38.30 28.86
C GLY A 477 -22.63 37.17 27.88
N ILE A 478 -21.82 36.12 28.02
CA ILE A 478 -21.85 35.02 27.07
C ILE A 478 -23.07 34.09 27.23
N ILE A 479 -23.56 33.92 28.46
CA ILE A 479 -24.79 33.15 28.64
C ILE A 479 -25.89 33.83 27.84
N GLN A 480 -25.95 35.15 27.98
CA GLN A 480 -26.99 35.94 27.34
C GLN A 480 -26.84 35.96 25.83
N TYR A 481 -25.62 36.18 25.35
CA TYR A 481 -25.36 36.18 23.91
C TYR A 481 -25.83 34.88 23.24
N LEU A 482 -25.41 33.75 23.81
CA LEU A 482 -25.73 32.45 23.23
C LEU A 482 -27.23 32.17 23.28
N LYS A 483 -27.86 32.57 24.38
CA LYS A 483 -29.31 32.38 24.53
C LYS A 483 -30.07 33.25 23.54
N LYS A 484 -29.62 34.50 23.39
CA LYS A 484 -30.32 35.48 22.57
C LYS A 484 -30.32 35.14 21.09
N PHE A 485 -29.34 34.36 20.65
CA PHE A 485 -29.21 34.07 19.22
C PHE A 485 -29.27 32.58 18.89
N SER A 486 -29.72 31.78 19.86
CA SER A 486 -29.82 30.35 19.66
C SER A 486 -30.51 30.02 18.34
N TYR A 487 -29.94 29.09 17.59
CA TYR A 487 -30.50 28.64 16.31
C TYR A 487 -30.69 29.77 15.30
N ARG A 488 -29.91 30.83 15.45
CA ARG A 488 -29.89 31.93 14.48
C ARG A 488 -28.47 32.45 14.32
N ASN A 489 -28.29 33.40 13.39
CA ASN A 489 -26.98 33.99 13.17
C ASN A 489 -26.75 35.28 13.97
N ALA A 490 -25.50 35.75 13.97
CA ALA A 490 -25.14 36.97 14.68
C ALA A 490 -24.01 37.67 13.95
N LYS A 491 -23.84 38.95 14.27
CA LYS A 491 -22.86 39.79 13.62
C LYS A 491 -21.91 40.34 14.68
N ASN A 492 -20.72 40.72 14.25
CA ASN A 492 -19.73 41.25 15.17
C ASN A 492 -20.37 42.18 16.20
N ASP A 493 -21.08 43.19 15.72
CA ASP A 493 -21.76 44.16 16.57
C ASP A 493 -22.68 43.52 17.62
N ASP A 494 -23.52 42.59 17.19
CA ASP A 494 -24.45 41.90 18.09
C ASP A 494 -23.75 41.42 19.36
N LEU A 495 -22.54 40.91 19.20
CA LEU A 495 -21.78 40.34 20.31
C LEU A 495 -21.45 41.37 21.37
N TRP A 496 -20.76 42.43 20.98
CA TRP A 496 -20.29 43.43 21.93
C TRP A 496 -21.44 44.03 22.74
N SER A 497 -22.59 44.18 22.10
CA SER A 497 -23.79 44.67 22.76
C SER A 497 -24.20 43.76 23.91
N SER A 498 -24.01 42.46 23.75
CA SER A 498 -24.40 41.51 24.78
C SER A 498 -23.33 41.34 25.85
N LEU A 499 -22.07 41.57 25.48
CA LEU A 499 -20.96 41.44 26.43
C LEU A 499 -20.89 42.63 27.39
N SER A 500 -21.33 43.80 26.93
CA SER A 500 -21.36 45.01 27.76
C SER A 500 -22.69 45.19 28.49
N ASN A 501 -23.76 44.65 27.91
CA ASN A 501 -25.07 44.70 28.52
C ASN A 501 -25.35 43.45 29.37
N SER A 502 -24.65 43.33 30.48
CA SER A 502 -24.86 42.19 31.39
C SER A 502 -26.06 42.42 32.30
N LEU A 528 -27.44 52.65 38.67
CA LEU A 528 -27.93 53.47 37.56
C LEU A 528 -27.68 54.96 37.78
N GLY A 529 -27.68 55.71 36.68
CA GLY A 529 -27.91 55.14 35.37
C GLY A 529 -26.67 55.10 34.51
N GLU A 530 -25.55 54.64 35.09
CA GLU A 530 -24.28 54.67 34.37
C GLU A 530 -24.02 53.41 33.52
N ASN A 531 -23.25 53.58 32.45
CA ASN A 531 -23.22 52.59 31.37
C ASN A 531 -21.86 52.03 30.97
N ALA A 532 -21.90 50.82 30.43
CA ALA A 532 -20.74 50.19 29.83
C ALA A 532 -20.66 50.60 28.36
N GLU A 533 -19.70 51.45 28.03
CA GLU A 533 -19.49 51.84 26.63
C GLU A 533 -18.53 50.85 26.00
N VAL A 534 -18.15 49.83 26.79
CA VAL A 534 -17.25 48.77 26.34
C VAL A 534 -17.25 48.60 24.82
N LYS A 535 -18.43 48.64 24.22
CA LYS A 535 -18.56 48.54 22.77
C LYS A 535 -17.56 49.43 22.03
N GLU A 536 -17.56 50.72 22.36
CA GLU A 536 -16.56 51.63 21.82
C GLU A 536 -15.17 51.00 21.87
N MET A 537 -14.86 50.41 23.02
CA MET A 537 -13.53 49.88 23.27
C MET A 537 -13.17 48.74 22.34
N MET A 538 -13.94 47.65 22.43
CA MET A 538 -13.66 46.44 21.66
C MET A 538 -13.84 46.66 20.16
N THR A 539 -14.82 47.48 19.80
CA THR A 539 -15.08 47.80 18.40
C THR A 539 -13.80 48.23 17.70
N THR A 540 -12.94 48.96 18.40
CA THR A 540 -11.68 49.39 17.82
C THR A 540 -10.66 48.24 17.84
N TRP A 541 -10.81 47.34 18.80
CA TRP A 541 -9.94 46.18 18.91
C TRP A 541 -10.17 45.21 17.76
N THR A 542 -11.41 45.14 17.28
CA THR A 542 -11.77 44.21 16.24
C THR A 542 -11.65 44.81 14.84
N LEU A 543 -11.76 46.13 14.75
CA LEU A 543 -11.80 46.79 13.44
C LEU A 543 -10.46 47.37 12.96
N GLN A 544 -9.47 47.47 13.85
CA GLN A 544 -8.16 47.87 13.37
C GLN A 544 -7.00 46.88 13.62
N LYS A 545 -6.20 46.73 12.58
CA LYS A 545 -5.05 45.84 12.53
C LYS A 545 -3.98 46.16 13.56
N GLY A 546 -3.20 45.15 13.92
CA GLY A 546 -2.00 45.36 14.73
C GLY A 546 -2.20 45.41 16.23
N ILE A 547 -1.11 45.64 16.95
CA ILE A 547 -1.11 45.69 18.41
C ILE A 547 -0.44 46.97 18.91
N PRO A 548 -0.99 47.58 19.99
CA PRO A 548 -0.46 48.85 20.52
C PRO A 548 0.84 48.68 21.33
N LEU A 549 1.76 49.62 21.17
CA LEU A 549 2.96 49.68 22.00
C LEU A 549 2.80 50.79 23.02
N LEU A 550 2.64 50.41 24.29
CA LEU A 550 2.50 51.39 25.35
C LEU A 550 3.85 51.80 25.90
N VAL A 551 4.29 52.99 25.52
CA VAL A 551 5.53 53.56 26.05
C VAL A 551 5.29 54.09 27.45
N VAL A 552 6.33 54.08 28.27
CA VAL A 552 6.22 54.59 29.63
C VAL A 552 7.52 55.24 30.13
N LYS A 553 7.45 56.53 30.41
CA LYS A 553 8.56 57.27 31.01
C LYS A 553 8.24 57.57 32.47
N GLN A 554 9.24 57.44 33.35
CA GLN A 554 9.01 57.71 34.77
C GLN A 554 10.00 58.74 35.32
N ASP A 555 9.58 60.00 35.34
CA ASP A 555 10.38 61.07 35.94
C ASP A 555 9.94 61.32 37.39
N GLY A 556 10.40 60.46 38.30
CA GLY A 556 10.07 60.59 39.70
C GLY A 556 8.76 59.94 40.06
N CYS A 557 7.68 60.73 40.04
CA CYS A 557 6.35 60.23 40.32
C CYS A 557 5.40 60.55 39.17
N SER A 558 5.97 60.93 38.04
CA SER A 558 5.18 61.19 36.84
C SER A 558 5.42 60.10 35.82
N LEU A 559 4.34 59.57 35.25
CA LEU A 559 4.45 58.55 34.20
C LEU A 559 3.82 59.02 32.91
N ARG A 560 4.64 59.32 31.91
CA ARG A 560 4.17 59.60 30.57
C ARG A 560 3.60 58.32 29.97
N LEU A 561 2.40 58.41 29.40
CA LEU A 561 1.79 57.28 28.73
C LEU A 561 1.71 57.55 27.23
N GLN A 562 2.55 56.88 26.45
CA GLN A 562 2.51 57.02 25.01
C GLN A 562 2.03 55.73 24.34
N GLN A 563 1.11 55.85 23.40
CA GLN A 563 0.64 54.69 22.66
C GLN A 563 1.07 54.79 21.21
N GLU A 564 1.54 53.67 20.66
CA GLU A 564 1.96 53.62 19.28
C GLU A 564 1.44 52.34 18.64
N ARG A 565 1.58 52.24 17.32
CA ARG A 565 1.29 50.99 16.64
C ARG A 565 2.59 50.21 16.62
N PHE A 566 2.64 49.12 17.37
CA PHE A 566 3.86 48.33 17.45
C PHE A 566 4.26 47.76 16.09
N LEU A 567 5.53 47.98 15.72
CA LEU A 567 6.03 47.57 14.42
C LEU A 567 7.43 47.00 14.52
N GLN A 568 7.83 46.23 13.51
CA GLN A 568 9.14 45.60 13.56
C GLN A 568 10.18 46.42 12.79
N GLY A 569 10.20 47.72 13.08
CA GLY A 569 11.09 48.66 12.41
C GLY A 569 11.02 48.54 10.90
N GLN A 581 3.13 54.00 13.52
CA GLN A 581 2.58 54.32 12.21
C GLN A 581 1.75 55.60 12.28
N GLU A 582 0.75 55.72 11.41
CA GLU A 582 0.00 56.96 11.28
C GLU A 582 -1.51 56.78 11.10
N ARG A 583 -2.25 56.76 12.22
CA ARG A 583 -3.72 56.83 12.24
C ARG A 583 -4.40 55.94 13.29
N TYR A 584 -3.64 55.08 13.95
CA TYR A 584 -4.22 54.06 14.82
C TYR A 584 -4.36 54.53 16.28
N LEU A 585 -5.45 54.13 16.92
CA LEU A 585 -5.69 54.50 18.32
C LEU A 585 -6.64 53.52 18.98
N TRP A 586 -6.22 52.95 20.10
CA TRP A 586 -7.03 52.00 20.85
C TRP A 586 -7.47 52.55 22.21
N HIS A 587 -8.62 52.09 22.68
CA HIS A 587 -9.00 52.29 24.07
C HIS A 587 -8.45 51.12 24.85
N ILE A 588 -7.21 51.25 25.30
CA ILE A 588 -6.48 50.11 25.85
C ILE A 588 -6.44 50.10 27.38
N PRO A 589 -7.11 49.11 28.00
CA PRO A 589 -7.24 49.00 29.46
C PRO A 589 -5.89 48.74 30.08
N LEU A 590 -5.43 49.65 30.93
CA LEU A 590 -4.13 49.49 31.55
C LEU A 590 -4.19 48.76 32.87
N THR A 591 -3.11 48.07 33.18
CA THR A 591 -2.92 47.44 34.48
C THR A 591 -1.47 47.70 34.85
N TYR A 592 -1.16 47.64 36.13
CA TYR A 592 0.23 47.79 36.55
C TYR A 592 0.44 47.50 38.02
N SER A 593 1.70 47.54 38.42
CA SER A 593 2.10 47.26 39.79
C SER A 593 3.29 48.16 40.09
N THR A 594 3.52 48.46 41.36
CA THR A 594 4.72 49.17 41.77
C THR A 594 5.59 48.24 42.58
N SER A 595 6.83 48.66 42.83
CA SER A 595 7.74 47.84 43.63
C SER A 595 7.27 47.79 45.07
N SER A 596 6.47 48.77 45.46
CA SER A 596 5.95 48.87 46.81
C SER A 596 4.84 47.85 47.07
N SER A 597 3.65 48.13 46.54
CA SER A 597 2.52 47.23 46.71
C SER A 597 2.37 46.31 45.50
N ASN A 598 2.18 45.03 45.78
CA ASN A 598 1.86 44.08 44.72
C ASN A 598 0.38 44.23 44.33
N VAL A 599 -0.26 45.22 44.92
CA VAL A 599 -1.66 45.53 44.63
C VAL A 599 -1.83 46.07 43.20
N ILE A 600 -2.87 45.56 42.53
CA ILE A 600 -3.06 45.80 41.11
C ILE A 600 -3.88 47.06 40.82
N HIS A 601 -3.22 48.07 40.24
CA HIS A 601 -3.91 49.28 39.85
C HIS A 601 -4.36 49.19 38.41
N ARG A 602 -5.67 49.30 38.20
CA ARG A 602 -6.22 49.32 36.86
C ARG A 602 -6.28 50.76 36.35
N HIS A 603 -6.91 50.95 35.19
CA HIS A 603 -6.98 52.24 34.54
C HIS A 603 -7.35 52.03 33.07
N ILE A 604 -7.71 53.12 32.39
CA ILE A 604 -8.08 53.06 30.98
C ILE A 604 -7.14 53.94 30.16
N LEU A 605 -7.55 54.28 28.95
CA LEU A 605 -6.75 55.13 28.07
C LEU A 605 -7.42 55.17 26.70
N LYS A 606 -7.78 56.37 26.25
CA LYS A 606 -8.55 56.54 25.02
C LYS A 606 -7.95 57.61 24.12
N SER A 607 -6.94 58.31 24.63
CA SER A 607 -6.30 59.41 23.90
C SER A 607 -4.87 59.09 23.48
N LYS A 608 -4.40 59.78 22.44
CA LYS A 608 -3.07 59.53 21.89
C LYS A 608 -1.99 59.56 22.98
N THR A 609 -2.28 60.26 24.07
CA THR A 609 -1.38 60.27 25.22
C THR A 609 -2.04 60.89 26.45
N ASP A 610 -1.62 60.41 27.61
CA ASP A 610 -2.08 60.99 28.86
C ASP A 610 -0.90 60.96 29.83
N THR A 611 -1.19 60.83 31.12
CA THR A 611 -0.16 60.76 32.15
C THR A 611 -0.81 60.41 33.48
N LEU A 612 -0.06 59.75 34.34
CA LEU A 612 -0.59 59.31 35.61
C LEU A 612 0.41 59.65 36.72
N ASP A 613 -0.07 59.72 37.95
CA ASP A 613 0.80 60.06 39.07
C ASP A 613 1.25 58.80 39.79
N LEU A 614 2.26 58.94 40.66
CA LEU A 614 2.72 57.82 41.45
C LEU A 614 2.77 58.19 42.93
N PRO A 615 1.91 57.57 43.74
CA PRO A 615 1.82 57.79 45.20
C PRO A 615 3.01 57.22 45.95
N GLU A 616 4.20 57.30 45.34
CA GLU A 616 5.45 56.77 45.90
C GLU A 616 6.52 56.70 44.82
N LYS A 617 7.47 57.65 44.85
CA LYS A 617 8.62 57.60 43.96
C LYS A 617 9.29 56.24 44.10
N THR A 618 8.83 55.28 43.32
CA THR A 618 9.12 53.87 43.57
C THR A 618 10.26 53.35 42.70
N SER A 619 10.75 52.17 43.08
CA SER A 619 11.80 51.49 42.32
C SER A 619 11.35 51.32 40.88
N TRP A 620 10.57 50.28 40.63
CA TRP A 620 10.05 50.01 39.29
C TRP A 620 8.53 49.87 39.30
N VAL A 621 7.95 49.92 38.10
CA VAL A 621 6.55 49.58 37.91
C VAL A 621 6.45 48.54 36.81
N LYS A 622 5.37 47.77 36.82
CA LYS A 622 5.17 46.71 35.83
C LYS A 622 3.77 46.76 35.23
N PHE A 623 3.65 47.44 34.09
CA PHE A 623 2.39 47.51 33.38
C PHE A 623 1.98 46.18 32.76
N ASN A 624 0.66 45.99 32.61
CA ASN A 624 0.10 44.76 32.08
C ASN A 624 0.43 43.56 32.96
N VAL A 625 -0.41 43.32 33.96
CA VAL A 625 -0.12 42.27 34.92
C VAL A 625 -0.46 40.92 34.31
N ASP A 626 0.47 39.97 34.43
CA ASP A 626 0.25 38.63 33.89
C ASP A 626 0.02 38.68 32.38
N SER A 627 0.35 39.81 31.78
CA SER A 627 0.17 40.04 30.34
C SER A 627 -1.25 39.80 29.86
N ASN A 628 -2.23 40.09 30.72
CA ASN A 628 -3.64 39.87 30.40
C ASN A 628 -4.18 40.81 29.31
N GLY A 629 -3.36 41.73 28.84
CA GLY A 629 -3.79 42.71 27.85
C GLY A 629 -3.04 42.56 26.55
N TYR A 630 -3.70 42.87 25.44
CA TYR A 630 -3.10 42.72 24.13
C TYR A 630 -2.29 43.95 23.74
N TYR A 631 -1.18 44.18 24.46
CA TYR A 631 -0.27 45.28 24.13
C TYR A 631 1.15 45.05 24.62
N ILE A 632 2.10 45.65 23.92
CA ILE A 632 3.50 45.65 24.36
C ILE A 632 3.80 46.93 25.10
N VAL A 633 4.66 46.84 26.12
CA VAL A 633 5.07 48.02 26.89
C VAL A 633 6.58 48.19 26.94
N HIS A 634 7.04 49.41 26.65
CA HIS A 634 8.45 49.75 26.65
C HIS A 634 8.73 50.84 27.66
N TYR A 635 9.68 50.60 28.57
CA TYR A 635 10.03 51.55 29.61
C TYR A 635 11.20 52.43 29.20
N GLU A 636 10.96 53.74 29.15
CA GLU A 636 12.01 54.71 28.87
C GLU A 636 12.79 55.04 30.14
N GLY A 637 14.05 55.43 29.95
CA GLY A 637 14.89 55.80 31.07
C GLY A 637 15.56 54.61 31.73
N HIS A 638 15.37 54.50 33.04
CA HIS A 638 15.97 53.40 33.81
C HIS A 638 14.96 52.30 34.12
N GLY A 639 13.74 52.44 33.59
CA GLY A 639 12.70 51.45 33.79
C GLY A 639 13.15 50.05 33.42
N TRP A 640 13.70 49.90 32.21
CA TRP A 640 14.14 48.59 31.74
C TRP A 640 15.27 48.00 32.58
N ASP A 641 16.16 48.87 33.03
CA ASP A 641 17.33 48.45 33.79
C ASP A 641 16.97 48.05 35.24
N GLN A 642 16.08 48.82 35.86
CA GLN A 642 15.65 48.52 37.23
C GLN A 642 14.88 47.19 37.28
N LEU A 643 13.90 47.05 36.39
CA LEU A 643 13.11 45.84 36.29
C LEU A 643 13.99 44.61 36.04
N ILE A 644 14.94 44.74 35.12
CA ILE A 644 15.91 43.67 34.88
C ILE A 644 16.69 43.38 36.16
N THR A 645 17.25 44.43 36.75
CA THR A 645 17.99 44.30 38.01
C THR A 645 17.19 43.51 39.04
N GLN A 646 15.93 43.89 39.20
CA GLN A 646 15.04 43.24 40.16
C GLN A 646 15.07 41.72 39.99
N LEU A 647 15.05 41.28 38.74
CA LEU A 647 15.08 39.85 38.42
C LEU A 647 16.40 39.21 38.82
N ASN A 648 17.49 39.97 38.68
CA ASN A 648 18.82 39.49 39.03
C ASN A 648 18.97 39.29 40.53
N GLN A 649 18.24 40.07 41.31
CA GLN A 649 18.20 39.92 42.76
C GLN A 649 17.03 39.03 43.16
N ASN A 650 16.04 39.59 43.87
CA ASN A 650 14.83 38.84 44.18
C ASN A 650 13.91 38.77 42.97
N HIS A 651 14.09 37.75 42.12
CA HIS A 651 13.28 37.62 40.91
C HIS A 651 11.83 37.23 41.23
N THR A 652 11.64 36.70 42.43
CA THR A 652 10.35 36.21 42.88
C THR A 652 9.39 37.33 43.23
N LEU A 653 9.88 38.56 43.24
CA LEU A 653 9.07 39.71 43.62
C LEU A 653 8.20 40.20 42.45
N LEU A 654 8.38 39.57 41.30
CA LEU A 654 7.57 39.83 40.12
C LEU A 654 6.76 38.60 39.76
N ARG A 655 5.47 38.78 39.51
CA ARG A 655 4.60 37.69 39.09
C ARG A 655 5.28 36.84 38.02
N PRO A 656 5.06 35.51 38.06
CA PRO A 656 5.66 34.60 37.08
C PRO A 656 5.21 34.96 35.66
N LYS A 657 3.92 35.27 35.49
CA LYS A 657 3.41 35.70 34.19
C LYS A 657 3.92 37.10 33.85
N ASP A 658 4.23 37.89 34.87
CA ASP A 658 4.89 39.17 34.66
C ASP A 658 6.28 38.95 34.09
N ARG A 659 6.99 37.97 34.65
CA ARG A 659 8.30 37.58 34.14
C ARG A 659 8.21 37.17 32.68
N VAL A 660 7.44 36.13 32.40
CA VAL A 660 7.24 35.66 31.03
C VAL A 660 6.94 36.82 30.07
N GLY A 661 6.26 37.84 30.58
CA GLY A 661 5.93 39.00 29.79
C GLY A 661 7.14 39.88 29.55
N LEU A 662 7.85 40.19 30.62
CA LEU A 662 9.08 40.95 30.52
C LEU A 662 10.02 40.30 29.53
N ILE A 663 10.27 39.01 29.74
CA ILE A 663 11.11 38.25 28.84
C ILE A 663 10.63 38.38 27.39
N HIS A 664 9.32 38.25 27.18
CA HIS A 664 8.75 38.29 25.83
C HIS A 664 8.90 39.66 25.20
N ASP A 665 8.65 40.69 25.99
CA ASP A 665 8.63 42.05 25.47
C ASP A 665 10.02 42.57 25.24
N VAL A 666 10.93 42.27 26.16
CA VAL A 666 12.30 42.72 26.03
C VAL A 666 12.85 42.41 24.64
N PHE A 667 12.66 41.16 24.19
CA PHE A 667 13.21 40.74 22.92
C PHE A 667 12.44 41.33 21.74
N GLN A 668 11.14 41.51 21.92
CA GLN A 668 10.30 42.11 20.89
C GLN A 668 10.72 43.55 20.61
N LEU A 669 11.14 44.25 21.65
CA LEU A 669 11.55 45.64 21.51
C LEU A 669 12.91 45.77 20.85
N VAL A 670 13.72 44.73 20.98
CA VAL A 670 14.99 44.67 20.24
C VAL A 670 14.69 44.65 18.75
N GLY A 671 13.81 43.74 18.36
CA GLY A 671 13.36 43.67 16.97
C GLY A 671 12.63 44.93 16.55
N ALA A 672 12.26 45.76 17.53
CA ALA A 672 11.55 47.02 17.27
C ALA A 672 12.53 48.18 17.22
N GLY A 673 13.75 47.93 17.67
CA GLY A 673 14.76 48.97 17.76
C GLY A 673 14.72 49.78 19.04
N ARG A 674 13.70 49.59 19.87
CA ARG A 674 13.55 50.40 21.09
C ARG A 674 14.50 49.94 22.21
N LEU A 675 15.12 48.79 21.99
CA LEU A 675 16.14 48.26 22.89
C LEU A 675 17.33 47.72 22.11
N THR A 676 18.45 47.58 22.81
CA THR A 676 19.67 47.04 22.22
C THR A 676 19.85 45.58 22.67
N LEU A 677 20.21 44.70 21.73
CA LEU A 677 20.18 43.25 21.97
C LEU A 677 20.83 42.78 23.27
N ASP A 678 21.93 43.42 23.66
CA ASP A 678 22.64 43.03 24.87
C ASP A 678 21.81 43.22 26.14
N LYS A 679 20.81 44.09 26.10
CA LYS A 679 19.93 44.30 27.25
C LYS A 679 19.00 43.10 27.43
N ALA A 680 18.59 42.52 26.30
CA ALA A 680 17.78 41.30 26.30
C ALA A 680 18.62 40.12 26.75
N LEU A 681 19.78 39.95 26.11
CA LEU A 681 20.74 38.92 26.48
C LEU A 681 21.20 39.04 27.93
N ASP A 682 21.14 40.27 28.47
CA ASP A 682 21.55 40.52 29.85
C ASP A 682 20.43 40.21 30.84
N MET A 683 19.24 39.94 30.31
CA MET A 683 18.11 39.57 31.15
C MET A 683 18.10 38.06 31.35
N THR A 684 18.59 37.36 30.34
CA THR A 684 18.58 35.90 30.35
C THR A 684 19.61 35.33 31.33
N TYR A 685 20.17 36.19 32.16
CA TYR A 685 21.15 35.76 33.15
C TYR A 685 20.47 35.19 34.37
N TYR A 686 19.42 35.87 34.82
CA TYR A 686 18.68 35.43 36.00
C TYR A 686 18.02 34.07 35.79
N LEU A 687 18.02 33.58 34.55
CA LEU A 687 17.41 32.29 34.24
C LEU A 687 18.14 31.14 34.91
N GLN A 688 19.28 31.45 35.51
CA GLN A 688 19.99 30.46 36.32
C GLN A 688 19.23 30.29 37.63
N HIS A 689 18.53 31.35 38.04
CA HIS A 689 17.71 31.33 39.25
C HIS A 689 16.30 30.79 38.96
N GLU A 690 15.73 31.23 37.83
CA GLU A 690 14.35 30.94 37.46
C GLU A 690 13.93 29.48 37.59
N THR A 691 12.87 29.24 38.36
CA THR A 691 12.30 27.89 38.53
C THR A 691 10.94 27.70 37.85
N SER A 692 10.22 28.80 37.65
CA SER A 692 8.96 28.74 36.93
C SER A 692 9.22 28.32 35.48
N SER A 693 8.87 27.08 35.15
CA SER A 693 9.14 26.52 33.82
C SER A 693 8.67 27.43 32.68
N PRO A 694 7.46 27.97 32.77
CA PRO A 694 7.00 28.89 31.73
C PRO A 694 8.06 29.94 31.37
N ALA A 695 8.50 30.72 32.35
CA ALA A 695 9.46 31.80 32.13
C ALA A 695 10.80 31.25 31.64
N LEU A 696 11.26 30.17 32.26
CA LEU A 696 12.53 29.56 31.88
C LEU A 696 12.52 29.04 30.45
N LEU A 697 11.39 28.44 30.06
CA LEU A 697 11.23 27.94 28.70
C LEU A 697 11.07 29.07 27.70
N GLU A 698 10.53 30.19 28.13
CA GLU A 698 10.38 31.35 27.25
C GLU A 698 11.75 31.93 26.93
N GLY A 699 12.50 32.27 27.97
CA GLY A 699 13.85 32.77 27.79
C GLY A 699 14.68 31.84 26.93
N LEU A 700 14.76 30.58 27.35
CA LEU A 700 15.54 29.59 26.61
C LEU A 700 15.14 29.55 25.14
N SER A 701 13.84 29.65 24.88
CA SER A 701 13.30 29.54 23.53
C SER A 701 13.96 30.55 22.59
N TYR A 702 14.25 31.74 23.10
CA TYR A 702 14.88 32.76 22.29
C TYR A 702 16.33 32.42 22.01
N LEU A 703 17.04 31.98 23.03
CA LEU A 703 18.44 31.60 22.86
C LEU A 703 18.55 30.44 21.89
N GLU A 704 17.56 29.55 21.92
CA GLU A 704 17.53 28.39 21.03
C GLU A 704 17.24 28.81 19.60
N SER A 705 16.41 29.84 19.46
CA SER A 705 16.12 30.41 18.15
C SER A 705 17.36 30.97 17.50
N PHE A 706 18.07 31.82 18.24
CA PHE A 706 19.27 32.46 17.72
C PHE A 706 20.24 31.42 17.18
N TYR A 707 20.46 30.36 17.96
CA TYR A 707 21.32 29.26 17.54
C TYR A 707 20.92 28.77 16.15
N HIS A 708 19.62 28.58 15.95
CA HIS A 708 19.15 27.97 14.71
C HIS A 708 19.20 28.94 13.54
N MET A 709 19.12 30.23 13.83
CA MET A 709 19.32 31.25 12.80
C MET A 709 20.78 31.24 12.39
N MET A 710 21.66 31.25 13.38
CA MET A 710 23.09 31.18 13.12
C MET A 710 23.41 29.90 12.37
N ASP A 711 22.86 28.79 12.85
CA ASP A 711 23.17 27.50 12.26
C ASP A 711 22.62 27.36 10.84
N ARG A 712 21.59 28.13 10.50
CA ARG A 712 21.00 28.05 9.16
C ARG A 712 21.88 28.76 8.13
N ARG A 713 22.41 29.92 8.52
CA ARG A 713 23.57 30.47 7.84
C ARG A 713 24.71 29.57 8.26
N ASN A 714 25.89 29.76 7.69
CA ASN A 714 27.02 28.96 8.16
C ASN A 714 27.76 29.72 9.26
N ILE A 715 27.06 30.59 9.97
CA ILE A 715 27.66 31.42 11.02
C ILE A 715 28.14 30.57 12.20
N SER A 716 29.28 29.91 12.01
CA SER A 716 29.80 28.93 12.96
C SER A 716 30.28 29.52 14.27
N ASP A 717 31.04 30.60 14.20
CA ASP A 717 31.64 31.18 15.39
C ASP A 717 30.60 31.53 16.44
N ILE A 718 29.49 32.13 16.01
CA ILE A 718 28.42 32.50 16.93
C ILE A 718 27.60 31.28 17.36
N SER A 719 27.03 30.58 16.38
CA SER A 719 26.21 29.41 16.68
C SER A 719 26.89 28.45 17.65
N GLU A 720 28.23 28.44 17.62
CA GLU A 720 29.00 27.51 18.46
C GLU A 720 29.14 28.03 19.88
N ASN A 721 29.48 29.29 20.03
CA ASN A 721 29.54 29.91 21.35
C ASN A 721 28.16 29.87 21.98
N LEU A 722 27.15 29.98 21.13
CA LEU A 722 25.76 29.93 21.56
C LEU A 722 25.45 28.54 22.09
N LYS A 723 25.89 27.51 21.36
CA LYS A 723 25.79 26.14 21.82
C LYS A 723 26.44 26.00 23.19
N ARG A 724 27.70 26.43 23.28
CA ARG A 724 28.48 26.23 24.49
C ARG A 724 28.04 27.08 25.68
N TYR A 725 27.21 28.09 25.42
CA TYR A 725 26.65 28.90 26.49
C TYR A 725 25.40 28.25 27.07
N LEU A 726 24.71 27.46 26.25
CA LEU A 726 23.53 26.74 26.67
C LEU A 726 23.91 25.48 27.43
N LEU A 727 24.99 24.84 27.00
CA LEU A 727 25.47 23.63 27.67
C LEU A 727 26.12 23.92 29.03
N GLN A 728 26.80 25.07 29.14
CA GLN A 728 27.51 25.42 30.37
C GLN A 728 26.59 26.10 31.37
N TYR A 729 26.06 27.26 31.00
CA TYR A 729 24.94 27.84 31.71
C TYR A 729 23.84 26.81 31.52
N PHE A 730 22.97 26.64 32.50
CA PHE A 730 21.88 25.66 32.39
C PHE A 730 22.34 24.20 32.43
N LYS A 731 23.64 23.99 32.64
CA LYS A 731 24.15 22.64 32.89
C LYS A 731 23.49 22.02 34.13
N PRO A 732 23.27 22.83 35.18
CA PRO A 732 22.56 22.38 36.38
C PRO A 732 21.19 21.78 36.06
N VAL A 733 20.35 22.55 35.37
CA VAL A 733 18.99 22.13 35.08
C VAL A 733 18.96 20.98 34.07
N ILE A 734 19.85 21.00 33.10
CA ILE A 734 19.94 19.92 32.11
C ILE A 734 20.32 18.59 32.75
N ASP A 735 21.23 18.64 33.72
CA ASP A 735 21.77 17.44 34.34
C ASP A 735 20.82 16.81 35.35
N ARG A 736 19.80 17.57 35.74
CA ARG A 736 18.79 17.07 36.67
C ARG A 736 17.72 16.26 35.95
N GLN A 737 17.79 16.24 34.62
CA GLN A 737 16.71 15.65 33.82
C GLN A 737 16.78 14.13 33.75
N SER A 738 15.73 13.49 34.25
CA SER A 738 15.60 12.04 34.16
C SER A 738 15.07 11.67 32.78
N TRP A 739 15.56 10.57 32.24
CA TRP A 739 15.00 10.03 31.01
C TRP A 739 13.80 9.15 31.36
N SER A 740 12.79 9.79 31.94
CA SER A 740 11.62 9.10 32.47
C SER A 740 10.31 9.76 32.03
N ASP A 741 9.24 9.50 32.78
CA ASP A 741 7.95 10.11 32.49
C ASP A 741 7.31 10.71 33.75
N LYS A 742 8.15 11.15 34.69
CA LYS A 742 7.69 11.44 36.04
C LYS A 742 7.56 12.93 36.37
N GLY A 743 6.69 13.25 37.33
CA GLY A 743 6.45 14.63 37.72
C GLY A 743 5.20 15.23 37.08
N SER A 744 5.02 16.53 37.25
CA SER A 744 3.86 17.22 36.70
C SER A 744 3.94 17.35 35.17
N VAL A 745 2.96 18.05 34.61
CA VAL A 745 2.93 18.32 33.17
C VAL A 745 4.07 19.26 32.77
N TRP A 746 4.27 20.29 33.58
CA TRP A 746 5.36 21.24 33.34
C TRP A 746 6.71 20.59 33.64
N ASP A 747 6.71 19.60 34.53
CA ASP A 747 7.89 18.79 34.77
C ASP A 747 8.24 18.02 33.51
N ARG A 748 7.24 17.35 32.94
CA ARG A 748 7.43 16.54 31.75
C ARG A 748 7.77 17.39 30.51
N MET A 749 7.17 18.58 30.42
CA MET A 749 7.46 19.48 29.31
C MET A 749 8.87 20.03 29.41
N LEU A 750 9.26 20.42 30.62
CA LEU A 750 10.59 20.95 30.84
C LEU A 750 11.62 19.89 30.43
N ARG A 751 11.40 18.66 30.87
CA ARG A 751 12.34 17.58 30.56
C ARG A 751 12.53 17.45 29.05
N SER A 752 11.43 17.21 28.35
CA SER A 752 11.47 17.01 26.91
C SER A 752 12.14 18.22 26.24
N ALA A 753 11.74 19.41 26.67
CA ALA A 753 12.33 20.64 26.19
C ALA A 753 13.85 20.62 26.35
N LEU A 754 14.31 20.57 27.59
CA LEU A 754 15.74 20.58 27.89
C LEU A 754 16.48 19.47 27.15
N LEU A 755 16.02 18.24 27.32
CA LEU A 755 16.67 17.08 26.72
C LEU A 755 16.78 17.21 25.20
N LYS A 756 15.77 17.82 24.59
CA LYS A 756 15.81 18.06 23.14
C LYS A 756 16.92 19.05 22.83
N LEU A 757 16.95 20.13 23.60
CA LEU A 757 17.97 21.14 23.44
C LEU A 757 19.34 20.51 23.47
N ALA A 758 19.61 19.76 24.53
CA ALA A 758 20.92 19.13 24.69
C ALA A 758 21.30 18.31 23.47
N CYS A 759 20.39 17.43 23.04
CA CYS A 759 20.68 16.54 21.91
C CYS A 759 20.78 17.31 20.60
N ASP A 760 20.03 18.40 20.49
CA ASP A 760 20.17 19.31 19.36
C ASP A 760 21.59 19.87 19.35
N LEU A 761 22.05 20.28 20.53
CA LEU A 761 23.38 20.89 20.68
C LEU A 761 24.51 19.87 20.79
N ASN A 762 24.21 18.61 20.49
CA ASN A 762 25.22 17.55 20.47
C ASN A 762 25.89 17.24 21.80
N HIS A 763 25.18 17.49 22.89
CA HIS A 763 25.73 17.24 24.23
C HIS A 763 26.07 15.77 24.40
N ALA A 764 27.37 15.48 24.47
CA ALA A 764 27.86 14.11 24.52
C ALA A 764 26.97 13.14 25.30
N PRO A 765 26.68 13.46 26.59
CA PRO A 765 25.87 12.53 27.39
C PRO A 765 24.53 12.26 26.71
N CYS A 766 23.71 13.30 26.61
CA CYS A 766 22.41 13.22 25.95
C CYS A 766 22.41 12.24 24.78
N ILE A 767 23.17 12.57 23.74
CA ILE A 767 23.12 11.79 22.49
C ILE A 767 23.62 10.35 22.64
N GLN A 768 24.35 10.07 23.72
CA GLN A 768 24.82 8.71 23.98
C GLN A 768 23.72 7.87 24.64
N LYS A 769 22.92 8.51 25.48
CA LYS A 769 21.80 7.86 26.15
C LYS A 769 20.66 7.56 25.18
N ALA A 770 20.38 8.52 24.30
CA ALA A 770 19.32 8.36 23.31
C ALA A 770 19.71 7.31 22.29
N ALA A 771 20.98 7.30 21.94
CA ALA A 771 21.51 6.29 21.03
C ALA A 771 21.44 4.90 21.67
N GLU A 772 21.68 4.87 22.99
CA GLU A 772 21.58 3.63 23.77
C GLU A 772 20.13 3.16 23.83
N LEU A 773 19.28 3.97 24.44
CA LEU A 773 17.85 3.67 24.50
C LEU A 773 17.32 3.19 23.15
N PHE A 774 17.71 3.89 22.08
CA PHE A 774 17.27 3.54 20.75
C PHE A 774 17.76 2.15 20.36
N SER A 775 19.07 1.96 20.42
CA SER A 775 19.67 0.68 20.07
C SER A 775 19.01 -0.46 20.84
N GLN A 776 18.71 -0.23 22.10
CA GLN A 776 17.98 -1.20 22.91
C GLN A 776 16.61 -1.48 22.28
N TRP A 777 15.85 -0.40 22.05
CA TRP A 777 14.53 -0.51 21.45
C TRP A 777 14.56 -1.39 20.18
N MET A 778 15.57 -1.17 19.34
CA MET A 778 15.69 -1.91 18.09
C MET A 778 16.22 -3.33 18.29
N GLU A 779 17.32 -3.46 19.01
CA GLU A 779 17.92 -4.77 19.28
C GLU A 779 17.02 -5.64 20.15
N SER A 780 16.04 -5.01 20.79
CA SER A 780 15.03 -5.74 21.54
C SER A 780 13.79 -5.92 20.66
N SER A 781 13.69 -5.07 19.64
CA SER A 781 12.61 -5.15 18.65
C SER A 781 11.26 -4.73 19.23
N GLY A 782 11.13 -3.44 19.56
CA GLY A 782 9.89 -2.90 20.08
C GLY A 782 9.54 -3.32 21.50
N LYS A 783 10.16 -4.39 21.97
CA LYS A 783 9.88 -4.94 23.30
C LYS A 783 10.28 -3.99 24.43
N LEU A 784 11.44 -3.37 24.30
CA LEU A 784 11.84 -2.32 25.23
C LEU A 784 10.97 -1.09 24.96
N ASN A 785 10.88 -0.21 25.95
CA ASN A 785 10.03 0.96 25.86
C ASN A 785 10.74 2.26 26.22
N ILE A 786 10.73 3.20 25.29
CA ILE A 786 11.22 4.54 25.57
C ILE A 786 10.12 5.32 26.30
N PRO A 787 10.47 5.98 27.40
CA PRO A 787 9.50 6.90 28.01
C PRO A 787 8.95 7.83 26.93
N THR A 788 7.66 8.08 26.95
CA THR A 788 7.04 8.88 25.91
C THR A 788 7.72 10.24 25.80
N ASP A 789 8.03 10.84 26.94
CA ASP A 789 8.61 12.17 26.96
C ASP A 789 9.96 12.29 26.25
N VAL A 790 10.59 11.17 25.96
CA VAL A 790 11.86 11.19 25.25
C VAL A 790 11.75 10.39 23.98
N LEU A 791 10.56 9.86 23.74
CA LEU A 791 10.32 9.04 22.56
C LEU A 791 10.87 9.69 21.29
N LYS A 792 10.57 10.96 21.10
CA LYS A 792 10.96 11.66 19.89
C LYS A 792 12.47 11.88 19.86
N ILE A 793 13.00 12.41 20.95
CA ILE A 793 14.44 12.60 21.10
C ILE A 793 15.18 11.30 20.76
N VAL A 794 14.70 10.19 21.30
CA VAL A 794 15.35 8.91 21.05
C VAL A 794 15.31 8.54 19.58
N TYR A 795 14.12 8.59 18.98
CA TYR A 795 13.97 8.24 17.58
C TYR A 795 14.82 9.11 16.68
N SER A 796 14.86 10.40 16.97
CA SER A 796 15.60 11.34 16.14
C SER A 796 17.10 11.08 16.19
N VAL A 797 17.59 10.66 17.35
CA VAL A 797 19.01 10.34 17.49
C VAL A 797 19.33 9.05 16.78
N GLY A 798 18.44 8.08 16.94
CA GLY A 798 18.61 6.80 16.25
C GLY A 798 18.48 6.99 14.76
N ALA A 799 17.90 8.11 14.35
CA ALA A 799 17.64 8.36 12.94
C ALA A 799 18.92 8.64 12.17
N GLN A 800 19.98 9.00 12.89
CA GLN A 800 21.24 9.41 12.26
C GLN A 800 21.98 8.27 11.55
N THR A 801 21.87 7.07 12.09
CA THR A 801 22.37 5.89 11.39
C THR A 801 21.37 5.47 10.32
N THR A 802 21.85 4.98 9.20
CA THR A 802 20.96 4.52 8.13
C THR A 802 20.22 3.24 8.53
N ALA A 803 20.85 2.43 9.37
CA ALA A 803 20.20 1.25 9.90
C ALA A 803 18.98 1.66 10.70
N GLY A 804 19.14 2.69 11.53
CA GLY A 804 18.07 3.20 12.36
C GLY A 804 16.98 3.89 11.55
N TRP A 805 17.39 4.74 10.61
CA TRP A 805 16.45 5.45 9.74
C TRP A 805 15.56 4.48 8.98
N ASN A 806 16.15 3.39 8.51
CA ASN A 806 15.40 2.37 7.80
C ASN A 806 14.47 1.60 8.72
N TYR A 807 14.92 1.36 9.95
CA TYR A 807 14.10 0.65 10.91
C TYR A 807 12.91 1.52 11.28
N LEU A 808 13.20 2.76 11.65
CA LEU A 808 12.16 3.73 11.98
C LEU A 808 11.13 3.89 10.87
N LEU A 809 11.61 3.95 9.63
CA LEU A 809 10.68 4.09 8.51
C LEU A 809 9.82 2.85 8.34
N GLU A 810 10.45 1.67 8.43
CA GLU A 810 9.72 0.42 8.31
C GLU A 810 8.74 0.27 9.47
N GLN A 811 9.15 0.74 10.66
CA GLN A 811 8.32 0.71 11.86
CA GLN A 811 8.28 0.66 11.83
C GLN A 811 7.18 1.72 11.76
N TYR A 812 7.34 2.67 10.84
CA TYR A 812 6.34 3.71 10.61
C TYR A 812 5.08 3.14 9.96
N GLU A 813 5.25 2.17 9.06
CA GLU A 813 4.11 1.57 8.35
C GLU A 813 3.36 0.56 9.22
N LEU A 814 3.99 0.14 10.31
CA LEU A 814 3.47 -0.95 11.12
C LEU A 814 2.79 -0.47 12.40
N SER A 815 3.14 0.74 12.83
CA SER A 815 2.58 1.31 14.06
C SER A 815 1.07 1.51 13.95
N MET A 816 0.39 1.34 15.08
CA MET A 816 -1.04 1.60 15.17
C MET A 816 -1.33 2.84 16.01
N SER A 817 -0.27 3.57 16.35
CA SER A 817 -0.41 4.83 17.09
C SER A 817 0.05 5.99 16.21
N SER A 818 -0.89 6.78 15.72
CA SER A 818 -0.56 7.85 14.78
C SER A 818 0.25 8.94 15.49
N ALA A 819 0.16 8.96 16.80
CA ALA A 819 0.99 9.86 17.60
C ALA A 819 2.46 9.43 17.51
N GLU A 820 2.70 8.13 17.62
CA GLU A 820 4.04 7.59 17.40
C GLU A 820 4.49 7.89 15.98
N GLN A 821 3.63 7.57 15.01
CA GLN A 821 3.96 7.82 13.62
C GLN A 821 4.40 9.26 13.46
N ASN A 822 3.70 10.14 14.15
CA ASN A 822 4.04 11.56 14.16
C ASN A 822 5.49 11.78 14.59
N LYS A 823 5.89 11.12 15.67
CA LYS A 823 7.25 11.27 16.20
C LYS A 823 8.30 10.59 15.34
N ILE A 824 7.93 9.46 14.73
CA ILE A 824 8.84 8.75 13.84
C ILE A 824 9.15 9.63 12.63
N LEU A 825 8.14 10.32 12.12
CA LEU A 825 8.29 11.11 10.91
C LEU A 825 9.18 12.31 11.19
N TYR A 826 8.99 12.95 12.33
CA TYR A 826 9.89 14.03 12.71
C TYR A 826 11.31 13.51 12.76
N ALA A 827 11.51 12.36 13.41
CA ALA A 827 12.84 11.75 13.50
C ALA A 827 13.39 11.46 12.13
N LEU A 828 12.56 10.89 11.26
CA LEU A 828 12.96 10.61 9.88
C LEU A 828 13.47 11.85 9.16
N SER A 829 13.07 13.03 9.63
CA SER A 829 13.38 14.27 8.93
C SER A 829 14.54 15.03 9.55
N THR A 830 15.03 14.55 10.68
CA THR A 830 16.23 15.12 11.29
C THR A 830 17.49 14.51 10.66
N SER A 831 17.33 13.89 9.49
CA SER A 831 18.44 13.26 8.80
C SER A 831 19.27 14.28 8.04
N LYS A 832 20.46 13.88 7.62
CA LYS A 832 21.39 14.80 6.96
C LYS A 832 21.59 14.50 5.48
N HIS A 833 21.17 13.30 5.06
CA HIS A 833 21.27 12.88 3.66
C HIS A 833 20.11 13.40 2.81
N GLN A 834 20.42 14.24 1.83
CA GLN A 834 19.39 14.83 0.97
C GLN A 834 18.40 13.82 0.38
N GLU A 835 18.89 12.65 -0.02
CA GLU A 835 18.02 11.64 -0.62
C GLU A 835 17.04 11.04 0.39
N LYS A 836 17.49 10.84 1.63
CA LYS A 836 16.62 10.33 2.69
C LYS A 836 15.44 11.29 2.87
N LEU A 837 15.76 12.58 2.98
CA LEU A 837 14.74 13.63 3.09
C LEU A 837 13.86 13.63 1.86
N LEU A 838 14.50 13.74 0.70
CA LEU A 838 13.83 13.69 -0.59
C LEU A 838 12.84 12.53 -0.68
N LYS A 839 13.25 11.35 -0.23
CA LYS A 839 12.39 10.17 -0.19
C LYS A 839 11.14 10.44 0.62
N LEU A 840 11.33 10.97 1.83
CA LEU A 840 10.20 11.30 2.70
C LEU A 840 9.22 12.19 1.95
N ILE A 841 9.74 13.21 1.30
CA ILE A 841 8.91 14.11 0.52
C ILE A 841 8.19 13.36 -0.60
N GLU A 842 8.95 12.59 -1.37
CA GLU A 842 8.37 11.87 -2.49
C GLU A 842 7.28 10.89 -2.04
N LEU A 843 7.52 10.24 -0.92
CA LEU A 843 6.53 9.37 -0.31
C LEU A 843 5.30 10.16 0.10
N GLY A 844 5.52 11.42 0.46
CA GLY A 844 4.43 12.29 0.88
C GLY A 844 3.54 12.64 -0.30
N MET A 845 4.18 13.02 -1.41
CA MET A 845 3.45 13.30 -2.63
C MET A 845 2.57 12.12 -2.98
N GLU A 846 3.17 10.94 -3.00
CA GLU A 846 2.46 9.70 -3.29
C GLU A 846 1.28 9.48 -2.35
N GLY A 847 1.47 9.79 -1.08
CA GLY A 847 0.40 9.72 -0.11
C GLY A 847 -0.09 8.33 0.24
N LYS A 848 0.76 7.33 0.04
CA LYS A 848 0.40 5.95 0.34
C LYS A 848 0.96 5.51 1.70
N VAL A 849 2.27 5.63 1.86
CA VAL A 849 2.89 5.37 3.16
C VAL A 849 2.63 6.53 4.09
N ILE A 850 3.10 7.71 3.69
CA ILE A 850 2.91 8.93 4.45
C ILE A 850 1.71 9.68 3.88
N LYS A 851 0.62 9.71 4.65
CA LYS A 851 -0.64 10.29 4.20
C LYS A 851 -0.48 11.72 3.71
N THR A 852 -1.25 12.07 2.69
CA THR A 852 -1.23 13.41 2.12
C THR A 852 -1.38 14.50 3.17
N GLN A 853 -2.28 14.27 4.12
CA GLN A 853 -2.54 15.25 5.17
C GLN A 853 -1.28 15.69 5.90
N ASN A 854 -0.19 14.92 5.78
CA ASN A 854 1.03 15.25 6.50
C ASN A 854 2.08 15.97 5.68
N LEU A 855 1.77 16.20 4.41
CA LEU A 855 2.74 16.79 3.49
C LEU A 855 3.17 18.18 3.95
N ALA A 856 2.19 19.04 4.21
CA ALA A 856 2.46 20.39 4.66
C ALA A 856 3.44 20.41 5.84
N ALA A 857 3.13 19.67 6.89
CA ALA A 857 3.99 19.64 8.07
C ALA A 857 5.36 19.03 7.76
N LEU A 858 5.36 17.95 6.99
CA LEU A 858 6.59 17.27 6.63
C LEU A 858 7.55 18.23 5.94
N LEU A 859 7.11 18.75 4.81
CA LEU A 859 7.85 19.77 4.08
C LEU A 859 8.38 20.85 5.03
N HIS A 860 7.51 21.37 5.89
CA HIS A 860 7.91 22.37 6.88
C HIS A 860 9.03 21.85 7.77
N ALA A 861 8.84 20.64 8.30
CA ALA A 861 9.82 20.03 9.21
C ALA A 861 11.21 20.02 8.60
N ILE A 862 11.30 19.52 7.38
CA ILE A 862 12.57 19.39 6.69
C ILE A 862 13.24 20.75 6.49
N ALA A 863 12.44 21.75 6.11
CA ALA A 863 12.95 23.07 5.76
C ALA A 863 13.71 23.74 6.89
N ARG A 864 13.21 23.56 8.11
CA ARG A 864 13.84 24.20 9.27
C ARG A 864 15.30 23.79 9.41
N ARG A 865 15.60 22.53 9.12
CA ARG A 865 16.97 22.01 9.24
C ARG A 865 17.87 22.58 8.16
N PRO A 866 19.08 23.04 8.55
CA PRO A 866 20.06 23.49 7.56
C PRO A 866 20.20 22.55 6.37
N LYS A 867 20.41 21.26 6.63
CA LYS A 867 20.63 20.29 5.57
C LYS A 867 19.43 20.12 4.64
N GLY A 868 18.30 20.73 5.00
CA GLY A 868 17.08 20.53 4.25
C GLY A 868 16.33 21.77 3.80
N GLN A 869 16.83 22.95 4.14
CA GLN A 869 16.13 24.19 3.79
C GLN A 869 16.13 24.49 2.29
N GLN A 870 17.24 24.17 1.63
CA GLN A 870 17.35 24.39 0.20
C GLN A 870 16.50 23.38 -0.55
N LEU A 871 16.70 22.09 -0.22
CA LEU A 871 15.96 20.99 -0.84
C LEU A 871 14.47 21.30 -0.91
N ALA A 872 13.89 21.77 0.19
CA ALA A 872 12.46 22.05 0.25
C ALA A 872 12.06 23.18 -0.68
N TRP A 873 12.77 24.30 -0.58
CA TRP A 873 12.53 25.44 -1.46
C TRP A 873 12.55 24.97 -2.90
N ASP A 874 13.61 24.24 -3.26
CA ASP A 874 13.71 23.66 -4.58
C ASP A 874 12.42 22.93 -4.92
N PHE A 875 12.03 22.01 -4.03
CA PHE A 875 10.88 21.15 -4.28
C PHE A 875 9.58 21.91 -4.45
N VAL A 876 9.21 22.71 -3.44
CA VAL A 876 8.00 23.50 -3.52
C VAL A 876 7.98 24.24 -4.84
N ARG A 877 9.09 24.91 -5.12
CA ARG A 877 9.21 25.79 -6.28
C ARG A 877 9.03 25.01 -7.58
N GLU A 878 9.77 23.92 -7.72
CA GLU A 878 9.71 23.10 -8.93
C GLU A 878 8.37 22.40 -9.12
N ASN A 879 7.86 21.75 -8.09
CA ASN A 879 6.63 20.97 -8.22
C ASN A 879 5.35 21.70 -7.84
N TRP A 880 5.39 23.02 -7.82
CA TRP A 880 4.24 23.82 -7.39
C TRP A 880 2.94 23.45 -8.10
N THR A 881 3.03 23.12 -9.38
CA THR A 881 1.85 22.76 -10.15
C THR A 881 1.18 21.49 -9.62
N HIS A 882 1.98 20.45 -9.39
CA HIS A 882 1.46 19.21 -8.86
C HIS A 882 0.93 19.41 -7.43
N LEU A 883 1.50 20.36 -6.72
CA LEU A 883 1.04 20.67 -5.36
C LEU A 883 -0.35 21.28 -5.36
N LEU A 884 -0.68 21.98 -6.44
CA LEU A 884 -1.95 22.69 -6.50
C LEU A 884 -3.07 21.79 -7.01
N LYS A 885 -2.70 20.60 -7.48
CA LYS A 885 -3.67 19.56 -7.74
C LYS A 885 -4.22 19.10 -6.40
N LYS A 886 -3.31 18.70 -5.53
CA LYS A 886 -3.67 18.12 -4.24
C LYS A 886 -4.43 19.08 -3.35
N PHE A 887 -3.95 20.32 -3.27
CA PHE A 887 -4.48 21.28 -2.32
C PHE A 887 -5.10 22.51 -2.98
N ASP A 888 -5.91 23.22 -2.21
CA ASP A 888 -6.42 24.52 -2.62
C ASP A 888 -5.41 25.61 -2.26
N LEU A 889 -5.38 26.68 -3.03
CA LEU A 889 -4.81 27.91 -2.52
C LEU A 889 -5.99 28.85 -2.29
N GLY A 890 -6.17 29.28 -1.04
CA GLY A 890 -5.25 28.89 0.02
C GLY A 890 -5.88 28.02 1.08
N SER A 891 -5.75 26.71 0.89
CA SER A 891 -5.97 25.77 1.98
C SER A 891 -4.85 25.97 2.99
N TYR A 892 -5.07 25.57 4.24
CA TYR A 892 -4.02 25.69 5.23
C TYR A 892 -2.77 24.96 4.75
N ASP A 893 -2.95 23.84 4.06
CA ASP A 893 -1.82 23.08 3.55
C ASP A 893 -0.94 23.95 2.68
N ILE A 894 -1.53 24.53 1.63
CA ILE A 894 -0.76 25.36 0.72
C ILE A 894 -0.17 26.56 1.44
N ARG A 895 -1.01 27.30 2.17
CA ARG A 895 -0.55 28.48 2.88
C ARG A 895 0.64 28.14 3.75
N MET A 896 0.59 26.93 4.32
CA MET A 896 1.61 26.48 5.27
C MET A 896 2.83 25.91 4.55
N ILE A 897 2.61 25.27 3.40
CA ILE A 897 3.70 24.79 2.56
C ILE A 897 4.55 25.96 2.08
N ILE A 898 3.90 27.09 1.82
CA ILE A 898 4.61 28.27 1.36
C ILE A 898 5.50 28.84 2.46
N SER A 899 4.88 29.28 3.55
CA SER A 899 5.62 29.96 4.61
C SER A 899 6.59 29.01 5.29
N GLY A 900 6.23 27.73 5.33
CA GLY A 900 7.06 26.73 5.99
C GLY A 900 8.43 26.61 5.34
N THR A 901 8.52 27.03 4.08
CA THR A 901 9.74 26.82 3.31
C THR A 901 10.47 28.12 3.03
N THR A 902 9.89 29.24 3.44
CA THR A 902 10.43 30.55 3.07
C THR A 902 10.57 31.52 4.24
N ALA A 903 9.59 31.52 5.14
CA ALA A 903 9.56 32.49 6.22
C ALA A 903 10.86 32.54 7.01
N HIS A 904 11.60 31.43 7.04
CA HIS A 904 12.81 31.36 7.84
C HIS A 904 14.04 31.87 7.11
N PHE A 905 13.87 32.26 5.85
CA PHE A 905 14.96 32.81 5.05
C PHE A 905 15.37 34.16 5.61
N SER A 906 16.68 34.46 5.52
CA SER A 906 17.19 35.68 6.16
C SER A 906 18.29 36.37 5.35
N SER A 907 18.38 36.05 4.07
CA SER A 907 19.38 36.68 3.22
C SER A 907 18.72 37.40 2.05
N LYS A 908 19.41 38.40 1.54
CA LYS A 908 18.91 39.19 0.42
C LYS A 908 18.58 38.32 -0.78
N ASP A 909 19.45 37.36 -1.06
CA ASP A 909 19.29 36.48 -2.21
C ASP A 909 17.96 35.75 -2.12
N LYS A 910 17.74 35.09 -1.00
CA LYS A 910 16.53 34.31 -0.79
C LYS A 910 15.30 35.17 -0.97
N LEU A 911 15.34 36.38 -0.41
CA LEU A 911 14.24 37.31 -0.58
C LEU A 911 13.97 37.55 -2.07
N GLN A 912 15.03 37.67 -2.86
CA GLN A 912 14.88 37.81 -4.30
C GLN A 912 14.17 36.62 -4.91
N GLU A 913 14.71 35.42 -4.65
CA GLU A 913 14.14 34.19 -5.18
C GLU A 913 12.66 34.08 -4.85
N VAL A 914 12.34 34.27 -3.57
CA VAL A 914 10.96 34.18 -3.10
C VAL A 914 10.09 35.28 -3.72
N LYS A 915 10.59 36.52 -3.66
CA LYS A 915 9.95 37.66 -4.29
C LYS A 915 9.61 37.31 -5.72
N LEU A 916 10.54 36.58 -6.35
CA LEU A 916 10.43 36.20 -7.76
C LEU A 916 9.49 35.00 -7.95
N PHE A 917 9.42 34.12 -6.96
CA PHE A 917 8.50 32.98 -7.05
C PHE A 917 7.07 33.46 -6.85
N PHE A 918 6.87 34.29 -5.84
CA PHE A 918 5.56 34.88 -5.63
C PHE A 918 5.13 35.61 -6.90
N GLU A 919 6.10 36.13 -7.64
CA GLU A 919 5.83 36.78 -8.92
C GLU A 919 5.28 35.79 -9.93
N SER A 920 6.07 34.75 -10.21
CA SER A 920 5.63 33.65 -11.03
C SER A 920 4.14 33.45 -10.81
N LEU A 921 3.76 33.24 -9.55
CA LEU A 921 2.35 33.18 -9.18
C LEU A 921 1.70 34.53 -9.53
N GLU A 922 0.96 34.51 -10.62
CA GLU A 922 0.45 35.68 -11.29
C GLU A 922 -0.19 35.07 -12.52
N ALA A 923 -1.33 34.46 -12.29
CA ALA A 923 -1.90 33.46 -13.16
C ALA A 923 -2.95 32.79 -12.28
N GLN A 924 -3.12 31.49 -12.43
CA GLN A 924 -4.01 30.74 -11.53
C GLN A 924 -3.48 30.72 -10.09
N GLY A 925 -2.18 31.01 -9.95
CA GLY A 925 -1.51 31.04 -8.66
C GLY A 925 -1.89 32.26 -7.84
N SER A 926 -1.23 33.39 -8.08
CA SER A 926 -1.60 34.63 -7.41
C SER A 926 -3.12 34.66 -7.32
N HIS A 927 -3.66 35.15 -6.22
CA HIS A 927 -2.87 35.81 -5.19
C HIS A 927 -3.33 35.39 -3.79
N LEU A 928 -2.39 35.37 -2.84
CA LEU A 928 -2.69 35.06 -1.44
C LEU A 928 -2.05 36.09 -0.52
N ASP A 929 -2.73 36.45 0.56
CA ASP A 929 -2.18 37.38 1.53
C ASP A 929 -0.83 36.88 2.06
N ILE A 930 -0.69 35.56 2.15
CA ILE A 930 0.51 34.96 2.70
C ILE A 930 1.78 35.45 1.99
N PHE A 931 1.65 35.79 0.72
CA PHE A 931 2.77 36.30 -0.04
C PHE A 931 3.40 37.50 0.66
N GLN A 932 2.57 38.48 1.05
CA GLN A 932 3.08 39.66 1.75
C GLN A 932 3.74 39.30 3.06
N THR A 933 2.94 38.80 3.99
CA THR A 933 3.42 38.34 5.29
C THR A 933 4.82 37.72 5.19
N VAL A 934 4.97 36.73 4.29
CA VAL A 934 6.24 36.04 4.16
C VAL A 934 7.36 37.00 3.81
N LEU A 935 7.15 37.85 2.82
CA LEU A 935 8.17 38.80 2.37
C LEU A 935 8.55 39.77 3.48
N GLU A 936 7.55 40.42 4.07
CA GLU A 936 7.74 41.27 5.23
C GLU A 936 8.49 40.53 6.34
N THR A 937 8.28 39.22 6.42
CA THR A 937 8.93 38.39 7.41
C THR A 937 10.40 38.13 7.06
N ILE A 938 10.68 37.83 5.80
CA ILE A 938 12.04 37.60 5.38
C ILE A 938 12.87 38.88 5.48
N THR A 939 12.25 40.03 5.29
CA THR A 939 12.96 41.30 5.43
C THR A 939 13.20 41.63 6.90
N LYS A 940 12.17 41.43 7.73
CA LYS A 940 12.31 41.62 9.16
C LYS A 940 13.53 40.85 9.65
N ASN A 941 13.78 39.70 9.02
CA ASN A 941 14.90 38.83 9.40
C ASN A 941 16.24 39.42 9.00
N ILE A 942 16.36 39.85 7.74
CA ILE A 942 17.59 40.45 7.26
C ILE A 942 18.00 41.64 8.13
N LYS A 943 17.03 42.51 8.40
CA LYS A 943 17.28 43.69 9.22
C LYS A 943 17.70 43.32 10.65
N TRP A 944 17.07 42.29 11.21
CA TRP A 944 17.46 41.85 12.55
C TRP A 944 18.93 41.43 12.56
N LEU A 945 19.33 40.68 11.54
CA LEU A 945 20.73 40.31 11.39
C LEU A 945 21.60 41.56 11.37
N GLU A 946 21.34 42.48 10.45
CA GLU A 946 22.22 43.64 10.35
C GLU A 946 22.21 44.50 11.61
N LYS A 947 21.03 44.81 12.12
CA LYS A 947 20.92 45.70 13.28
C LYS A 947 21.48 45.08 14.55
N ASN A 948 21.57 43.75 14.61
CA ASN A 948 21.86 43.07 15.86
C ASN A 948 22.89 41.94 15.81
N LEU A 949 23.32 41.53 14.63
CA LEU A 949 24.16 40.33 14.52
C LEU A 949 25.48 40.42 15.28
N PRO A 950 26.34 41.39 14.93
CA PRO A 950 27.63 41.51 15.61
C PRO A 950 27.50 41.68 17.13
N THR A 951 26.45 42.36 17.59
CA THR A 951 26.18 42.48 19.02
C THR A 951 26.10 41.11 19.66
N LEU A 952 25.33 40.22 19.05
CA LEU A 952 25.23 38.84 19.52
C LEU A 952 26.65 38.27 19.63
N ARG A 953 27.45 38.52 18.59
CA ARG A 953 28.79 37.97 18.50
C ARG A 953 29.65 38.31 19.72
N THR A 954 29.58 39.57 20.16
CA THR A 954 30.45 40.03 21.23
C THR A 954 29.88 39.80 22.63
N TRP A 955 28.57 39.87 22.78
CA TRP A 955 27.95 39.58 24.07
C TRP A 955 28.33 38.15 24.46
N LEU A 956 28.41 37.31 23.44
CA LEU A 956 28.77 35.92 23.61
C LEU A 956 30.25 35.76 23.85
N MET A 957 31.08 36.46 23.08
CA MET A 957 32.52 36.45 23.28
C MET A 957 32.89 37.10 24.62
N VAL A 958 32.15 38.14 25.00
CA VAL A 958 32.32 38.77 26.30
C VAL A 958 32.08 37.74 27.39
N ASN A 959 31.26 36.75 27.10
CA ASN A 959 31.00 35.66 28.05
C ASN A 959 32.07 34.58 28.07
N THR A 960 32.56 34.22 26.89
CA THR A 960 33.65 33.25 26.77
C THR A 960 34.90 33.83 27.42
N ARG A 961 34.78 35.02 27.99
CA ARG A 961 35.87 35.65 28.73
C ARG A 961 35.59 35.65 30.24
N VAL B 55 24.00 -34.96 16.78
CA VAL B 55 23.39 -36.17 17.35
C VAL B 55 22.12 -35.83 18.12
N ALA B 56 21.98 -34.56 18.51
CA ALA B 56 20.77 -34.06 19.19
C ALA B 56 20.94 -32.63 19.71
N THR B 57 19.82 -32.06 20.15
CA THR B 57 19.77 -30.70 20.68
C THR B 57 18.41 -30.49 21.36
N ASN B 58 18.38 -29.86 22.54
CA ASN B 58 19.58 -29.37 23.23
C ASN B 58 19.44 -29.56 24.74
N GLY B 59 20.39 -30.26 25.37
CA GLY B 59 21.42 -30.99 24.67
C GLY B 59 20.88 -32.36 24.36
N GLU B 60 21.00 -33.28 25.31
CA GLU B 60 20.39 -34.61 25.19
C GLU B 60 20.77 -35.34 23.90
N ARG B 61 20.20 -36.53 23.71
CA ARG B 61 20.54 -37.38 22.57
C ARG B 61 19.30 -37.67 21.72
N PHE B 62 19.47 -37.72 20.41
CA PHE B 62 18.34 -37.98 19.52
C PHE B 62 18.29 -39.45 19.11
N PRO B 63 17.25 -40.16 19.56
CA PRO B 63 17.01 -41.61 19.46
C PRO B 63 16.95 -42.21 18.04
N TRP B 64 16.87 -41.38 17.00
CA TRP B 64 16.77 -41.91 15.65
C TRP B 64 17.33 -40.91 14.64
N GLN B 65 18.43 -41.28 13.98
CA GLN B 65 19.27 -40.33 13.26
C GLN B 65 19.13 -40.31 11.73
N GLU B 66 18.40 -41.25 11.17
CA GLU B 66 18.14 -41.23 9.72
C GLU B 66 17.07 -40.18 9.45
N LEU B 67 17.31 -39.27 8.51
CA LEU B 67 16.31 -38.25 8.20
C LEU B 67 15.06 -38.86 7.56
N ARG B 68 15.04 -40.18 7.46
CA ARG B 68 13.84 -40.93 7.13
C ARG B 68 13.12 -41.24 8.43
N LEU B 69 11.82 -41.50 8.35
CA LEU B 69 11.06 -41.86 9.56
C LEU B 69 11.19 -43.36 9.85
N PRO B 70 11.07 -43.73 11.14
CA PRO B 70 11.02 -45.15 11.50
C PRO B 70 9.72 -45.77 11.03
N SER B 71 9.79 -46.91 10.35
CA SER B 71 8.59 -47.56 9.85
C SER B 71 7.81 -48.21 11.00
N VAL B 72 8.22 -47.91 12.23
CA VAL B 72 7.60 -48.45 13.44
C VAL B 72 6.22 -47.85 13.72
N VAL B 73 6.22 -46.68 14.36
CA VAL B 73 4.97 -45.95 14.62
C VAL B 73 4.23 -45.68 13.32
N ILE B 74 2.95 -46.04 13.28
CA ILE B 74 2.19 -45.95 12.03
C ILE B 74 0.85 -45.22 12.18
N PRO B 75 0.68 -44.14 11.41
CA PRO B 75 -0.49 -43.25 11.39
C PRO B 75 -1.70 -43.87 10.71
N LEU B 76 -2.87 -43.70 11.32
CA LEU B 76 -4.11 -44.22 10.75
C LEU B 76 -5.13 -43.11 10.62
N HIS B 77 -5.01 -42.09 11.47
CA HIS B 77 -6.02 -41.04 11.55
C HIS B 77 -5.51 -39.81 12.29
N TYR B 78 -5.51 -38.68 11.60
CA TYR B 78 -5.23 -37.41 12.24
C TYR B 78 -6.54 -36.70 12.57
N ASP B 79 -6.70 -36.28 13.83
CA ASP B 79 -7.75 -35.34 14.18
C ASP B 79 -7.13 -33.96 14.26
N LEU B 80 -7.31 -33.17 13.21
CA LEU B 80 -6.62 -31.89 13.09
C LEU B 80 -7.59 -30.75 13.31
N PHE B 81 -7.25 -29.85 14.23
CA PHE B 81 -8.05 -28.66 14.49
C PHE B 81 -7.19 -27.41 14.44
N VAL B 82 -7.51 -26.50 13.51
CA VAL B 82 -6.73 -25.27 13.35
C VAL B 82 -7.56 -24.03 13.65
N HIS B 83 -7.01 -23.16 14.47
CA HIS B 83 -7.67 -21.92 14.88
C HIS B 83 -6.85 -20.73 14.41
N PRO B 84 -7.02 -20.35 13.14
CA PRO B 84 -6.26 -19.21 12.59
C PRO B 84 -6.89 -17.89 12.97
N ASN B 85 -6.07 -16.87 13.13
CA ASN B 85 -6.56 -15.51 13.29
C ASN B 85 -5.97 -14.61 12.21
N LEU B 86 -6.82 -13.99 11.41
CA LEU B 86 -6.34 -13.22 10.26
C LEU B 86 -6.13 -11.74 10.56
N THR B 87 -6.26 -11.36 11.83
CA THR B 87 -5.88 -10.01 12.25
C THR B 87 -4.54 -10.12 12.93
N SER B 88 -4.47 -11.02 13.91
CA SER B 88 -3.23 -11.33 14.59
C SER B 88 -2.20 -11.91 13.62
N LEU B 89 -2.68 -12.48 12.52
CA LEU B 89 -1.82 -13.12 11.53
C LEU B 89 -1.08 -14.35 12.05
N ASP B 90 -1.77 -15.16 12.83
CA ASP B 90 -1.20 -16.40 13.35
C ASP B 90 -2.29 -17.39 13.62
N PHE B 91 -1.93 -18.53 14.19
CA PHE B 91 -2.91 -19.57 14.45
C PHE B 91 -2.55 -20.41 15.66
N VAL B 92 -3.57 -21.07 16.22
CA VAL B 92 -3.37 -22.05 17.29
C VAL B 92 -4.10 -23.33 16.92
N ALA B 93 -3.46 -24.46 17.19
CA ALA B 93 -4.01 -25.74 16.76
C ALA B 93 -3.77 -26.87 17.75
N SER B 94 -4.44 -27.98 17.50
CA SER B 94 -4.37 -29.19 18.32
C SER B 94 -4.59 -30.40 17.42
N GLU B 95 -3.97 -31.52 17.76
CA GLU B 95 -4.08 -32.71 16.93
C GLU B 95 -4.10 -33.99 17.76
N LYS B 96 -4.87 -34.97 17.29
CA LYS B 96 -4.89 -36.30 17.88
C LYS B 96 -4.56 -37.31 16.80
N ILE B 97 -3.35 -37.88 16.87
CA ILE B 97 -2.91 -38.88 15.91
C ILE B 97 -3.17 -40.29 16.43
N GLU B 98 -3.88 -41.09 15.64
CA GLU B 98 -4.05 -42.50 15.96
C GLU B 98 -2.93 -43.30 15.30
N VAL B 99 -2.10 -43.93 16.13
CA VAL B 99 -0.92 -44.63 15.63
C VAL B 99 -1.17 -46.13 15.51
N LEU B 100 -0.09 -46.90 15.69
CA LEU B 100 -0.11 -48.36 15.62
C LEU B 100 1.33 -48.86 15.56
N VAL B 101 1.76 -49.62 16.56
CA VAL B 101 3.16 -50.01 16.65
C VAL B 101 3.42 -51.35 15.96
N SER B 102 4.33 -51.34 14.98
CA SER B 102 4.75 -52.58 14.34
C SER B 102 5.74 -53.31 15.23
N ASN B 103 6.69 -52.57 15.79
CA ASN B 103 7.69 -53.14 16.69
C ASN B 103 7.96 -52.26 17.91
N ALA B 104 7.46 -52.71 19.06
CA ALA B 104 7.66 -52.02 20.33
C ALA B 104 8.93 -51.16 20.38
N THR B 105 8.75 -49.89 20.75
CA THR B 105 9.88 -48.97 20.95
C THR B 105 9.53 -47.92 22.02
N GLN B 106 10.55 -47.29 22.57
CA GLN B 106 10.35 -46.34 23.67
C GLN B 106 10.59 -44.87 23.29
N PHE B 107 10.45 -44.57 22.00
CA PHE B 107 10.58 -43.19 21.53
C PHE B 107 9.85 -42.99 20.21
N ILE B 108 8.99 -41.96 20.15
CA ILE B 108 8.20 -41.68 18.96
C ILE B 108 8.80 -40.55 18.10
N ILE B 109 9.07 -40.86 16.84
CA ILE B 109 9.68 -39.89 15.94
C ILE B 109 8.71 -39.44 14.86
N LEU B 110 8.60 -38.12 14.67
CA LEU B 110 7.87 -37.55 13.55
C LEU B 110 8.33 -36.14 13.22
N HIS B 111 7.68 -35.51 12.25
CA HIS B 111 8.14 -34.25 11.69
C HIS B 111 7.52 -33.01 12.34
N SER B 112 8.29 -31.93 12.35
CA SER B 112 7.79 -30.63 12.81
C SER B 112 8.82 -29.53 12.57
N LYS B 113 8.40 -28.45 11.92
CA LYS B 113 9.30 -27.34 11.62
C LYS B 113 8.66 -25.98 11.88
N ASP B 114 9.43 -25.09 12.51
CA ASP B 114 8.99 -23.74 12.79
C ASP B 114 7.64 -23.72 13.50
N LEU B 115 7.37 -24.76 14.27
CA LEU B 115 6.17 -24.83 15.11
C LEU B 115 6.56 -24.80 16.58
N GLU B 116 5.70 -24.25 17.41
CA GLU B 116 5.93 -24.24 18.85
C GLU B 116 4.96 -25.20 19.54
N ILE B 117 5.49 -26.27 20.10
CA ILE B 117 4.67 -27.28 20.77
C ILE B 117 4.57 -27.03 22.27
N THR B 118 3.33 -27.04 22.79
CA THR B 118 3.09 -26.66 24.17
C THR B 118 2.56 -27.80 25.05
N ASN B 119 2.05 -28.85 24.41
CA ASN B 119 1.56 -30.03 25.13
C ASN B 119 1.65 -31.32 24.31
N ALA B 120 2.00 -32.42 24.97
CA ALA B 120 2.11 -33.72 24.32
C ALA B 120 1.60 -34.80 25.26
N THR B 121 0.62 -35.58 24.80
CA THR B 121 0.00 -36.59 25.64
C THR B 121 -0.40 -37.83 24.85
N LEU B 122 -0.06 -39.00 25.38
CA LEU B 122 -0.39 -40.26 24.72
C LEU B 122 -1.45 -41.02 25.52
N GLN B 123 -2.57 -41.33 24.87
CA GLN B 123 -3.66 -42.04 25.54
C GLN B 123 -3.74 -43.51 25.12
N SER B 124 -4.59 -44.26 25.82
CA SER B 124 -4.56 -45.73 25.80
C SER B 124 -5.67 -46.39 24.97
N GLU B 125 -5.29 -47.43 24.21
CA GLU B 125 -6.26 -48.20 23.43
C GLU B 125 -5.81 -49.66 23.29
N PRO B 133 -6.93 -41.36 30.83
CA PRO B 133 -6.16 -42.60 30.84
C PRO B 133 -4.76 -42.40 30.28
N GLY B 134 -4.41 -41.16 29.99
CA GLY B 134 -3.16 -40.85 29.31
C GLY B 134 -2.16 -40.04 30.11
N LYS B 135 -0.88 -40.38 29.93
CA LYS B 135 0.22 -39.68 30.61
C LYS B 135 0.91 -38.71 29.64
N GLU B 136 1.85 -37.93 30.18
CA GLU B 136 2.50 -36.87 29.42
C GLU B 136 3.81 -37.30 28.76
N LEU B 137 4.00 -36.91 27.51
CA LEU B 137 5.23 -37.20 26.75
C LEU B 137 6.29 -36.14 27.02
N LYS B 138 7.53 -36.45 26.67
CA LYS B 138 8.59 -35.44 26.64
C LYS B 138 9.06 -35.25 25.21
N VAL B 139 9.22 -33.99 24.81
CA VAL B 139 9.54 -33.68 23.44
C VAL B 139 10.98 -33.19 23.28
N LEU B 140 11.73 -33.90 22.43
CA LEU B 140 13.05 -33.43 22.02
C LEU B 140 13.01 -33.00 20.56
N SER B 141 13.72 -31.92 20.24
CA SER B 141 13.60 -31.28 18.95
C SER B 141 14.90 -31.31 18.15
N TYR B 142 14.88 -32.01 17.01
CA TYR B 142 16.02 -31.96 16.09
C TYR B 142 15.71 -31.18 14.82
N PRO B 143 16.24 -29.95 14.76
CA PRO B 143 16.05 -29.01 13.64
C PRO B 143 16.83 -29.45 12.40
N ALA B 144 18.08 -29.83 12.56
CA ALA B 144 18.91 -30.18 11.41
C ALA B 144 18.27 -31.30 10.60
N HIS B 145 17.33 -32.00 11.21
CA HIS B 145 16.62 -33.09 10.53
C HIS B 145 15.11 -32.83 10.51
N GLU B 146 14.71 -31.66 10.99
CA GLU B 146 13.31 -31.24 11.00
C GLU B 146 12.42 -32.28 11.68
N GLN B 147 12.96 -32.93 12.71
CA GLN B 147 12.23 -33.96 13.44
C GLN B 147 12.12 -33.66 14.92
N ILE B 148 11.17 -34.33 15.56
CA ILE B 148 11.07 -34.28 17.02
C ILE B 148 10.91 -35.70 17.57
N ALA B 149 11.24 -35.86 18.86
CA ALA B 149 11.16 -37.15 19.51
C ALA B 149 10.32 -37.08 20.78
N LEU B 150 9.16 -37.70 20.73
CA LEU B 150 8.30 -37.84 21.90
C LEU B 150 8.76 -39.04 22.71
N LEU B 151 9.34 -38.78 23.88
CA LEU B 151 9.90 -39.84 24.72
C LEU B 151 8.87 -40.48 25.65
N VAL B 152 8.69 -41.79 25.49
CA VAL B 152 7.76 -42.55 26.34
C VAL B 152 8.48 -43.18 27.53
N PRO B 153 7.87 -43.08 28.73
CA PRO B 153 8.43 -43.71 29.93
C PRO B 153 8.16 -45.22 29.96
N GLU B 154 7.38 -45.70 29.00
CA GLU B 154 7.02 -47.12 28.94
C GLU B 154 7.00 -47.65 27.51
N LYS B 155 8.10 -48.27 27.10
CA LYS B 155 8.19 -49.01 25.83
C LYS B 155 6.83 -49.47 25.34
N LEU B 156 6.50 -49.16 24.09
CA LEU B 156 5.19 -49.51 23.55
C LEU B 156 5.06 -51.00 23.27
N THR B 157 3.85 -51.42 22.88
CA THR B 157 3.56 -52.82 22.64
C THR B 157 2.93 -53.05 21.27
N PRO B 158 3.61 -53.83 20.42
CA PRO B 158 3.26 -54.04 19.01
C PRO B 158 1.80 -54.42 18.77
N HIS B 159 1.33 -54.21 17.54
CA HIS B 159 0.01 -54.68 17.11
C HIS B 159 -1.18 -54.02 17.83
N LEU B 160 -0.92 -52.99 18.62
CA LEU B 160 -1.99 -52.25 19.27
C LEU B 160 -1.94 -50.75 19.00
N LYS B 161 -3.05 -50.07 19.32
CA LYS B 161 -3.24 -48.66 18.94
C LYS B 161 -3.07 -47.69 20.11
N TYR B 162 -2.64 -46.47 19.78
CA TYR B 162 -2.41 -45.42 20.78
C TYR B 162 -2.93 -44.06 20.26
N TYR B 163 -2.73 -43.02 21.03
CA TYR B 163 -3.20 -41.69 20.66
C TYR B 163 -2.22 -40.59 21.05
N VAL B 164 -1.36 -40.18 20.12
CA VAL B 164 -0.48 -39.05 20.36
C VAL B 164 -1.26 -37.76 20.12
N ALA B 165 -1.13 -36.81 21.03
CA ALA B 165 -1.88 -35.57 20.93
C ALA B 165 -1.06 -34.38 21.40
N MET B 166 -1.15 -33.27 20.64
CA MET B 166 -0.40 -32.07 20.97
C MET B 166 -1.17 -30.80 20.71
N ASP B 167 -0.76 -29.74 21.41
CA ASP B 167 -1.19 -28.39 21.10
C ASP B 167 0.02 -27.65 20.56
N PHE B 168 -0.09 -27.13 19.34
CA PHE B 168 1.00 -26.38 18.73
C PHE B 168 0.54 -25.00 18.30
N GLN B 169 1.48 -24.19 17.84
CA GLN B 169 1.15 -22.85 17.37
C GLN B 169 2.32 -22.20 16.66
N ALA B 170 2.02 -21.16 15.88
CA ALA B 170 3.01 -20.45 15.10
C ALA B 170 2.34 -19.26 14.41
N LYS B 171 3.14 -18.41 13.81
CA LYS B 171 2.60 -17.30 13.03
C LYS B 171 2.32 -17.76 11.60
N LEU B 172 1.31 -17.16 10.98
CA LEU B 172 1.02 -17.50 9.60
C LEU B 172 2.27 -17.32 8.76
N GLY B 173 2.44 -18.17 7.75
CA GLY B 173 3.60 -18.14 6.89
C GLY B 173 3.94 -16.77 6.33
N ASP B 174 5.23 -16.43 6.43
CA ASP B 174 5.75 -15.18 5.88
C ASP B 174 5.91 -15.34 4.37
N GLY B 175 6.44 -16.49 3.95
CA GLY B 175 6.71 -16.77 2.54
C GLY B 175 5.55 -17.38 1.78
N PHE B 176 5.83 -18.46 1.05
CA PHE B 176 4.82 -19.09 0.21
C PHE B 176 4.61 -20.56 0.57
N GLU B 177 4.85 -20.92 1.82
CA GLU B 177 4.89 -22.33 2.20
C GLU B 177 4.22 -22.63 3.52
N GLY B 178 3.84 -23.88 3.72
CA GLY B 178 3.10 -24.30 4.89
C GLY B 178 1.76 -23.57 4.98
N PHE B 179 1.40 -23.17 6.18
CA PHE B 179 0.19 -22.41 6.41
C PHE B 179 0.52 -20.93 6.39
N TYR B 180 0.30 -20.29 5.26
CA TYR B 180 0.79 -18.92 5.10
C TYR B 180 -0.30 -17.87 4.89
N LYS B 181 0.15 -16.63 4.69
CA LYS B 181 -0.73 -15.49 4.56
C LYS B 181 -0.62 -14.88 3.16
N SER B 182 -1.75 -14.39 2.64
CA SER B 182 -1.77 -13.79 1.32
C SER B 182 -2.80 -12.66 1.25
N THR B 183 -2.64 -11.78 0.26
CA THR B 183 -3.51 -10.62 0.13
C THR B 183 -3.97 -10.43 -1.30
N TYR B 184 -4.90 -9.50 -1.49
CA TYR B 184 -5.32 -9.10 -2.82
C TYR B 184 -6.01 -7.75 -2.77
N ARG B 185 -5.96 -7.02 -3.88
CA ARG B 185 -6.71 -5.77 -3.99
C ARG B 185 -8.15 -6.06 -4.37
N THR B 186 -9.04 -5.13 -4.05
CA THR B 186 -10.43 -5.27 -4.46
C THR B 186 -10.77 -4.22 -5.51
N LEU B 187 -12.02 -4.23 -5.96
CA LEU B 187 -12.45 -3.30 -7.00
C LEU B 187 -12.45 -1.85 -6.50
N GLY B 188 -12.44 -1.68 -5.18
CA GLY B 188 -12.44 -0.35 -4.60
C GLY B 188 -11.04 0.09 -4.18
N GLY B 189 -10.10 -0.83 -4.18
CA GLY B 189 -8.75 -0.53 -3.75
C GLY B 189 -8.53 -0.91 -2.30
N GLU B 190 -9.13 -2.03 -1.89
CA GLU B 190 -8.97 -2.55 -0.53
C GLU B 190 -8.10 -3.80 -0.51
N THR B 191 -7.21 -3.88 0.46
CA THR B 191 -6.39 -5.07 0.66
C THR B 191 -7.10 -6.01 1.61
N ARG B 192 -7.18 -7.27 1.24
CA ARG B 192 -7.76 -8.27 2.14
C ARG B 192 -6.85 -9.49 2.30
N ILE B 193 -6.93 -10.11 3.46
CA ILE B 193 -6.04 -11.21 3.79
C ILE B 193 -6.76 -12.55 3.78
N LEU B 194 -6.01 -13.61 3.49
CA LEU B 194 -6.50 -14.98 3.55
C LEU B 194 -5.39 -15.88 4.03
N ALA B 195 -5.76 -16.99 4.66
CA ALA B 195 -4.77 -17.96 5.11
C ALA B 195 -4.90 -19.22 4.29
N VAL B 196 -3.81 -19.65 3.68
CA VAL B 196 -3.82 -20.83 2.82
C VAL B 196 -2.64 -21.77 3.07
N THR B 197 -2.85 -23.06 2.83
CA THR B 197 -1.79 -24.05 3.01
C THR B 197 -1.18 -24.48 1.67
N ASP B 198 0.11 -24.76 1.67
CA ASP B 198 0.79 -25.32 0.51
C ASP B 198 1.94 -26.19 0.99
N PHE B 199 1.83 -27.50 0.77
CA PHE B 199 2.65 -28.45 1.51
C PHE B 199 3.72 -29.25 0.75
N GLU B 200 3.52 -29.49 -0.55
CA GLU B 200 4.47 -30.34 -1.26
C GLU B 200 5.85 -29.69 -1.44
N PRO B 201 6.91 -30.43 -1.11
CA PRO B 201 6.82 -31.82 -0.64
C PRO B 201 6.99 -31.99 0.86
N THR B 202 7.68 -31.06 1.51
CA THR B 202 8.09 -31.22 2.89
C THR B 202 7.67 -30.05 3.78
N GLN B 203 6.43 -29.57 3.64
CA GLN B 203 6.00 -28.40 4.42
C GLN B 203 4.74 -28.59 5.26
N ALA B 204 4.12 -29.76 5.16
CA ALA B 204 2.96 -30.05 6.01
C ALA B 204 3.40 -30.10 7.47
N ARG B 205 4.71 -30.11 7.67
CA ARG B 205 5.30 -30.24 9.00
C ARG B 205 5.46 -28.87 9.63
N MET B 206 5.14 -27.85 8.84
CA MET B 206 5.20 -26.46 9.30
C MET B 206 3.80 -25.98 9.68
N ALA B 207 2.81 -26.81 9.39
CA ALA B 207 1.42 -26.53 9.73
C ALA B 207 0.99 -27.39 10.91
N PHE B 208 1.37 -28.66 10.88
CA PHE B 208 1.11 -29.55 12.01
C PHE B 208 2.15 -30.65 12.08
N PRO B 209 2.55 -31.02 13.29
CA PRO B 209 3.52 -32.10 13.44
C PRO B 209 2.88 -33.36 12.88
N CYS B 210 3.61 -34.09 12.06
CA CYS B 210 3.05 -35.27 11.43
C CYS B 210 4.14 -36.18 10.88
N PHE B 211 3.74 -37.39 10.49
CA PHE B 211 4.63 -38.29 9.79
C PHE B 211 4.60 -37.87 8.32
N ASP B 212 5.53 -36.99 7.97
CA ASP B 212 5.48 -36.22 6.73
C ASP B 212 6.28 -36.85 5.60
N GLU B 213 5.96 -38.11 5.28
CA GLU B 213 6.47 -38.77 4.10
C GLU B 213 5.27 -39.37 3.38
N PRO B 214 5.25 -39.27 2.04
CA PRO B 214 4.08 -39.61 1.23
C PRO B 214 3.44 -40.94 1.63
N LEU B 215 4.28 -41.92 1.97
CA LEU B 215 3.78 -43.26 2.27
C LEU B 215 2.83 -43.26 3.48
N PHE B 216 3.29 -42.75 4.61
CA PHE B 216 2.46 -42.66 5.81
C PHE B 216 1.15 -41.93 5.53
N LYS B 217 0.12 -42.70 5.17
CA LYS B 217 -1.19 -42.15 4.86
C LYS B 217 -2.14 -42.29 6.04
N ALA B 218 -3.30 -41.65 5.94
CA ALA B 218 -4.29 -41.65 7.01
C ALA B 218 -5.56 -40.91 6.61
N ASN B 219 -6.54 -40.90 7.51
CA ASN B 219 -7.75 -40.14 7.31
C ASN B 219 -7.62 -38.85 8.12
N PHE B 220 -8.13 -37.75 7.60
CA PHE B 220 -7.97 -36.47 8.28
C PHE B 220 -9.31 -35.85 8.69
N SER B 221 -9.48 -35.62 9.99
CA SER B 221 -10.65 -34.91 10.46
C SER B 221 -10.29 -33.45 10.73
N ILE B 222 -10.78 -32.55 9.88
CA ILE B 222 -10.38 -31.14 9.93
C ILE B 222 -11.49 -30.23 10.47
N LYS B 223 -11.21 -29.57 11.60
CA LYS B 223 -12.10 -28.54 12.14
C LYS B 223 -11.39 -27.19 12.15
N ILE B 224 -12.07 -26.17 11.63
CA ILE B 224 -11.49 -24.84 11.51
C ILE B 224 -12.35 -23.78 12.21
N ARG B 225 -11.74 -23.03 13.13
CA ARG B 225 -12.44 -21.95 13.83
C ARG B 225 -12.21 -20.63 13.10
N ARG B 226 -13.30 -19.90 12.84
CA ARG B 226 -13.23 -18.69 12.01
C ARG B 226 -14.27 -17.64 12.40
N GLU B 227 -14.05 -16.43 11.92
CA GLU B 227 -15.03 -15.35 12.10
C GLU B 227 -16.12 -15.51 11.06
N SER B 228 -17.21 -14.78 11.24
CA SER B 228 -18.33 -14.83 10.30
C SER B 228 -17.94 -14.30 8.93
N ARG B 229 -17.06 -13.30 8.92
CA ARG B 229 -16.67 -12.65 7.67
C ARG B 229 -15.95 -13.60 6.73
N HIS B 230 -15.69 -14.81 7.21
CA HIS B 230 -14.87 -15.75 6.45
C HIS B 230 -15.56 -17.07 6.17
N ILE B 231 -15.03 -17.78 5.20
CA ILE B 231 -15.41 -19.16 4.95
C ILE B 231 -14.16 -20.00 5.17
N ALA B 232 -14.36 -21.26 5.52
CA ALA B 232 -13.24 -22.18 5.64
C ALA B 232 -13.43 -23.27 4.59
N LEU B 233 -12.39 -23.51 3.80
CA LEU B 233 -12.39 -24.58 2.80
C LEU B 233 -11.37 -25.62 3.19
N SER B 234 -11.66 -26.88 2.90
CA SER B 234 -10.70 -27.96 3.09
C SER B 234 -10.91 -28.99 1.99
N ASN B 235 -10.24 -30.13 2.12
CA ASN B 235 -10.33 -31.18 1.10
C ASN B 235 -11.76 -31.68 0.89
N MET B 236 -12.46 -31.89 2.00
CA MET B 236 -13.79 -32.49 1.98
C MET B 236 -14.90 -31.44 2.10
N PRO B 237 -16.15 -31.85 1.88
CA PRO B 237 -17.33 -31.00 2.11
C PRO B 237 -17.49 -30.67 3.60
N LYS B 238 -18.33 -29.69 3.90
CA LYS B 238 -18.52 -29.27 5.29
C LYS B 238 -19.78 -29.87 5.92
N VAL B 239 -19.59 -30.69 6.95
CA VAL B 239 -20.69 -31.30 7.69
C VAL B 239 -21.52 -30.24 8.41
N LYS B 240 -21.03 -29.77 9.55
CA LYS B 240 -21.75 -28.77 10.32
C LYS B 240 -20.95 -27.49 10.56
N THR B 241 -21.63 -26.46 11.02
CA THR B 241 -20.99 -25.21 11.44
C THR B 241 -21.58 -24.76 12.77
N ILE B 242 -20.86 -25.03 13.86
CA ILE B 242 -21.37 -24.72 15.19
C ILE B 242 -20.97 -23.32 15.64
N GLU B 243 -21.96 -22.44 15.81
CA GLU B 243 -21.68 -21.10 16.31
C GLU B 243 -21.05 -21.22 17.70
N LEU B 244 -20.32 -20.20 18.12
CA LEU B 244 -19.61 -20.28 19.40
C LEU B 244 -19.98 -19.14 20.34
N GLU B 245 -19.34 -19.11 21.50
CA GLU B 245 -19.65 -18.14 22.54
C GLU B 245 -19.69 -16.69 22.02
N GLY B 246 -18.51 -16.09 21.84
CA GLY B 246 -18.40 -14.68 21.54
C GLY B 246 -18.74 -14.31 20.12
N GLY B 247 -19.32 -15.24 19.37
CA GLY B 247 -19.76 -14.95 18.01
C GLY B 247 -18.84 -15.52 16.94
N LEU B 248 -18.05 -16.51 17.32
CA LEU B 248 -17.18 -17.18 16.37
C LEU B 248 -17.87 -18.43 15.85
N LEU B 249 -17.45 -18.91 14.67
CA LEU B 249 -18.02 -20.11 14.09
C LEU B 249 -16.95 -21.17 13.89
N GLU B 250 -17.37 -22.43 13.82
CA GLU B 250 -16.43 -23.53 13.71
C GLU B 250 -16.96 -24.58 12.74
N ASP B 251 -16.21 -24.78 11.65
CA ASP B 251 -16.64 -25.66 10.57
C ASP B 251 -16.06 -27.05 10.72
N HIS B 252 -16.89 -28.06 10.48
CA HIS B 252 -16.48 -29.46 10.52
C HIS B 252 -16.50 -30.02 9.10
N PHE B 253 -15.44 -30.74 8.74
CA PHE B 253 -15.32 -31.27 7.39
C PHE B 253 -15.29 -32.80 7.39
N GLU B 254 -15.84 -33.39 6.34
CA GLU B 254 -15.90 -34.84 6.17
C GLU B 254 -14.52 -35.46 6.35
N THR B 255 -14.47 -36.66 6.90
CA THR B 255 -13.20 -37.35 7.05
C THR B 255 -12.70 -37.82 5.69
N THR B 256 -11.43 -37.55 5.42
CA THR B 256 -10.83 -37.85 4.13
C THR B 256 -10.43 -39.31 4.02
N VAL B 257 -10.39 -39.81 2.79
CA VAL B 257 -9.87 -41.13 2.52
C VAL B 257 -8.42 -41.19 2.99
N LYS B 258 -7.79 -42.35 2.91
CA LYS B 258 -6.38 -42.47 3.23
C LYS B 258 -5.57 -41.69 2.19
N MET B 259 -4.85 -40.67 2.64
CA MET B 259 -4.05 -39.83 1.75
C MET B 259 -2.76 -39.37 2.41
N SER B 260 -1.82 -38.88 1.61
CA SER B 260 -0.52 -38.44 2.13
C SER B 260 -0.58 -37.01 2.65
N THR B 261 0.28 -36.71 3.61
CA THR B 261 0.27 -35.41 4.28
C THR B 261 0.26 -34.24 3.31
N TYR B 262 1.11 -34.32 2.30
CA TYR B 262 1.32 -33.20 1.39
C TYR B 262 0.08 -32.81 0.58
N LEU B 263 -1.06 -33.42 0.86
CA LEU B 263 -2.30 -33.09 0.15
C LEU B 263 -3.38 -32.48 1.05
N VAL B 264 -3.11 -32.43 2.35
CA VAL B 264 -4.02 -31.76 3.28
C VAL B 264 -4.09 -30.27 2.98
N ALA B 265 -5.30 -29.77 2.75
CA ALA B 265 -5.47 -28.36 2.45
C ALA B 265 -6.56 -27.73 3.31
N TYR B 266 -6.35 -26.50 3.74
CA TYR B 266 -7.40 -25.72 4.35
C TYR B 266 -7.14 -24.22 4.18
N ILE B 267 -8.21 -23.49 3.91
CA ILE B 267 -8.10 -22.08 3.58
C ILE B 267 -9.21 -21.33 4.29
N VAL B 268 -8.87 -20.18 4.86
CA VAL B 268 -9.90 -19.28 5.34
C VAL B 268 -9.81 -17.97 4.58
N CYS B 269 -10.95 -17.56 4.02
CA CYS B 269 -10.98 -16.41 3.13
C CYS B 269 -12.41 -15.90 2.98
N ASP B 270 -12.58 -14.92 2.12
CA ASP B 270 -13.90 -14.38 1.82
C ASP B 270 -14.16 -14.48 0.32
N PHE B 271 -14.18 -15.70 -0.19
CA PHE B 271 -14.27 -15.93 -1.64
C PHE B 271 -15.66 -16.29 -2.13
N HIS B 272 -16.06 -15.71 -3.26
CA HIS B 272 -17.29 -16.10 -3.94
C HIS B 272 -16.97 -17.06 -5.08
N SER B 273 -17.89 -18.00 -5.31
CA SER B 273 -17.62 -19.09 -6.25
C SER B 273 -18.78 -19.37 -7.21
N LEU B 274 -18.43 -19.96 -8.35
CA LEU B 274 -19.41 -20.49 -9.29
C LEU B 274 -19.50 -22.00 -9.09
N SER B 275 -20.72 -22.52 -9.08
CA SER B 275 -20.93 -23.92 -8.75
C SER B 275 -21.65 -24.66 -9.86
N GLY B 276 -21.32 -25.93 -10.02
CA GLY B 276 -21.93 -26.77 -11.03
C GLY B 276 -21.75 -28.22 -10.68
N PHE B 277 -22.53 -29.08 -11.32
CA PHE B 277 -22.46 -30.52 -11.11
C PHE B 277 -22.09 -31.23 -12.40
N THR B 278 -21.08 -32.10 -12.34
CA THR B 278 -20.62 -32.83 -13.52
C THR B 278 -21.68 -33.82 -14.00
N SER B 279 -21.25 -34.85 -14.71
CA SER B 279 -22.15 -35.93 -15.11
C SER B 279 -22.47 -36.83 -13.92
N SER B 280 -21.42 -37.20 -13.18
CA SER B 280 -21.57 -38.03 -11.99
C SER B 280 -21.99 -37.20 -10.78
N GLY B 281 -22.40 -35.96 -11.03
CA GLY B 281 -23.00 -35.13 -10.00
C GLY B 281 -22.06 -34.48 -9.01
N VAL B 282 -20.76 -34.73 -9.17
CA VAL B 282 -19.75 -34.10 -8.33
C VAL B 282 -19.90 -32.60 -8.38
N LYS B 283 -19.99 -31.96 -7.21
CA LYS B 283 -20.12 -30.51 -7.19
C LYS B 283 -18.78 -29.82 -7.39
N VAL B 284 -18.62 -29.27 -8.58
CA VAL B 284 -17.43 -28.51 -8.94
C VAL B 284 -17.68 -27.03 -8.67
N SER B 285 -16.84 -26.45 -7.83
CA SER B 285 -16.98 -25.05 -7.48
C SER B 285 -15.68 -24.33 -7.82
N ILE B 286 -15.80 -23.09 -8.28
CA ILE B 286 -14.63 -22.29 -8.66
C ILE B 286 -14.55 -21.02 -7.82
N TYR B 287 -13.66 -21.05 -6.82
CA TYR B 287 -13.51 -19.96 -5.87
C TYR B 287 -12.49 -18.92 -6.33
N ALA B 288 -12.75 -17.67 -6.01
CA ALA B 288 -11.84 -16.57 -6.34
C ALA B 288 -12.28 -15.29 -5.64
N SER B 289 -11.63 -14.16 -5.96
CA SER B 289 -12.04 -12.89 -5.38
C SER B 289 -13.54 -12.74 -5.51
N PRO B 290 -14.12 -11.80 -4.75
CA PRO B 290 -15.51 -11.45 -4.98
C PRO B 290 -15.60 -10.73 -6.32
N ASP B 291 -14.66 -9.80 -6.54
CA ASP B 291 -14.68 -8.94 -7.72
C ASP B 291 -14.24 -9.66 -9.00
N LYS B 292 -13.80 -10.90 -8.88
CA LYS B 292 -13.30 -11.64 -10.04
C LYS B 292 -14.14 -12.87 -10.39
N ARG B 293 -15.32 -12.99 -9.79
CA ARG B 293 -16.15 -14.18 -10.01
C ARG B 293 -16.57 -14.31 -11.47
N ASN B 294 -16.56 -13.20 -12.20
CA ASN B 294 -16.88 -13.21 -13.62
C ASN B 294 -15.88 -14.03 -14.45
N GLN B 295 -14.65 -14.12 -13.95
CA GLN B 295 -13.58 -14.78 -14.70
C GLN B 295 -13.54 -16.29 -14.45
N THR B 296 -14.37 -16.76 -13.53
CA THR B 296 -14.39 -18.18 -13.19
C THR B 296 -15.20 -18.99 -14.20
N HIS B 297 -15.89 -18.29 -15.09
CA HIS B 297 -16.81 -18.94 -16.02
C HIS B 297 -16.18 -20.04 -16.87
N TYR B 298 -15.12 -19.69 -17.61
CA TYR B 298 -14.48 -20.70 -18.44
C TYR B 298 -14.06 -21.90 -17.58
N ALA B 299 -13.30 -21.61 -16.54
CA ALA B 299 -12.70 -22.67 -15.73
C ALA B 299 -13.75 -23.68 -15.26
N LEU B 300 -14.97 -23.20 -15.05
CA LEU B 300 -16.06 -24.06 -14.62
C LEU B 300 -16.47 -24.99 -15.74
N GLN B 301 -16.68 -24.44 -16.93
CA GLN B 301 -16.97 -25.26 -18.10
C GLN B 301 -15.92 -26.36 -18.26
N ALA B 302 -14.67 -25.96 -18.43
CA ALA B 302 -13.58 -26.88 -18.73
C ALA B 302 -13.32 -27.94 -17.66
N SER B 303 -13.46 -27.55 -16.39
CA SER B 303 -13.20 -28.47 -15.28
C SER B 303 -14.30 -29.52 -15.16
N LEU B 304 -15.51 -29.13 -15.55
CA LEU B 304 -16.63 -30.06 -15.57
C LEU B 304 -16.39 -31.10 -16.67
N LYS B 305 -16.26 -30.63 -17.90
CA LYS B 305 -15.93 -31.48 -19.05
C LYS B 305 -14.76 -32.42 -18.78
N LEU B 306 -13.71 -31.88 -18.18
CA LEU B 306 -12.47 -32.62 -17.98
C LEU B 306 -12.59 -33.72 -16.94
N LEU B 307 -13.23 -33.42 -15.81
CA LEU B 307 -13.42 -34.44 -14.79
C LEU B 307 -14.24 -35.59 -15.38
N ASP B 308 -15.28 -35.24 -16.13
CA ASP B 308 -16.10 -36.24 -16.82
C ASP B 308 -15.24 -37.19 -17.63
N PHE B 309 -14.58 -36.65 -18.66
CA PHE B 309 -13.66 -37.44 -19.47
C PHE B 309 -12.80 -38.34 -18.59
N TYR B 310 -12.19 -37.76 -17.57
CA TYR B 310 -11.29 -38.50 -16.72
C TYR B 310 -11.99 -39.69 -16.07
N GLU B 311 -13.21 -39.46 -15.60
CA GLU B 311 -14.00 -40.51 -14.97
C GLU B 311 -14.24 -41.67 -15.94
N LYS B 312 -14.54 -41.34 -17.20
CA LYS B 312 -14.77 -42.35 -18.21
C LYS B 312 -13.47 -43.03 -18.61
N TYR B 313 -12.57 -42.26 -19.21
CA TYR B 313 -11.28 -42.78 -19.65
C TYR B 313 -10.62 -43.63 -18.56
N PHE B 314 -10.82 -43.23 -17.30
CA PHE B 314 -10.20 -43.94 -16.18
C PHE B 314 -11.05 -45.06 -15.61
N ASP B 315 -12.34 -45.07 -15.93
CA ASP B 315 -13.27 -46.07 -15.40
C ASP B 315 -13.32 -46.03 -13.88
N ILE B 316 -12.75 -44.96 -13.30
CA ILE B 316 -12.78 -44.76 -11.86
C ILE B 316 -13.45 -43.43 -11.51
N TYR B 317 -14.43 -43.49 -10.62
CA TYR B 317 -15.16 -42.29 -10.20
C TYR B 317 -14.30 -41.41 -9.31
N TYR B 318 -14.59 -40.11 -9.32
CA TYR B 318 -13.98 -39.18 -8.39
C TYR B 318 -14.71 -39.32 -7.06
N PRO B 319 -14.02 -39.86 -6.05
CA PRO B 319 -14.63 -40.30 -4.78
C PRO B 319 -15.49 -39.22 -4.09
N LEU B 320 -14.96 -38.00 -4.01
CA LEU B 320 -15.59 -36.95 -3.21
C LEU B 320 -16.82 -36.35 -3.89
N SER B 321 -17.77 -35.89 -3.07
CA SER B 321 -18.99 -35.27 -3.59
C SER B 321 -18.73 -33.83 -4.04
N LYS B 322 -17.53 -33.33 -3.75
CA LYS B 322 -17.17 -31.98 -4.13
C LYS B 322 -15.72 -31.88 -4.58
N LEU B 323 -15.50 -31.16 -5.66
CA LEU B 323 -14.16 -30.75 -6.05
C LEU B 323 -14.13 -29.24 -6.16
N ASP B 324 -13.08 -28.63 -5.64
CA ASP B 324 -12.94 -27.18 -5.66
C ASP B 324 -11.67 -26.71 -6.35
N LEU B 325 -11.79 -25.61 -7.08
CA LEU B 325 -10.66 -24.95 -7.70
C LEU B 325 -10.64 -23.52 -7.20
N ILE B 326 -9.56 -23.11 -6.55
CA ILE B 326 -9.50 -21.77 -5.98
C ILE B 326 -8.30 -20.96 -6.46
N ALA B 327 -8.57 -19.78 -7.00
CA ALA B 327 -7.55 -18.90 -7.54
C ALA B 327 -6.88 -18.09 -6.45
N ILE B 328 -5.75 -18.58 -5.96
CA ILE B 328 -5.03 -17.92 -4.89
C ILE B 328 -4.19 -16.77 -5.42
N PRO B 329 -4.44 -15.55 -4.91
CA PRO B 329 -3.70 -14.33 -5.24
C PRO B 329 -2.19 -14.50 -5.24
N ASP B 330 -1.61 -14.89 -4.10
CA ASP B 330 -0.17 -15.11 -3.99
C ASP B 330 0.18 -16.59 -3.93
N PHE B 331 0.56 -17.15 -5.07
CA PHE B 331 0.80 -18.59 -5.12
C PHE B 331 2.10 -18.91 -5.87
N ALA B 332 2.97 -19.67 -5.22
CA ALA B 332 4.31 -19.93 -5.75
C ALA B 332 4.38 -20.91 -6.93
N PRO B 333 3.64 -22.04 -6.86
CA PRO B 333 3.58 -22.93 -8.01
C PRO B 333 2.48 -22.52 -8.97
N GLY B 334 2.54 -23.00 -10.21
CA GLY B 334 1.48 -22.74 -11.16
C GLY B 334 0.13 -23.24 -10.63
N ALA B 335 0.18 -24.31 -9.85
CA ALA B 335 -1.01 -24.87 -9.19
C ALA B 335 -0.62 -25.96 -8.19
N MET B 336 -1.60 -26.58 -7.55
CA MET B 336 -1.32 -27.68 -6.64
C MET B 336 -2.55 -28.55 -6.43
N GLU B 337 -2.36 -29.87 -6.53
CA GLU B 337 -3.48 -30.81 -6.68
C GLU B 337 -4.10 -31.34 -5.39
N ASN B 338 -4.08 -30.53 -4.33
CA ASN B 338 -4.66 -30.97 -3.06
C ASN B 338 -6.01 -31.66 -3.30
N TRP B 339 -6.18 -32.86 -2.76
CA TRP B 339 -7.38 -33.64 -3.02
C TRP B 339 -8.64 -32.88 -2.64
N GLY B 340 -9.49 -32.59 -3.62
CA GLY B 340 -10.76 -31.94 -3.36
C GLY B 340 -10.66 -30.45 -3.22
N LEU B 341 -9.44 -29.94 -3.07
CA LEU B 341 -9.20 -28.50 -2.92
C LEU B 341 -7.93 -28.07 -3.66
N ILE B 342 -8.11 -27.70 -4.93
CA ILE B 342 -6.98 -27.46 -5.83
C ILE B 342 -6.68 -25.97 -6.00
N THR B 343 -5.48 -25.60 -5.59
CA THR B 343 -5.04 -24.21 -5.61
C THR B 343 -4.37 -23.84 -6.93
N TYR B 344 -4.79 -22.73 -7.52
CA TYR B 344 -4.21 -22.21 -8.75
C TYR B 344 -3.71 -20.79 -8.57
N ARG B 345 -2.72 -20.41 -9.39
CA ARG B 345 -2.42 -19.00 -9.59
C ARG B 345 -3.59 -18.49 -10.40
N GLU B 346 -3.89 -17.21 -10.28
CA GLU B 346 -5.01 -16.62 -11.00
C GLU B 346 -4.80 -16.69 -12.52
N THR B 347 -3.56 -16.89 -12.94
CA THR B 347 -3.24 -17.01 -14.36
C THR B 347 -3.37 -18.44 -14.87
N SER B 348 -3.41 -19.39 -13.94
CA SER B 348 -3.62 -20.78 -14.27
C SER B 348 -5.10 -21.17 -14.26
N LEU B 349 -5.97 -20.20 -14.01
CA LEU B 349 -7.38 -20.54 -13.74
C LEU B 349 -8.38 -19.48 -14.21
N LEU B 350 -8.00 -18.22 -14.10
CA LEU B 350 -8.93 -17.13 -14.36
C LEU B 350 -8.84 -16.61 -15.80
N PHE B 351 -9.93 -16.78 -16.54
CA PHE B 351 -9.99 -16.32 -17.92
C PHE B 351 -11.09 -15.29 -18.09
N ASP B 352 -10.78 -14.21 -18.80
CA ASP B 352 -11.80 -13.25 -19.21
C ASP B 352 -11.61 -12.89 -20.68
N PRO B 353 -12.71 -12.85 -21.44
CA PRO B 353 -12.67 -12.54 -22.88
C PRO B 353 -11.82 -11.32 -23.22
N LYS B 354 -12.21 -10.14 -22.73
CA LYS B 354 -11.56 -8.89 -23.12
C LYS B 354 -10.04 -8.94 -23.08
N THR B 355 -9.49 -9.71 -22.16
CA THR B 355 -8.06 -9.64 -21.88
C THR B 355 -7.30 -10.94 -22.07
N SER B 356 -7.99 -12.07 -22.02
CA SER B 356 -7.32 -13.35 -22.20
C SER B 356 -7.35 -13.81 -23.67
N SER B 357 -6.27 -14.45 -24.10
CA SER B 357 -6.09 -14.78 -25.52
C SER B 357 -6.14 -16.28 -25.83
N ALA B 358 -5.77 -16.62 -27.06
CA ALA B 358 -5.73 -18.00 -27.53
C ALA B 358 -4.81 -18.84 -26.65
N SER B 359 -3.56 -18.36 -26.52
CA SER B 359 -2.54 -19.06 -25.73
C SER B 359 -2.95 -19.11 -24.28
N ASP B 360 -3.42 -17.98 -23.76
CA ASP B 360 -3.94 -17.92 -22.39
C ASP B 360 -4.99 -19.00 -22.20
N LYS B 361 -5.99 -19.00 -23.08
CA LYS B 361 -7.05 -19.98 -23.03
C LYS B 361 -6.49 -21.41 -22.97
N LEU B 362 -5.58 -21.71 -23.87
CA LEU B 362 -5.00 -23.06 -23.93
C LEU B 362 -4.24 -23.38 -22.65
N TRP B 363 -3.51 -22.39 -22.15
CA TRP B 363 -2.74 -22.53 -20.92
C TRP B 363 -3.59 -23.03 -19.76
N VAL B 364 -4.58 -22.23 -19.36
CA VAL B 364 -5.41 -22.60 -18.22
C VAL B 364 -6.07 -23.97 -18.43
N THR B 365 -6.55 -24.20 -19.65
CA THR B 365 -7.12 -25.49 -20.01
C THR B 365 -6.12 -26.60 -19.67
N ARG B 366 -4.86 -26.38 -20.00
CA ARG B 366 -3.82 -27.38 -19.77
C ARG B 366 -3.63 -27.68 -18.29
N VAL B 367 -3.39 -26.64 -17.50
CA VAL B 367 -3.10 -26.83 -16.09
C VAL B 367 -4.29 -27.41 -15.34
N ILE B 368 -5.50 -27.01 -15.76
CA ILE B 368 -6.69 -27.59 -15.17
C ILE B 368 -6.69 -29.09 -15.39
N ALA B 369 -6.44 -29.49 -16.63
CA ALA B 369 -6.35 -30.91 -16.97
C ALA B 369 -5.26 -31.58 -16.16
N HIS B 370 -4.10 -30.93 -16.09
CA HIS B 370 -2.97 -31.44 -15.33
C HIS B 370 -3.37 -31.73 -13.88
N GLU B 371 -4.13 -30.80 -13.30
CA GLU B 371 -4.46 -30.89 -11.88
C GLU B 371 -5.55 -31.91 -11.60
N LEU B 372 -6.50 -32.05 -12.52
CA LEU B 372 -7.53 -33.07 -12.40
C LEU B 372 -6.92 -34.47 -12.56
N ALA B 373 -6.07 -34.62 -13.57
CA ALA B 373 -5.34 -35.87 -13.81
C ALA B 373 -4.66 -36.32 -12.53
N HIS B 374 -4.20 -35.35 -11.75
CA HIS B 374 -3.49 -35.62 -10.51
C HIS B 374 -4.40 -36.27 -9.46
N GLN B 375 -5.70 -36.01 -9.58
CA GLN B 375 -6.65 -36.58 -8.64
C GLN B 375 -6.54 -38.11 -8.63
N TRP B 376 -6.36 -38.69 -9.82
CA TRP B 376 -6.12 -40.12 -9.95
C TRP B 376 -4.63 -40.41 -9.91
N PHE B 377 -3.87 -39.69 -10.72
CA PHE B 377 -2.42 -39.84 -10.80
C PHE B 377 -1.70 -39.01 -9.73
N GLY B 378 -1.32 -39.64 -8.63
CA GLY B 378 -0.63 -38.97 -7.56
C GLY B 378 -1.42 -38.96 -6.27
N ASN B 379 -2.63 -38.41 -6.34
CA ASN B 379 -3.54 -38.38 -5.19
C ASN B 379 -3.99 -39.77 -4.75
N LEU B 380 -4.70 -40.47 -5.65
CA LEU B 380 -5.15 -41.83 -5.43
C LEU B 380 -3.95 -42.77 -5.26
N VAL B 381 -3.13 -42.88 -6.30
CA VAL B 381 -1.93 -43.71 -6.28
C VAL B 381 -0.69 -42.88 -5.99
N THR B 382 -0.32 -42.78 -4.72
CA THR B 382 0.82 -41.95 -4.34
C THR B 382 2.14 -42.68 -4.60
N MET B 383 3.07 -41.99 -5.27
CA MET B 383 4.43 -42.50 -5.39
C MET B 383 4.91 -42.90 -4.00
N GLU B 384 5.65 -43.99 -3.90
CA GLU B 384 6.13 -44.46 -2.59
C GLU B 384 7.03 -43.43 -1.92
N TRP B 385 7.95 -42.85 -2.68
CA TRP B 385 8.87 -41.85 -2.16
C TRP B 385 9.30 -40.87 -3.25
N TRP B 386 9.89 -39.75 -2.85
CA TRP B 386 10.22 -38.68 -3.77
C TRP B 386 11.34 -39.04 -4.75
N ASN B 387 11.64 -40.34 -4.83
CA ASN B 387 12.54 -40.84 -5.87
C ASN B 387 11.75 -41.12 -7.15
N ASP B 388 10.58 -41.72 -6.98
CA ASP B 388 9.67 -41.94 -8.09
C ASP B 388 8.63 -40.81 -8.15
N ILE B 389 9.11 -39.59 -7.95
CA ILE B 389 8.27 -38.41 -8.10
C ILE B 389 7.67 -38.38 -9.51
N TRP B 390 8.47 -38.85 -10.47
CA TRP B 390 8.07 -38.85 -11.87
C TRP B 390 6.77 -39.64 -12.07
N LEU B 391 6.57 -40.69 -11.27
CA LEU B 391 5.36 -41.50 -11.37
C LEU B 391 4.14 -40.61 -11.51
N LYS B 392 4.15 -39.53 -10.73
CA LYS B 392 3.02 -38.62 -10.57
C LYS B 392 3.11 -37.47 -11.57
N GLU B 393 4.28 -36.85 -11.66
CA GLU B 393 4.46 -35.66 -12.47
C GLU B 393 4.69 -36.00 -13.94
N GLY B 394 5.30 -37.15 -14.20
CA GLY B 394 5.48 -37.62 -15.56
C GLY B 394 4.15 -37.96 -16.19
N PHE B 395 3.35 -38.76 -15.48
CA PHE B 395 2.02 -39.13 -15.95
C PHE B 395 1.07 -37.95 -16.11
N ALA B 396 0.97 -37.14 -15.06
CA ALA B 396 0.10 -35.96 -15.10
C ALA B 396 0.47 -35.06 -16.27
N LYS B 397 1.77 -34.87 -16.47
CA LYS B 397 2.26 -34.10 -17.60
C LYS B 397 1.76 -34.73 -18.90
N TYR B 398 1.81 -36.06 -18.94
CA TYR B 398 1.38 -36.82 -20.12
C TYR B 398 -0.13 -36.73 -20.31
N MET B 399 -0.88 -36.91 -19.24
CA MET B 399 -2.35 -36.92 -19.30
C MET B 399 -2.95 -35.59 -19.74
N GLU B 400 -2.13 -34.54 -19.80
CA GLU B 400 -2.58 -33.26 -20.36
C GLU B 400 -2.95 -33.47 -21.83
N LEU B 401 -2.01 -34.04 -22.56
CA LEU B 401 -2.19 -34.32 -23.98
C LEU B 401 -3.53 -35.02 -24.25
N ILE B 402 -3.65 -36.24 -23.76
CA ILE B 402 -4.84 -37.07 -23.97
C ILE B 402 -6.15 -36.31 -23.70
N ALA B 403 -6.25 -35.73 -22.51
CA ALA B 403 -7.46 -35.04 -22.07
C ALA B 403 -7.83 -33.87 -22.97
N VAL B 404 -6.95 -32.88 -23.06
CA VAL B 404 -7.20 -31.71 -23.88
C VAL B 404 -7.48 -32.10 -25.33
N ASN B 405 -6.69 -33.04 -25.84
CA ASN B 405 -6.90 -33.54 -27.19
C ASN B 405 -8.30 -34.13 -27.35
N ALA B 406 -8.71 -34.87 -26.34
CA ALA B 406 -9.99 -35.57 -26.37
C ALA B 406 -11.17 -34.61 -26.14
N THR B 407 -11.00 -33.69 -25.20
CA THR B 407 -12.11 -32.83 -24.78
C THR B 407 -12.15 -31.49 -25.51
N TYR B 408 -10.98 -31.00 -25.91
CA TYR B 408 -10.86 -29.72 -26.58
C TYR B 408 -9.93 -29.80 -27.79
N PRO B 409 -10.25 -30.69 -28.75
CA PRO B 409 -9.39 -30.82 -29.93
C PRO B 409 -9.33 -29.50 -30.70
N GLU B 410 -10.30 -28.62 -30.43
CA GLU B 410 -10.35 -27.32 -31.08
C GLU B 410 -9.13 -26.47 -30.74
N LEU B 411 -8.55 -26.74 -29.57
CA LEU B 411 -7.36 -26.03 -29.12
C LEU B 411 -6.10 -26.69 -29.66
N GLN B 412 -6.29 -27.65 -30.56
CA GLN B 412 -5.18 -28.33 -31.24
C GLN B 412 -3.93 -28.44 -30.38
N PHE B 413 -4.09 -28.99 -29.18
CA PHE B 413 -2.96 -29.09 -28.25
C PHE B 413 -1.91 -30.10 -28.74
N ASP B 414 -2.37 -31.17 -29.36
CA ASP B 414 -1.47 -32.22 -29.86
C ASP B 414 -0.34 -31.66 -30.73
N ASP B 415 -0.68 -30.76 -31.65
CA ASP B 415 0.31 -30.16 -32.53
C ASP B 415 1.40 -29.42 -31.74
N TYR B 416 1.05 -28.92 -30.56
CA TYR B 416 2.01 -28.21 -29.72
C TYR B 416 2.87 -29.16 -28.87
N PHE B 417 2.26 -30.25 -28.42
CA PHE B 417 2.93 -31.18 -27.50
C PHE B 417 4.41 -31.45 -27.80
N LEU B 418 4.79 -31.42 -29.07
CA LEU B 418 6.18 -31.71 -29.46
C LEU B 418 7.20 -30.94 -28.64
N ASN B 419 7.00 -29.63 -28.53
CA ASN B 419 7.91 -28.74 -27.81
C ASN B 419 8.22 -29.27 -26.42
N VAL B 420 7.28 -30.00 -25.84
CA VAL B 420 7.47 -30.58 -24.52
C VAL B 420 8.73 -31.44 -24.50
N CYS B 421 8.70 -32.52 -25.26
CA CYS B 421 9.81 -33.45 -25.34
C CYS B 421 11.06 -32.75 -25.84
N PHE B 422 10.85 -31.75 -26.70
CA PHE B 422 11.94 -30.94 -27.21
C PHE B 422 12.66 -30.21 -26.08
N GLU B 423 11.94 -29.29 -25.44
CA GLU B 423 12.53 -28.37 -24.47
C GLU B 423 13.36 -29.05 -23.38
N VAL B 424 13.08 -30.33 -23.13
CA VAL B 424 13.91 -31.10 -22.20
C VAL B 424 15.17 -31.58 -22.91
N ILE B 425 15.03 -32.05 -24.15
CA ILE B 425 16.17 -32.41 -24.97
C ILE B 425 17.29 -31.39 -24.82
N THR B 426 16.93 -30.11 -24.91
CA THR B 426 17.89 -29.02 -24.81
C THR B 426 18.73 -29.12 -23.54
N LYS B 427 18.24 -29.88 -22.58
CA LYS B 427 18.90 -30.04 -21.29
C LYS B 427 19.31 -31.49 -20.99
N ASP B 428 18.65 -32.44 -21.65
CA ASP B 428 18.95 -33.86 -21.48
C ASP B 428 20.23 -34.21 -22.24
N SER B 429 20.48 -33.47 -23.32
CA SER B 429 21.70 -33.64 -24.10
C SER B 429 22.86 -32.92 -23.43
N LEU B 430 22.93 -33.03 -22.12
CA LEU B 430 24.05 -32.49 -21.35
C LEU B 430 24.52 -33.52 -20.34
N ASN B 431 25.71 -33.30 -19.79
CA ASN B 431 26.28 -34.20 -18.81
C ASN B 431 25.83 -33.87 -17.38
N SER B 432 25.15 -32.75 -17.23
CA SER B 432 24.58 -32.36 -15.94
C SER B 432 23.22 -33.03 -15.76
N SER B 433 22.79 -33.75 -16.79
CA SER B 433 21.47 -34.39 -16.80
C SER B 433 21.38 -35.50 -15.76
N ARG B 434 20.28 -36.25 -15.78
CA ARG B 434 19.99 -37.21 -14.72
C ARG B 434 18.87 -38.18 -15.12
N PRO B 435 18.66 -39.23 -14.31
CA PRO B 435 17.62 -40.23 -14.55
C PRO B 435 16.26 -39.83 -13.99
N ILE B 436 15.20 -40.08 -14.76
CA ILE B 436 13.84 -39.89 -14.29
C ILE B 436 13.62 -40.44 -12.87
N SER B 437 14.31 -41.53 -12.55
CA SER B 437 14.23 -42.12 -11.22
C SER B 437 15.58 -42.02 -10.52
N LYS B 438 15.63 -41.20 -9.46
CA LYS B 438 16.86 -40.95 -8.72
C LYS B 438 16.53 -40.67 -7.25
N PRO B 439 17.43 -41.08 -6.34
CA PRO B 439 17.18 -40.88 -4.90
C PRO B 439 17.25 -39.41 -4.49
N ALA B 440 16.37 -39.01 -3.57
CA ALA B 440 16.36 -37.66 -3.04
C ALA B 440 16.21 -37.68 -1.52
N GLU B 441 17.02 -36.89 -0.83
CA GLU B 441 17.06 -36.89 0.63
C GLU B 441 16.73 -35.53 1.23
N THR B 442 17.69 -34.60 1.22
CA THR B 442 17.45 -33.27 1.76
C THR B 442 16.25 -32.62 1.08
N PRO B 443 15.40 -31.93 1.86
CA PRO B 443 14.24 -31.22 1.34
C PRO B 443 14.56 -30.53 0.03
N THR B 444 15.79 -30.04 -0.08
CA THR B 444 16.25 -29.36 -1.28
C THR B 444 16.25 -30.33 -2.46
N GLN B 445 16.98 -31.43 -2.31
CA GLN B 445 17.07 -32.46 -3.34
C GLN B 445 15.70 -32.83 -3.86
N ILE B 446 14.75 -33.00 -2.94
CA ILE B 446 13.38 -33.36 -3.31
C ILE B 446 12.74 -32.29 -4.19
N GLN B 447 12.98 -31.02 -3.90
CA GLN B 447 12.42 -29.93 -4.68
C GLN B 447 13.18 -29.74 -5.99
N GLU B 448 14.36 -30.35 -6.06
CA GLU B 448 15.14 -30.34 -7.29
C GLU B 448 14.61 -31.40 -8.25
N MET B 449 13.90 -32.38 -7.70
CA MET B 449 13.37 -33.48 -8.50
C MET B 449 12.20 -33.03 -9.36
N PHE B 450 11.79 -31.77 -9.21
CA PHE B 450 10.67 -31.25 -9.96
C PHE B 450 11.13 -30.47 -11.19
N ASP B 451 11.73 -31.18 -12.13
CA ASP B 451 12.33 -30.54 -13.30
C ASP B 451 11.72 -31.04 -14.61
N GLU B 452 12.23 -30.53 -15.72
CA GLU B 452 11.78 -30.92 -17.05
C GLU B 452 12.02 -32.41 -17.29
N VAL B 453 12.90 -32.99 -16.47
CA VAL B 453 13.20 -34.41 -16.55
C VAL B 453 12.01 -35.22 -16.04
N SER B 454 11.55 -34.87 -14.84
CA SER B 454 10.42 -35.56 -14.22
C SER B 454 9.12 -35.30 -14.97
N TYR B 455 8.96 -34.08 -15.48
CA TYR B 455 7.74 -33.68 -16.16
C TYR B 455 7.74 -34.04 -17.64
N ASN B 456 8.56 -33.33 -18.41
CA ASN B 456 8.62 -33.48 -19.87
C ASN B 456 9.14 -34.84 -20.32
N LYS B 457 10.30 -35.23 -19.83
CA LYS B 457 10.88 -36.51 -20.18
C LYS B 457 10.02 -37.66 -19.68
N GLY B 458 9.46 -37.51 -18.48
CA GLY B 458 8.60 -38.53 -17.91
C GLY B 458 7.31 -38.69 -18.72
N ALA B 459 7.00 -37.67 -19.50
CA ALA B 459 5.78 -37.64 -20.29
C ALA B 459 6.01 -38.18 -21.69
N CYS B 460 7.28 -38.26 -22.08
CA CYS B 460 7.62 -38.69 -23.43
C CYS B 460 7.93 -40.17 -23.52
N ILE B 461 8.73 -40.69 -22.58
CA ILE B 461 8.99 -42.13 -22.55
C ILE B 461 7.66 -42.85 -22.36
N LEU B 462 6.70 -42.15 -21.79
CA LEU B 462 5.34 -42.68 -21.65
C LEU B 462 4.63 -42.72 -23.00
N ASN B 463 4.76 -41.64 -23.76
CA ASN B 463 4.10 -41.55 -25.06
C ASN B 463 4.73 -42.50 -26.06
N MET B 464 6.05 -42.65 -25.97
CA MET B 464 6.81 -43.55 -26.82
C MET B 464 6.31 -44.98 -26.63
N LEU B 465 6.07 -45.34 -25.36
CA LEU B 465 5.60 -46.67 -25.02
C LEU B 465 4.12 -46.86 -25.38
N LYS B 466 3.45 -45.77 -25.73
CA LYS B 466 2.06 -45.84 -26.19
C LYS B 466 2.00 -46.08 -27.70
N ASP B 467 2.86 -45.38 -28.44
CA ASP B 467 3.00 -45.61 -29.88
C ASP B 467 3.27 -47.08 -30.14
N PHE B 468 4.16 -47.64 -29.32
CA PHE B 468 4.61 -49.03 -29.42
C PHE B 468 3.63 -50.04 -28.82
N LEU B 469 2.46 -49.55 -28.39
CA LEU B 469 1.49 -50.43 -27.75
C LEU B 469 0.03 -50.06 -28.02
N GLY B 470 -0.21 -49.08 -28.88
CA GLY B 470 -1.56 -48.67 -29.22
C GLY B 470 -2.34 -48.08 -28.07
N GLU B 471 -3.19 -47.10 -28.38
CA GLU B 471 -3.96 -46.39 -27.36
C GLU B 471 -4.88 -47.31 -26.56
N GLU B 472 -5.38 -48.36 -27.20
CA GLU B 472 -6.41 -49.21 -26.60
C GLU B 472 -5.86 -50.34 -25.73
N LYS B 473 -4.57 -50.61 -25.82
CA LYS B 473 -3.92 -51.52 -24.89
C LYS B 473 -3.32 -50.70 -23.75
N PHE B 474 -2.79 -49.53 -24.11
CA PHE B 474 -2.25 -48.57 -23.17
C PHE B 474 -3.31 -48.20 -22.13
N GLN B 475 -4.42 -47.65 -22.60
CA GLN B 475 -5.55 -47.29 -21.76
C GLN B 475 -5.88 -48.39 -20.75
N LYS B 476 -5.81 -49.64 -21.20
CA LYS B 476 -5.98 -50.77 -20.30
C LYS B 476 -4.98 -50.69 -19.16
N GLY B 477 -3.70 -50.71 -19.50
CA GLY B 477 -2.61 -50.74 -18.54
C GLY B 477 -2.82 -49.87 -17.31
N ILE B 478 -3.30 -48.64 -17.52
CA ILE B 478 -3.44 -47.68 -16.43
C ILE B 478 -4.66 -47.93 -15.56
N ILE B 479 -5.78 -48.31 -16.17
CA ILE B 479 -6.98 -48.63 -15.39
C ILE B 479 -6.67 -49.80 -14.47
N GLN B 480 -5.67 -50.58 -14.85
CA GLN B 480 -5.23 -51.72 -14.06
C GLN B 480 -4.18 -51.28 -13.04
N TYR B 481 -3.27 -50.41 -13.47
CA TYR B 481 -2.26 -49.84 -12.58
C TYR B 481 -2.93 -49.06 -11.46
N LEU B 482 -3.78 -48.12 -11.85
CA LEU B 482 -4.50 -47.28 -10.90
C LEU B 482 -5.37 -48.15 -9.99
N LYS B 483 -6.34 -48.86 -10.58
CA LYS B 483 -7.26 -49.69 -9.81
C LYS B 483 -6.55 -50.62 -8.82
N LYS B 484 -5.36 -51.09 -9.18
CA LYS B 484 -4.60 -51.92 -8.25
C LYS B 484 -4.29 -51.13 -6.99
N PHE B 485 -3.54 -50.04 -7.16
CA PHE B 485 -3.03 -49.26 -6.03
C PHE B 485 -3.93 -48.11 -5.59
N SER B 486 -5.24 -48.25 -5.82
CA SER B 486 -6.18 -47.24 -5.36
C SER B 486 -6.06 -47.07 -3.84
N TYR B 487 -5.70 -45.86 -3.42
CA TYR B 487 -5.58 -45.53 -2.00
C TYR B 487 -4.35 -46.21 -1.36
N ARG B 488 -3.26 -46.30 -2.12
CA ARG B 488 -2.02 -46.87 -1.61
C ARG B 488 -0.85 -46.39 -2.47
N ASN B 489 0.36 -46.87 -2.17
CA ASN B 489 1.55 -46.42 -2.90
C ASN B 489 2.18 -47.44 -3.85
N ALA B 490 2.78 -46.92 -4.93
CA ALA B 490 3.41 -47.74 -5.96
C ALA B 490 4.89 -47.38 -6.14
N LYS B 491 5.63 -48.27 -6.81
CA LYS B 491 7.05 -48.08 -7.07
C LYS B 491 7.28 -47.91 -8.57
N ASN B 492 8.53 -47.65 -8.95
CA ASN B 492 8.93 -47.62 -10.35
C ASN B 492 8.52 -48.91 -11.04
N ASP B 493 8.84 -50.03 -10.40
CA ASP B 493 8.45 -51.35 -10.88
C ASP B 493 6.94 -51.38 -11.15
N ASP B 494 6.16 -51.38 -10.07
CA ASP B 494 4.70 -51.46 -10.13
C ASP B 494 4.09 -50.89 -11.42
N LEU B 495 4.47 -49.67 -11.78
CA LEU B 495 3.90 -49.02 -12.97
C LEU B 495 4.17 -49.83 -14.23
N TRP B 496 5.43 -50.22 -14.42
CA TRP B 496 5.82 -50.95 -15.61
C TRP B 496 5.27 -52.37 -15.63
N SER B 497 4.97 -52.90 -14.44
CA SER B 497 4.29 -54.18 -14.34
C SER B 497 2.89 -54.07 -14.93
N SER B 498 2.10 -53.15 -14.38
CA SER B 498 0.71 -52.97 -14.78
C SER B 498 0.57 -52.45 -16.22
N LEU B 499 1.69 -52.13 -16.85
CA LEU B 499 1.67 -51.58 -18.20
C LEU B 499 1.79 -52.63 -19.30
N SER B 500 2.76 -53.52 -19.17
CA SER B 500 3.03 -54.53 -20.20
C SER B 500 2.41 -55.90 -19.88
N ASN B 501 2.02 -56.09 -18.62
CA ASN B 501 1.36 -57.33 -18.22
C ASN B 501 -0.16 -57.18 -18.20
N SER B 502 -0.69 -56.47 -19.19
CA SER B 502 -2.13 -56.20 -19.28
C SER B 502 -2.86 -57.29 -20.07
N ALA B 532 4.62 -60.78 -23.40
CA ALA B 532 4.83 -59.52 -24.10
C ALA B 532 5.41 -58.44 -23.19
N GLU B 533 6.48 -58.77 -22.47
CA GLU B 533 7.16 -57.82 -21.59
C GLU B 533 7.70 -56.60 -22.33
N VAL B 534 7.99 -55.54 -21.58
CA VAL B 534 8.58 -54.31 -22.11
C VAL B 534 9.72 -53.86 -21.20
N LYS B 535 9.41 -53.78 -19.91
CA LYS B 535 10.36 -53.48 -18.84
C LYS B 535 11.72 -52.95 -19.28
N GLU B 536 12.63 -53.88 -19.58
CA GLU B 536 13.99 -53.52 -19.99
C GLU B 536 14.00 -52.28 -20.88
N MET B 537 13.11 -52.26 -21.86
CA MET B 537 13.01 -51.13 -22.79
C MET B 537 12.82 -49.82 -22.03
N MET B 538 12.04 -49.88 -20.95
CA MET B 538 11.78 -48.73 -20.09
C MET B 538 12.87 -48.56 -19.04
N THR B 539 13.40 -49.68 -18.56
CA THR B 539 14.47 -49.68 -17.57
C THR B 539 15.69 -48.90 -18.05
N THR B 540 16.12 -49.20 -19.28
CA THR B 540 17.23 -48.49 -19.89
C THR B 540 16.97 -46.98 -19.94
N TRP B 541 15.69 -46.62 -19.97
CA TRP B 541 15.27 -45.22 -20.00
C TRP B 541 15.37 -44.56 -18.62
N THR B 542 14.48 -44.97 -17.74
CA THR B 542 14.35 -44.37 -16.42
C THR B 542 15.67 -44.27 -15.64
N LEU B 543 16.39 -45.39 -15.55
CA LEU B 543 17.51 -45.50 -14.61
C LEU B 543 18.88 -45.06 -15.14
N GLN B 544 18.91 -44.33 -16.25
CA GLN B 544 20.16 -43.76 -16.74
C GLN B 544 19.97 -42.42 -17.46
N LYS B 545 21.07 -41.72 -17.71
CA LYS B 545 21.04 -40.32 -18.14
C LYS B 545 20.45 -40.03 -19.54
N GLY B 546 21.17 -39.22 -20.31
CA GLY B 546 20.68 -38.56 -21.51
C GLY B 546 19.85 -39.30 -22.54
N ILE B 547 20.08 -38.94 -23.80
CA ILE B 547 19.26 -39.42 -24.91
C ILE B 547 20.11 -39.99 -26.05
N PRO B 548 19.65 -41.11 -26.63
CA PRO B 548 20.35 -41.79 -27.74
C PRO B 548 20.17 -41.07 -29.07
N LEU B 549 21.27 -40.90 -29.81
CA LEU B 549 21.24 -40.36 -31.16
C LEU B 549 21.30 -41.49 -32.18
N LEU B 550 20.47 -41.41 -33.22
CA LEU B 550 20.43 -42.45 -34.25
C LEU B 550 20.77 -41.89 -35.63
N ASP B 555 24.09 -47.36 -48.35
CA ASP B 555 24.77 -47.22 -49.63
C ASP B 555 23.87 -47.57 -50.81
N GLY B 556 22.64 -47.97 -50.51
CA GLY B 556 21.67 -48.32 -51.55
C GLY B 556 20.40 -48.98 -51.02
N CYS B 557 20.51 -50.24 -50.63
CA CYS B 557 19.37 -50.97 -50.08
C CYS B 557 19.70 -51.66 -48.76
N SER B 558 20.75 -51.18 -48.10
CA SER B 558 21.13 -51.67 -46.77
C SER B 558 21.51 -50.51 -45.87
N LEU B 559 20.60 -50.09 -45.00
CA LEU B 559 20.81 -48.88 -44.20
C LEU B 559 21.84 -49.07 -43.11
N ARG B 560 22.64 -48.03 -42.86
CA ARG B 560 23.56 -48.00 -41.73
C ARG B 560 22.91 -47.27 -40.56
N LEU B 561 22.70 -47.99 -39.46
CA LEU B 561 22.05 -47.42 -38.28
C LEU B 561 22.85 -47.65 -37.00
N GLN B 562 23.35 -46.56 -36.43
CA GLN B 562 24.13 -46.62 -35.20
C GLN B 562 23.45 -45.85 -34.07
N GLN B 563 23.91 -46.07 -32.84
CA GLN B 563 23.40 -45.35 -31.69
C GLN B 563 24.55 -44.76 -30.87
N GLU B 564 24.28 -43.68 -30.16
CA GLU B 564 25.29 -43.03 -29.31
C GLU B 564 24.60 -42.41 -28.11
N ARG B 565 25.31 -41.51 -27.44
CA ARG B 565 24.67 -40.61 -26.47
C ARG B 565 24.83 -39.18 -26.97
N PHE B 566 23.76 -38.65 -27.55
CA PHE B 566 23.80 -37.32 -28.14
C PHE B 566 24.25 -36.26 -27.14
N LEU B 567 25.36 -35.59 -27.46
CA LEU B 567 25.78 -34.41 -26.73
C LEU B 567 25.69 -33.20 -27.66
N GLN B 568 26.02 -32.02 -27.15
CA GLN B 568 25.82 -30.80 -27.92
C GLN B 568 27.05 -29.89 -27.96
N GLY B 569 28.24 -30.50 -28.08
CA GLY B 569 29.50 -29.79 -28.26
C GLY B 569 29.57 -28.31 -27.88
N VAL B 570 30.53 -27.97 -27.02
CA VAL B 570 31.52 -28.93 -26.53
C VAL B 570 31.03 -29.67 -25.27
N GLU B 582 28.91 -43.72 -20.97
CA GLU B 582 29.45 -43.09 -22.17
C GLU B 582 29.53 -43.92 -23.47
N ARG B 583 29.28 -45.24 -23.47
CA ARG B 583 29.05 -46.12 -22.31
C ARG B 583 27.64 -46.15 -21.68
N TYR B 584 26.61 -46.03 -22.52
CA TYR B 584 25.24 -46.34 -22.13
C TYR B 584 24.64 -47.31 -23.15
N LEU B 585 23.61 -48.04 -22.76
CA LEU B 585 22.95 -48.98 -23.66
C LEU B 585 21.43 -48.80 -23.66
N TRP B 586 20.86 -48.45 -24.81
CA TRP B 586 19.44 -48.13 -24.93
C TRP B 586 18.61 -49.16 -25.70
N HIS B 587 17.42 -49.47 -25.19
CA HIS B 587 16.47 -50.35 -25.87
C HIS B 587 15.45 -49.53 -26.67
N ILE B 588 15.97 -48.58 -27.45
CA ILE B 588 15.14 -47.66 -28.20
C ILE B 588 14.44 -48.31 -29.40
N PRO B 589 13.09 -48.35 -29.36
CA PRO B 589 12.30 -48.83 -30.51
C PRO B 589 12.34 -47.82 -31.65
N LEU B 590 12.15 -48.29 -32.88
CA LEU B 590 12.25 -47.41 -34.05
C LEU B 590 10.93 -47.20 -34.80
N THR B 591 10.83 -46.06 -35.48
CA THR B 591 9.61 -45.67 -36.16
C THR B 591 9.76 -45.75 -37.68
N THR B 594 11.11 -43.77 -45.68
CA THR B 594 11.17 -43.90 -47.14
C THR B 594 10.16 -43.00 -47.83
N SER B 595 10.54 -42.49 -49.00
CA SER B 595 9.65 -41.66 -49.81
C SER B 595 8.57 -42.50 -50.49
N SER B 596 8.82 -43.80 -50.59
CA SER B 596 7.92 -44.73 -51.26
C SER B 596 6.51 -44.74 -50.68
N SER B 597 6.03 -45.92 -50.30
CA SER B 597 4.73 -46.04 -49.66
C SER B 597 4.80 -45.50 -48.24
N ASN B 598 3.97 -44.52 -47.94
CA ASN B 598 3.93 -43.92 -46.61
C ASN B 598 3.32 -44.85 -45.57
N VAL B 599 3.43 -46.16 -45.81
CA VAL B 599 3.06 -47.16 -44.83
C VAL B 599 4.21 -47.34 -43.86
N ILE B 600 3.91 -47.24 -42.57
CA ILE B 600 4.95 -47.08 -41.54
C ILE B 600 5.61 -48.39 -41.10
N HIS B 601 6.93 -48.43 -41.26
CA HIS B 601 7.71 -49.60 -40.84
C HIS B 601 8.07 -49.50 -39.36
N ARG B 602 7.47 -50.37 -38.55
CA ARG B 602 7.75 -50.40 -37.11
C ARG B 602 8.83 -51.45 -36.78
N HIS B 603 9.90 -51.01 -36.11
CA HIS B 603 10.97 -51.91 -35.72
C HIS B 603 11.42 -51.71 -34.27
N ILE B 604 12.48 -52.42 -33.88
CA ILE B 604 12.93 -52.44 -32.49
C ILE B 604 14.37 -51.96 -32.34
N LEU B 605 15.03 -52.49 -31.32
CA LEU B 605 16.47 -52.33 -31.09
C LEU B 605 16.78 -52.98 -29.75
N LYS B 606 18.06 -53.28 -29.52
CA LYS B 606 18.46 -54.02 -28.32
C LYS B 606 19.98 -54.19 -28.24
N SER B 607 20.69 -53.60 -29.20
CA SER B 607 22.15 -53.64 -29.25
C SER B 607 22.71 -52.38 -29.90
N LYS B 608 23.99 -52.11 -29.64
CA LYS B 608 24.64 -50.89 -30.13
C LYS B 608 24.19 -50.47 -31.54
N THR B 609 24.58 -51.24 -32.55
CA THR B 609 24.23 -50.91 -33.92
C THR B 609 23.84 -52.16 -34.73
N ASP B 610 22.75 -52.04 -35.47
CA ASP B 610 22.26 -53.15 -36.30
C ASP B 610 22.02 -52.64 -37.72
N THR B 611 21.21 -53.37 -38.49
CA THR B 611 20.92 -52.97 -39.86
C THR B 611 19.65 -53.62 -40.42
N LEU B 612 18.91 -52.85 -41.22
CA LEU B 612 17.76 -53.38 -41.94
C LEU B 612 17.93 -53.15 -43.43
N ASP B 613 16.88 -53.42 -44.20
CA ASP B 613 16.95 -53.36 -45.65
C ASP B 613 16.13 -52.21 -46.26
N LEU B 614 15.95 -52.27 -47.57
CA LEU B 614 15.11 -51.32 -48.28
C LEU B 614 14.68 -51.94 -49.61
N PRO B 615 13.55 -52.69 -49.57
CA PRO B 615 12.95 -53.35 -50.76
C PRO B 615 12.58 -52.35 -51.86
N GLU B 616 13.45 -51.36 -52.07
CA GLU B 616 13.27 -50.32 -53.07
C GLU B 616 14.35 -49.27 -52.88
N LYS B 617 15.22 -49.12 -53.88
CA LYS B 617 16.25 -48.07 -53.83
C LYS B 617 15.58 -46.71 -53.89
N THR B 618 15.04 -46.27 -52.75
CA THR B 618 14.17 -45.09 -52.69
C THR B 618 14.91 -43.76 -52.50
N SER B 619 14.21 -42.66 -52.76
CA SER B 619 14.79 -41.32 -52.67
C SER B 619 15.41 -41.03 -51.31
N TRP B 620 14.61 -41.12 -50.26
CA TRP B 620 15.08 -40.87 -48.90
C TRP B 620 14.36 -41.76 -47.87
N VAL B 621 14.72 -41.57 -46.61
CA VAL B 621 14.03 -42.21 -45.49
C VAL B 621 13.70 -41.18 -44.42
N LYS B 622 12.76 -41.52 -43.55
CA LYS B 622 12.37 -40.64 -42.46
C LYS B 622 12.07 -41.43 -41.19
N PHE B 623 13.06 -41.53 -40.31
CA PHE B 623 12.87 -42.17 -39.01
C PHE B 623 12.13 -41.25 -38.05
N ASN B 624 11.48 -41.83 -37.06
CA ASN B 624 10.76 -41.05 -36.05
C ASN B 624 9.54 -40.36 -36.67
N VAL B 625 8.49 -41.13 -36.95
CA VAL B 625 7.25 -40.55 -37.47
C VAL B 625 6.57 -39.66 -36.43
N ASP B 626 6.32 -38.42 -36.80
CA ASP B 626 5.76 -37.45 -35.87
C ASP B 626 6.73 -37.25 -34.70
N SER B 627 7.97 -37.69 -34.90
CA SER B 627 8.98 -37.67 -33.85
C SER B 627 8.41 -38.23 -32.54
N ASN B 628 7.65 -39.33 -32.65
CA ASN B 628 7.03 -39.97 -31.49
C ASN B 628 7.99 -40.83 -30.67
N GLY B 629 9.29 -40.55 -30.77
CA GLY B 629 10.29 -41.32 -30.05
C GLY B 629 11.39 -40.45 -29.44
N TYR B 630 11.78 -40.77 -28.22
CA TYR B 630 12.80 -39.98 -27.53
C TYR B 630 14.21 -40.36 -27.97
N TYR B 631 14.57 -39.87 -29.15
CA TYR B 631 15.91 -40.04 -29.69
C TYR B 631 16.10 -39.03 -30.81
N ILE B 632 17.06 -39.28 -31.68
CA ILE B 632 17.27 -38.43 -32.84
C ILE B 632 17.67 -39.28 -34.03
N VAL B 633 18.13 -38.61 -35.09
CA VAL B 633 18.70 -39.27 -36.25
C VAL B 633 19.67 -38.33 -36.97
N HIS B 634 20.78 -38.88 -37.44
CA HIS B 634 21.69 -38.16 -38.31
C HIS B 634 21.68 -38.84 -39.67
N TYR B 635 21.73 -38.04 -40.73
CA TYR B 635 21.71 -38.58 -42.08
C TYR B 635 22.99 -38.28 -42.86
N GLU B 636 23.85 -39.29 -42.98
CA GLU B 636 25.08 -39.15 -43.75
C GLU B 636 24.85 -39.43 -45.23
N GLY B 637 25.66 -38.80 -46.07
CA GLY B 637 25.45 -38.84 -47.51
C GLY B 637 24.46 -37.76 -47.91
N HIS B 638 23.63 -38.03 -48.91
CA HIS B 638 22.59 -37.10 -49.31
C HIS B 638 21.31 -37.32 -48.50
N GLY B 639 21.46 -37.97 -47.34
CA GLY B 639 20.34 -38.24 -46.46
C GLY B 639 19.60 -36.98 -46.07
N TRP B 640 20.35 -35.91 -45.84
CA TRP B 640 19.78 -34.61 -45.51
C TRP B 640 19.53 -33.77 -46.77
N ASP B 641 20.48 -33.82 -47.70
CA ASP B 641 20.40 -33.04 -48.93
C ASP B 641 19.20 -33.45 -49.78
N GLN B 642 18.92 -34.74 -49.81
CA GLN B 642 17.76 -35.26 -50.54
C GLN B 642 16.48 -34.85 -49.82
N LEU B 643 16.49 -34.94 -48.50
CA LEU B 643 15.35 -34.57 -47.68
C LEU B 643 15.06 -33.08 -47.80
N ILE B 644 16.12 -32.28 -47.89
CA ILE B 644 16.00 -30.83 -48.07
C ILE B 644 15.45 -30.47 -49.45
N THR B 645 16.01 -31.08 -50.48
CA THR B 645 15.51 -30.89 -51.85
C THR B 645 14.02 -31.24 -51.90
N GLN B 646 13.62 -32.15 -51.02
CA GLN B 646 12.22 -32.53 -50.90
C GLN B 646 11.37 -31.34 -50.46
N LEU B 647 11.81 -30.66 -49.40
CA LEU B 647 11.07 -29.54 -48.85
C LEU B 647 10.85 -28.39 -49.85
N ASN B 648 11.87 -28.08 -50.64
CA ASN B 648 11.75 -27.01 -51.63
C ASN B 648 10.84 -27.42 -52.79
N GLN B 649 10.85 -28.71 -53.12
CA GLN B 649 9.99 -29.26 -54.16
C GLN B 649 8.55 -29.34 -53.67
N ASN B 650 8.11 -30.56 -53.38
CA ASN B 650 6.79 -30.78 -52.80
C ASN B 650 6.92 -31.28 -51.37
N HIS B 651 7.08 -30.35 -50.43
CA HIS B 651 7.37 -30.68 -49.04
C HIS B 651 6.27 -31.50 -48.33
N THR B 652 5.03 -31.27 -48.73
CA THR B 652 3.89 -31.91 -48.08
C THR B 652 3.91 -33.43 -48.22
N LEU B 653 4.86 -33.95 -48.99
CA LEU B 653 5.05 -35.40 -49.10
C LEU B 653 5.70 -35.91 -47.82
N LEU B 654 6.38 -35.01 -47.11
CA LEU B 654 6.93 -35.30 -45.78
C LEU B 654 5.92 -34.91 -44.72
N ARG B 655 5.61 -35.84 -43.81
CA ARG B 655 4.69 -35.54 -42.73
C ARG B 655 4.96 -34.17 -42.12
N PRO B 656 3.90 -33.49 -41.64
CA PRO B 656 4.02 -32.16 -41.03
C PRO B 656 4.76 -32.22 -39.70
N LYS B 657 4.69 -33.39 -39.04
CA LYS B 657 5.40 -33.61 -37.78
C LYS B 657 6.83 -34.07 -38.05
N ASP B 658 7.00 -34.92 -39.07
CA ASP B 658 8.33 -35.29 -39.54
C ASP B 658 9.07 -34.02 -39.92
N ARG B 659 8.35 -33.12 -40.61
CA ARG B 659 8.90 -31.80 -40.93
C ARG B 659 9.41 -31.09 -39.69
N VAL B 660 8.50 -30.81 -38.76
CA VAL B 660 8.87 -30.17 -37.50
C VAL B 660 10.05 -30.88 -36.88
N GLY B 661 9.94 -32.20 -36.74
CA GLY B 661 11.00 -33.03 -36.20
C GLY B 661 12.32 -32.78 -36.93
N LEU B 662 12.32 -33.03 -38.23
CA LEU B 662 13.50 -32.80 -39.05
C LEU B 662 14.12 -31.44 -38.70
N ILE B 663 13.34 -30.38 -38.89
CA ILE B 663 13.80 -29.02 -38.60
C ILE B 663 14.57 -28.97 -37.29
N HIS B 664 13.96 -29.48 -36.24
CA HIS B 664 14.59 -29.58 -34.94
C HIS B 664 15.95 -30.26 -35.07
N ASP B 665 15.95 -31.50 -35.55
CA ASP B 665 17.17 -32.31 -35.63
C ASP B 665 18.29 -31.69 -36.47
N VAL B 666 17.94 -30.90 -37.48
CA VAL B 666 18.95 -30.23 -38.30
C VAL B 666 19.78 -29.32 -37.42
N PHE B 667 19.14 -28.29 -36.86
CA PHE B 667 19.82 -27.31 -36.01
C PHE B 667 20.44 -27.95 -34.77
N GLN B 668 19.91 -29.11 -34.38
CA GLN B 668 20.40 -29.82 -33.21
C GLN B 668 21.69 -30.56 -33.53
N LEU B 669 21.79 -31.04 -34.77
CA LEU B 669 22.99 -31.71 -35.24
C LEU B 669 24.03 -30.66 -35.64
N VAL B 670 23.57 -29.46 -35.94
CA VAL B 670 24.45 -28.32 -36.11
C VAL B 670 25.17 -28.08 -34.79
N GLY B 671 24.49 -28.40 -33.69
CA GLY B 671 25.06 -28.29 -32.36
C GLY B 671 26.09 -29.37 -32.11
N ALA B 672 25.68 -30.62 -32.32
CA ALA B 672 26.57 -31.76 -32.19
C ALA B 672 27.73 -31.68 -33.17
N GLY B 673 27.67 -30.70 -34.08
CA GLY B 673 28.73 -30.45 -35.04
C GLY B 673 28.67 -31.27 -36.31
N ARG B 674 27.76 -32.25 -36.35
CA ARG B 674 27.70 -33.21 -37.45
C ARG B 674 27.04 -32.63 -38.69
N LEU B 675 26.97 -31.29 -38.74
CA LEU B 675 26.41 -30.56 -39.88
C LEU B 675 26.97 -29.15 -39.96
N THR B 676 26.78 -28.51 -41.11
CA THR B 676 27.16 -27.11 -41.28
C THR B 676 25.93 -26.23 -41.07
N LEU B 677 26.14 -25.08 -40.45
CA LEU B 677 25.07 -24.14 -40.11
C LEU B 677 24.15 -23.78 -41.27
N ASP B 678 24.74 -23.56 -42.45
CA ASP B 678 23.97 -23.15 -43.62
C ASP B 678 23.29 -24.30 -44.36
N LYS B 679 23.73 -25.54 -44.12
CA LYS B 679 23.04 -26.69 -44.67
C LYS B 679 21.60 -26.62 -44.19
N ALA B 680 21.46 -26.25 -42.92
CA ALA B 680 20.15 -26.05 -42.29
C ALA B 680 19.53 -24.75 -42.78
N LEU B 681 20.29 -23.66 -42.67
CA LEU B 681 19.80 -22.33 -43.03
C LEU B 681 19.22 -22.24 -44.44
N ASP B 682 19.55 -23.18 -45.31
CA ASP B 682 18.97 -23.21 -46.65
C ASP B 682 17.67 -24.02 -46.65
N MET B 683 17.47 -24.79 -45.58
CA MET B 683 16.24 -25.54 -45.39
C MET B 683 15.12 -24.59 -44.96
N THR B 684 15.52 -23.36 -44.63
CA THR B 684 14.57 -22.34 -44.18
C THR B 684 14.13 -21.44 -45.34
N TYR B 685 14.39 -21.89 -46.57
CA TYR B 685 13.85 -21.24 -47.75
C TYR B 685 12.49 -21.84 -48.03
N TYR B 686 12.30 -23.09 -47.59
CA TYR B 686 11.07 -23.82 -47.84
C TYR B 686 9.94 -23.30 -46.97
N LEU B 687 10.28 -22.43 -46.02
CA LEU B 687 9.28 -21.84 -45.13
C LEU B 687 8.40 -20.82 -45.86
N GLN B 688 8.86 -20.38 -47.03
CA GLN B 688 8.02 -19.57 -47.90
C GLN B 688 7.00 -20.50 -48.57
N HIS B 689 7.23 -21.80 -48.44
CA HIS B 689 6.36 -22.82 -49.00
C HIS B 689 5.44 -23.42 -47.93
N GLU B 690 5.88 -23.35 -46.68
CA GLU B 690 5.17 -24.04 -45.59
C GLU B 690 3.97 -23.28 -45.02
N THR B 691 2.90 -24.02 -44.75
CA THR B 691 1.68 -23.45 -44.19
C THR B 691 1.40 -24.03 -42.80
N SER B 692 1.79 -25.30 -42.61
CA SER B 692 1.69 -25.95 -41.30
C SER B 692 2.31 -25.06 -40.23
N SER B 693 1.45 -24.39 -39.46
CA SER B 693 1.90 -23.45 -38.44
C SER B 693 3.00 -24.00 -37.53
N PRO B 694 2.86 -25.25 -37.07
CA PRO B 694 3.91 -25.89 -36.27
C PRO B 694 5.29 -25.74 -36.90
N ALA B 695 5.59 -26.55 -37.91
CA ALA B 695 6.88 -26.50 -38.58
C ALA B 695 7.26 -25.08 -39.01
N LEU B 696 6.29 -24.33 -39.51
CA LEU B 696 6.52 -22.94 -39.90
C LEU B 696 7.17 -22.15 -38.77
N LEU B 697 6.42 -21.99 -37.68
CA LEU B 697 6.92 -21.29 -36.50
C LEU B 697 8.16 -21.98 -35.94
N GLU B 698 8.09 -23.31 -35.84
CA GLU B 698 9.20 -24.14 -35.39
C GLU B 698 10.55 -23.65 -35.92
N GLY B 699 10.75 -23.76 -37.23
CA GLY B 699 11.99 -23.35 -37.83
C GLY B 699 12.25 -21.87 -37.65
N LEU B 700 11.18 -21.09 -37.68
CA LEU B 700 11.26 -19.64 -37.50
C LEU B 700 11.78 -19.27 -36.12
N SER B 701 11.53 -20.15 -35.15
CA SER B 701 12.07 -19.97 -33.81
C SER B 701 13.59 -19.84 -33.87
N TYR B 702 14.23 -20.77 -34.57
CA TYR B 702 15.69 -20.76 -34.69
C TYR B 702 16.21 -19.45 -35.26
N LEU B 703 15.56 -18.96 -36.31
CA LEU B 703 15.95 -17.69 -36.89
C LEU B 703 15.87 -16.58 -35.84
N GLU B 704 14.67 -16.41 -35.27
CA GLU B 704 14.46 -15.44 -34.20
C GLU B 704 15.54 -15.60 -33.12
N SER B 705 15.81 -16.84 -32.75
CA SER B 705 16.87 -17.15 -31.80
C SER B 705 18.14 -16.38 -32.11
N PHE B 706 18.72 -16.68 -33.26
CA PHE B 706 20.01 -16.11 -33.65
C PHE B 706 20.03 -14.58 -33.58
N TYR B 707 19.04 -13.94 -34.18
CA TYR B 707 18.95 -12.48 -34.19
C TYR B 707 19.11 -11.92 -32.77
N HIS B 708 18.59 -12.64 -31.79
CA HIS B 708 18.67 -12.18 -30.40
C HIS B 708 20.01 -12.58 -29.76
N MET B 709 20.59 -13.68 -30.21
CA MET B 709 21.93 -14.03 -29.78
C MET B 709 22.86 -12.92 -30.23
N MET B 710 22.65 -12.43 -31.44
CA MET B 710 23.49 -11.37 -32.03
C MET B 710 23.22 -10.00 -31.41
N ASP B 711 21.96 -9.61 -31.35
CA ASP B 711 21.58 -8.29 -30.83
C ASP B 711 22.15 -8.02 -29.43
N ARG B 712 22.10 -9.03 -28.55
CA ARG B 712 22.69 -8.91 -27.22
C ARG B 712 24.14 -8.48 -27.36
N ARG B 713 24.87 -9.24 -28.17
CA ARG B 713 26.20 -8.86 -28.60
C ARG B 713 26.10 -7.57 -29.41
N ASN B 714 27.12 -6.73 -29.34
CA ASN B 714 27.06 -5.44 -30.04
C ASN B 714 26.91 -5.57 -31.56
N ILE B 715 27.02 -6.79 -32.08
CA ILE B 715 26.98 -7.06 -33.52
C ILE B 715 25.74 -6.49 -34.21
N SER B 716 25.89 -5.37 -34.89
CA SER B 716 24.78 -4.73 -35.61
C SER B 716 24.90 -4.96 -37.11
N ASP B 717 25.66 -5.98 -37.48
CA ASP B 717 25.87 -6.35 -38.88
C ASP B 717 24.98 -7.53 -39.27
N ILE B 718 25.25 -8.70 -38.67
CA ILE B 718 24.41 -9.89 -38.88
C ILE B 718 23.05 -9.70 -38.21
N SER B 719 23.05 -9.00 -37.08
CA SER B 719 21.81 -8.61 -36.42
C SER B 719 21.22 -7.39 -37.11
N GLU B 720 21.30 -7.39 -38.44
CA GLU B 720 20.71 -6.35 -39.27
C GLU B 720 20.59 -6.88 -40.70
N ASN B 721 21.22 -8.02 -40.94
CA ASN B 721 21.05 -8.76 -42.18
C ASN B 721 20.06 -9.89 -41.96
N LEU B 722 20.18 -10.53 -40.81
CA LEU B 722 19.22 -11.54 -40.41
C LEU B 722 17.88 -10.85 -40.18
N LYS B 723 17.92 -9.63 -39.67
CA LYS B 723 16.74 -8.81 -39.53
C LYS B 723 16.05 -8.63 -40.88
N ARG B 724 16.66 -7.81 -41.73
CA ARG B 724 16.06 -7.46 -43.02
C ARG B 724 15.89 -8.65 -43.96
N TYR B 725 16.67 -9.71 -43.75
CA TYR B 725 16.43 -10.94 -44.49
C TYR B 725 15.09 -11.51 -44.07
N LEU B 726 14.79 -11.38 -42.78
CA LEU B 726 13.55 -11.89 -42.21
C LEU B 726 12.36 -10.99 -42.54
N LEU B 727 12.52 -9.68 -42.35
CA LEU B 727 11.42 -8.74 -42.56
C LEU B 727 11.12 -8.52 -44.04
N GLN B 728 11.95 -9.10 -44.90
CA GLN B 728 11.77 -9.00 -46.35
C GLN B 728 11.49 -10.38 -46.94
N TYR B 729 11.95 -11.42 -46.25
CA TYR B 729 11.50 -12.77 -46.52
C TYR B 729 10.23 -12.95 -45.69
N PHE B 730 9.46 -13.99 -45.95
CA PHE B 730 8.23 -14.24 -45.20
C PHE B 730 7.32 -13.02 -45.22
N LYS B 731 7.73 -11.98 -45.94
CA LYS B 731 6.94 -10.78 -46.13
C LYS B 731 5.55 -11.12 -46.68
N PRO B 732 5.44 -12.26 -47.38
CA PRO B 732 4.13 -12.82 -47.71
C PRO B 732 3.22 -12.94 -46.49
N VAL B 733 3.51 -13.90 -45.62
CA VAL B 733 2.71 -14.14 -44.43
C VAL B 733 2.74 -12.95 -43.47
N ILE B 734 3.87 -12.23 -43.44
CA ILE B 734 4.10 -11.15 -42.48
C ILE B 734 3.19 -9.94 -42.66
N ASP B 735 2.75 -9.69 -43.90
CA ASP B 735 1.85 -8.57 -44.17
C ASP B 735 0.40 -9.05 -44.31
N ARG B 736 0.18 -10.36 -44.26
CA ARG B 736 -1.15 -10.94 -44.38
C ARG B 736 -1.86 -11.12 -43.03
N GLN B 737 -1.12 -10.91 -41.95
CA GLN B 737 -1.66 -11.10 -40.60
C GLN B 737 -2.58 -9.97 -40.16
N SER B 738 -3.70 -10.33 -39.53
CA SER B 738 -4.72 -9.37 -39.13
C SER B 738 -4.67 -9.05 -37.65
N TRP B 739 -4.38 -7.78 -37.32
CA TRP B 739 -4.37 -7.32 -35.95
C TRP B 739 -5.73 -7.48 -35.29
N SER B 740 -6.15 -8.72 -35.06
CA SER B 740 -7.41 -9.02 -34.38
C SER B 740 -7.42 -10.45 -33.86
N ASP B 741 -8.54 -10.86 -33.27
CA ASP B 741 -8.65 -12.19 -32.67
C ASP B 741 -9.43 -13.16 -33.54
N LYS B 742 -9.49 -12.90 -34.84
CA LYS B 742 -10.28 -13.73 -35.74
C LYS B 742 -9.52 -14.97 -36.22
N GLY B 743 -10.20 -16.11 -36.24
CA GLY B 743 -9.62 -17.32 -36.77
C GLY B 743 -9.56 -18.46 -35.77
N SER B 744 -8.96 -19.56 -36.19
CA SER B 744 -8.80 -20.74 -35.33
C SER B 744 -7.64 -20.53 -34.37
N VAL B 745 -7.39 -21.53 -33.53
CA VAL B 745 -6.32 -21.44 -32.55
C VAL B 745 -4.96 -21.21 -33.20
N TRP B 746 -4.51 -22.17 -34.00
CA TRP B 746 -3.19 -22.06 -34.60
C TRP B 746 -3.04 -20.80 -35.43
N ASP B 747 -4.16 -20.31 -35.95
CA ASP B 747 -4.17 -19.05 -36.68
C ASP B 747 -3.71 -17.94 -35.76
N ARG B 748 -4.32 -17.87 -34.58
CA ARG B 748 -4.02 -16.86 -33.58
C ARG B 748 -2.59 -17.00 -33.06
N MET B 749 -2.22 -18.21 -32.66
CA MET B 749 -0.89 -18.47 -32.13
C MET B 749 0.16 -18.21 -33.21
N LEU B 750 -0.20 -18.46 -34.46
CA LEU B 750 0.67 -18.15 -35.58
C LEU B 750 0.78 -16.64 -35.75
N ARG B 751 -0.37 -15.97 -35.72
CA ARG B 751 -0.40 -14.53 -35.90
C ARG B 751 0.45 -13.79 -34.86
N SER B 752 0.33 -14.22 -33.60
CA SER B 752 1.04 -13.59 -32.50
C SER B 752 2.55 -13.66 -32.70
N ALA B 753 3.04 -14.83 -33.03
CA ALA B 753 4.47 -15.02 -33.27
C ALA B 753 4.96 -14.03 -34.31
N LEU B 754 4.35 -14.08 -35.49
CA LEU B 754 4.75 -13.25 -36.62
C LEU B 754 4.76 -11.77 -36.27
N LEU B 755 3.59 -11.25 -35.93
CA LEU B 755 3.41 -9.83 -35.65
C LEU B 755 4.35 -9.29 -34.56
N LYS B 756 4.99 -10.19 -33.82
CA LYS B 756 5.98 -9.79 -32.83
C LYS B 756 7.37 -9.72 -33.46
N LEU B 757 7.77 -10.80 -34.13
CA LEU B 757 9.06 -10.83 -34.80
C LEU B 757 9.12 -9.76 -35.87
N ALA B 758 7.96 -9.23 -36.21
CA ALA B 758 7.85 -8.13 -37.16
C ALA B 758 8.05 -6.79 -36.44
N CYS B 759 7.50 -6.69 -35.23
CA CYS B 759 7.64 -5.48 -34.44
C CYS B 759 8.95 -5.44 -33.67
N ASP B 760 9.52 -6.61 -33.43
CA ASP B 760 10.83 -6.73 -32.80
C ASP B 760 11.89 -6.16 -33.71
N LEU B 761 11.65 -6.27 -35.01
CA LEU B 761 12.62 -5.85 -36.01
C LEU B 761 12.26 -4.48 -36.56
N ASN B 762 11.64 -3.65 -35.73
CA ASN B 762 11.29 -2.26 -36.07
C ASN B 762 10.60 -2.05 -37.41
N HIS B 763 9.68 -2.95 -37.76
CA HIS B 763 8.94 -2.85 -39.01
C HIS B 763 7.96 -1.68 -38.94
N ALA B 764 8.37 -0.54 -39.49
CA ALA B 764 7.59 0.71 -39.38
C ALA B 764 6.08 0.49 -39.39
N PRO B 765 5.53 -0.09 -40.47
CA PRO B 765 4.08 -0.31 -40.52
C PRO B 765 3.54 -0.98 -39.26
N CYS B 766 4.18 -2.07 -38.85
CA CYS B 766 3.80 -2.80 -37.64
C CYS B 766 3.88 -1.91 -36.38
N ILE B 767 5.05 -1.34 -36.13
CA ILE B 767 5.26 -0.52 -34.94
C ILE B 767 4.70 0.89 -35.13
N GLN B 768 3.92 1.08 -36.19
CA GLN B 768 3.17 2.31 -36.39
C GLN B 768 1.68 2.05 -36.14
N LYS B 769 1.23 0.85 -36.51
CA LYS B 769 -0.10 0.38 -36.15
C LYS B 769 -0.10 0.08 -34.65
N ALA B 770 1.00 -0.49 -34.18
CA ALA B 770 1.18 -0.78 -32.76
C ALA B 770 1.13 0.51 -31.94
N ALA B 771 1.86 1.53 -32.38
CA ALA B 771 1.90 2.81 -31.71
C ALA B 771 0.54 3.50 -31.76
N GLU B 772 -0.32 3.03 -32.66
CA GLU B 772 -1.63 3.62 -32.86
C GLU B 772 -2.67 3.03 -31.90
N LEU B 773 -2.79 1.71 -31.89
CA LEU B 773 -3.73 1.03 -31.01
C LEU B 773 -3.45 1.36 -29.55
N PHE B 774 -2.17 1.53 -29.22
CA PHE B 774 -1.77 1.97 -27.88
C PHE B 774 -2.31 3.37 -27.63
N SER B 775 -1.95 4.29 -28.52
CA SER B 775 -2.38 5.68 -28.41
C SER B 775 -3.90 5.79 -28.33
N GLN B 776 -4.58 5.09 -29.22
CA GLN B 776 -6.05 5.03 -29.20
C GLN B 776 -6.51 4.70 -27.78
N TRP B 777 -6.48 3.41 -27.48
CA TRP B 777 -6.78 2.88 -26.17
C TRP B 777 -6.37 3.86 -25.07
N MET B 778 -5.08 4.15 -24.99
CA MET B 778 -4.54 5.01 -23.94
C MET B 778 -5.24 6.36 -23.86
N GLU B 779 -5.41 7.01 -25.01
CA GLU B 779 -6.01 8.34 -25.05
C GLU B 779 -7.52 8.33 -24.79
N SER B 780 -8.18 7.27 -25.24
CA SER B 780 -9.63 7.14 -25.01
C SER B 780 -9.90 6.97 -23.52
N SER B 781 -8.82 6.79 -22.75
CA SER B 781 -8.90 6.56 -21.32
C SER B 781 -9.33 5.12 -21.03
N GLY B 782 -8.75 4.18 -21.78
CA GLY B 782 -9.00 2.77 -21.59
C GLY B 782 -10.26 2.25 -22.25
N LYS B 783 -11.00 3.16 -22.89
CA LYS B 783 -12.33 2.86 -23.42
C LYS B 783 -12.28 2.16 -24.78
N LEU B 784 -11.10 2.11 -25.37
CA LEU B 784 -10.89 1.42 -26.65
C LEU B 784 -10.45 -0.03 -26.41
N ASN B 785 -10.67 -0.89 -27.41
CA ASN B 785 -10.34 -2.30 -27.30
C ASN B 785 -9.17 -2.72 -28.18
N ILE B 786 -8.18 -3.37 -27.56
CA ILE B 786 -7.11 -4.04 -28.31
C ILE B 786 -7.43 -5.54 -28.33
N PRO B 787 -7.22 -6.18 -29.49
CA PRO B 787 -7.42 -7.63 -29.56
C PRO B 787 -6.50 -8.35 -28.58
N THR B 788 -7.03 -9.34 -27.89
CA THR B 788 -6.27 -10.09 -26.91
C THR B 788 -4.94 -10.58 -27.48
N ASP B 789 -4.95 -10.95 -28.76
CA ASP B 789 -3.79 -11.56 -29.39
C ASP B 789 -2.64 -10.60 -29.66
N VAL B 790 -2.97 -9.35 -29.99
CA VAL B 790 -1.96 -8.36 -30.26
C VAL B 790 -1.71 -7.50 -29.03
N LEU B 791 -2.49 -7.75 -27.98
CA LEU B 791 -2.48 -6.93 -26.77
C LEU B 791 -1.08 -6.82 -26.15
N LYS B 792 -0.39 -7.95 -26.10
CA LYS B 792 0.96 -7.97 -25.54
C LYS B 792 1.88 -7.09 -26.37
N ILE B 793 1.63 -7.06 -27.68
CA ILE B 793 2.48 -6.31 -28.59
C ILE B 793 2.26 -4.82 -28.47
N VAL B 794 0.99 -4.43 -28.41
CA VAL B 794 0.60 -3.03 -28.30
C VAL B 794 1.18 -2.38 -27.05
N TYR B 795 1.10 -3.08 -25.92
CA TYR B 795 1.59 -2.55 -24.66
C TYR B 795 3.10 -2.36 -24.68
N SER B 796 3.81 -3.32 -25.28
CA SER B 796 5.27 -3.28 -25.31
C SER B 796 5.81 -2.21 -26.26
N VAL B 797 5.06 -1.96 -27.32
CA VAL B 797 5.40 -0.88 -28.25
C VAL B 797 5.18 0.49 -27.61
N GLY B 798 3.99 0.70 -27.06
CA GLY B 798 3.67 1.95 -26.38
C GLY B 798 4.48 2.12 -25.11
N ALA B 799 5.12 1.04 -24.67
CA ALA B 799 5.95 1.07 -23.48
C ALA B 799 7.23 1.85 -23.76
N GLN B 800 7.53 2.03 -25.04
CA GLN B 800 8.77 2.69 -25.47
C GLN B 800 8.72 4.20 -25.26
N THR B 801 7.52 4.75 -25.10
CA THR B 801 7.37 6.15 -24.70
C THR B 801 7.27 6.22 -23.18
N THR B 802 8.09 7.07 -22.57
CA THR B 802 8.15 7.19 -21.11
C THR B 802 6.83 7.62 -20.48
N ALA B 803 6.04 8.42 -21.19
CA ALA B 803 4.74 8.82 -20.69
C ALA B 803 3.73 7.68 -20.77
N GLY B 804 4.04 6.68 -21.60
CA GLY B 804 3.19 5.51 -21.76
C GLY B 804 3.56 4.40 -20.80
N TRP B 805 4.85 4.23 -20.57
CA TRP B 805 5.34 3.28 -19.57
C TRP B 805 4.83 3.66 -18.19
N ASN B 806 4.53 4.95 -18.01
CA ASN B 806 3.99 5.44 -16.75
C ASN B 806 2.47 5.29 -16.70
N TYR B 807 1.87 5.02 -17.86
CA TYR B 807 0.44 4.79 -17.94
C TYR B 807 0.13 3.31 -17.91
N LEU B 808 1.12 2.49 -18.27
CA LEU B 808 0.97 1.04 -18.22
C LEU B 808 1.15 0.54 -16.80
N LEU B 809 2.06 1.20 -16.08
CA LEU B 809 2.33 0.88 -14.68
C LEU B 809 1.22 1.41 -13.77
N GLU B 810 0.59 2.51 -14.19
CA GLU B 810 -0.61 3.00 -13.54
C GLU B 810 -1.75 2.01 -13.77
N GLN B 811 -1.86 1.56 -15.01
CA GLN B 811 -2.90 0.63 -15.39
C GLN B 811 -2.68 -0.77 -14.79
N TYR B 812 -1.42 -1.11 -14.57
CA TYR B 812 -1.06 -2.40 -13.98
C TYR B 812 -1.63 -2.54 -12.57
N GLU B 813 -1.33 -1.58 -11.72
CA GLU B 813 -1.82 -1.60 -10.34
C GLU B 813 -3.34 -1.59 -10.28
N LEU B 814 -3.97 -0.94 -11.25
CA LEU B 814 -5.43 -0.78 -11.23
C LEU B 814 -6.15 -1.91 -11.95
N SER B 815 -5.39 -2.87 -12.49
CA SER B 815 -5.93 -3.93 -13.33
C SER B 815 -6.57 -5.08 -12.56
N MET B 816 -7.77 -5.46 -12.99
CA MET B 816 -8.49 -6.56 -12.37
C MET B 816 -8.23 -7.89 -13.08
N SER B 817 -7.33 -7.86 -14.06
CA SER B 817 -7.00 -9.07 -14.81
C SER B 817 -5.55 -9.48 -14.62
N SER B 818 -5.33 -10.47 -13.77
CA SER B 818 -3.99 -11.00 -13.55
C SER B 818 -3.33 -11.42 -14.86
N ALA B 819 -4.12 -11.55 -15.91
CA ALA B 819 -3.62 -11.89 -17.24
C ALA B 819 -3.21 -10.62 -18.00
N GLU B 820 -4.01 -9.56 -17.88
CA GLU B 820 -3.60 -8.26 -18.41
C GLU B 820 -2.34 -7.82 -17.70
N GLN B 821 -2.34 -7.97 -16.38
CA GLN B 821 -1.19 -7.62 -15.55
C GLN B 821 0.05 -8.31 -16.09
N ASN B 822 -0.01 -9.63 -16.20
CA ASN B 822 1.10 -10.43 -16.69
C ASN B 822 1.70 -9.89 -17.99
N LYS B 823 0.82 -9.39 -18.88
CA LYS B 823 1.29 -8.83 -20.14
C LYS B 823 1.84 -7.42 -19.95
N ILE B 824 1.09 -6.57 -19.26
CA ILE B 824 1.57 -5.24 -18.94
C ILE B 824 2.96 -5.32 -18.34
N LEU B 825 3.13 -6.21 -17.37
CA LEU B 825 4.43 -6.37 -16.71
C LEU B 825 5.48 -6.62 -17.75
N TYR B 826 5.23 -7.60 -18.62
CA TYR B 826 6.16 -7.93 -19.69
C TYR B 826 6.46 -6.70 -20.54
N ALA B 827 5.40 -5.96 -20.88
CA ALA B 827 5.54 -4.74 -21.66
C ALA B 827 6.48 -3.77 -20.96
N LEU B 828 6.38 -3.71 -19.63
CA LEU B 828 7.23 -2.83 -18.84
C LEU B 828 8.65 -3.38 -18.77
N SER B 829 8.79 -4.67 -19.02
CA SER B 829 10.09 -5.33 -18.96
C SER B 829 10.93 -5.00 -20.18
N THR B 830 10.25 -4.58 -21.25
CA THR B 830 10.94 -4.26 -22.50
C THR B 830 11.11 -2.75 -22.68
N SER B 831 11.63 -2.09 -21.64
CA SER B 831 12.00 -0.67 -21.74
C SER B 831 13.52 -0.50 -21.78
N LYS B 832 13.96 0.65 -22.28
CA LYS B 832 15.38 0.85 -22.56
C LYS B 832 16.16 1.50 -21.42
N HIS B 833 15.52 2.44 -20.71
CA HIS B 833 16.16 3.12 -19.59
C HIS B 833 16.49 2.15 -18.46
N GLN B 834 17.61 2.39 -17.80
CA GLN B 834 18.03 1.57 -16.67
C GLN B 834 17.06 1.64 -15.50
N GLU B 835 16.92 2.82 -14.90
CA GLU B 835 16.12 2.99 -13.69
C GLU B 835 14.63 2.69 -13.90
N LYS B 836 14.27 2.34 -15.14
CA LYS B 836 12.89 1.94 -15.44
C LYS B 836 12.76 0.43 -15.31
N LEU B 837 13.86 -0.28 -15.56
CA LEU B 837 13.93 -1.72 -15.36
C LEU B 837 14.23 -2.05 -13.91
N LEU B 838 15.22 -1.37 -13.35
CA LEU B 838 15.62 -1.55 -11.95
C LEU B 838 14.44 -1.26 -11.03
N LYS B 839 13.60 -0.32 -11.44
CA LYS B 839 12.40 0.02 -10.69
C LYS B 839 11.48 -1.19 -10.60
N LEU B 840 11.20 -1.80 -11.75
CA LEU B 840 10.35 -2.99 -11.79
C LEU B 840 10.88 -4.06 -10.86
N ILE B 841 12.19 -4.16 -10.79
CA ILE B 841 12.85 -5.18 -9.96
C ILE B 841 12.78 -4.82 -8.49
N GLU B 842 13.04 -3.56 -8.18
CA GLU B 842 12.90 -3.08 -6.80
C GLU B 842 11.43 -3.18 -6.37
N LEU B 843 10.53 -3.08 -7.34
CA LEU B 843 9.11 -3.26 -7.08
C LEU B 843 8.79 -4.69 -6.70
N GLY B 844 9.54 -5.63 -7.26
CA GLY B 844 9.36 -7.05 -6.98
C GLY B 844 9.80 -7.41 -5.59
N MET B 845 10.98 -6.95 -5.20
CA MET B 845 11.46 -7.10 -3.83
C MET B 845 10.39 -6.56 -2.90
N GLU B 846 9.97 -5.33 -3.15
CA GLU B 846 8.83 -4.70 -2.48
C GLU B 846 7.76 -5.74 -2.13
N GLY B 847 7.24 -6.41 -3.16
CA GLY B 847 6.19 -7.38 -2.97
C GLY B 847 4.82 -6.74 -2.92
N LYS B 848 4.80 -5.41 -2.82
CA LYS B 848 3.55 -4.69 -2.70
C LYS B 848 2.90 -4.42 -4.06
N VAL B 849 3.63 -3.76 -4.95
CA VAL B 849 3.08 -3.42 -6.26
C VAL B 849 3.17 -4.60 -7.24
N ILE B 850 4.28 -5.32 -7.17
CA ILE B 850 4.47 -6.51 -7.99
C ILE B 850 4.71 -7.73 -7.09
N LYS B 851 3.71 -8.60 -7.03
CA LYS B 851 3.75 -9.76 -6.14
C LYS B 851 5.08 -10.48 -6.20
N THR B 852 5.57 -10.89 -5.04
CA THR B 852 6.81 -11.63 -4.92
C THR B 852 6.86 -12.83 -5.87
N GLN B 853 5.69 -13.39 -6.17
CA GLN B 853 5.61 -14.60 -6.97
C GLN B 853 6.02 -14.39 -8.42
N ASN B 854 5.95 -13.14 -8.89
CA ASN B 854 6.31 -12.82 -10.27
C ASN B 854 7.77 -12.44 -10.41
N LEU B 855 8.45 -12.30 -9.27
CA LEU B 855 9.85 -11.89 -9.24
C LEU B 855 10.70 -12.72 -10.21
N ALA B 856 10.85 -14.00 -9.92
CA ALA B 856 11.63 -14.87 -10.79
C ALA B 856 11.34 -14.61 -12.27
N ALA B 857 10.07 -14.56 -12.63
CA ALA B 857 9.68 -14.35 -14.02
C ALA B 857 10.13 -12.99 -14.56
N LEU B 858 10.09 -11.98 -13.69
CA LEU B 858 10.42 -10.61 -14.08
C LEU B 858 11.92 -10.44 -14.30
N LEU B 859 12.72 -11.19 -13.55
CA LEU B 859 14.16 -11.19 -13.73
C LEU B 859 14.51 -11.86 -15.06
N HIS B 860 14.35 -13.19 -15.09
CA HIS B 860 14.56 -13.99 -16.29
C HIS B 860 14.07 -13.31 -17.57
N ALA B 861 13.09 -12.41 -17.41
CA ALA B 861 12.55 -11.65 -18.53
C ALA B 861 13.48 -10.50 -18.88
N ILE B 862 13.53 -9.51 -17.99
CA ILE B 862 14.39 -8.34 -18.14
C ILE B 862 15.77 -8.70 -18.69
N ALA B 863 16.30 -9.82 -18.23
CA ALA B 863 17.67 -10.22 -18.57
C ALA B 863 17.83 -10.66 -20.02
N ARG B 864 16.72 -10.78 -20.74
CA ARG B 864 16.76 -11.12 -22.16
C ARG B 864 17.21 -9.93 -23.01
N ARG B 865 16.51 -8.81 -22.84
CA ARG B 865 16.90 -7.57 -23.52
C ARG B 865 18.33 -7.19 -23.16
N PRO B 866 19.17 -6.94 -24.18
CA PRO B 866 20.55 -6.47 -23.98
C PRO B 866 20.61 -5.29 -23.03
N LYS B 867 19.65 -4.37 -23.17
CA LYS B 867 19.56 -3.17 -22.33
C LYS B 867 19.62 -3.47 -20.83
N GLY B 868 19.19 -4.67 -20.43
CA GLY B 868 19.12 -5.00 -19.03
C GLY B 868 19.59 -6.40 -18.66
N GLN B 869 20.39 -7.01 -19.54
CA GLN B 869 20.91 -8.34 -19.26
C GLN B 869 22.00 -8.26 -18.20
N GLN B 870 22.75 -7.17 -18.22
CA GLN B 870 23.78 -6.93 -17.22
C GLN B 870 23.13 -6.44 -15.93
N LEU B 871 22.18 -5.53 -16.06
CA LEU B 871 21.42 -5.03 -14.91
C LEU B 871 20.99 -6.21 -14.04
N ALA B 872 20.40 -7.21 -14.68
CA ALA B 872 19.89 -8.39 -13.97
C ALA B 872 20.99 -9.18 -13.29
N TRP B 873 22.02 -9.54 -14.05
CA TRP B 873 23.12 -10.33 -13.52
C TRP B 873 23.70 -9.66 -12.28
N ASP B 874 23.96 -8.36 -12.38
CA ASP B 874 24.43 -7.59 -11.24
C ASP B 874 23.53 -7.82 -10.04
N PHE B 875 22.25 -7.47 -10.20
CA PHE B 875 21.26 -7.58 -9.14
C PHE B 875 21.29 -8.93 -8.42
N VAL B 876 20.97 -10.00 -9.16
CA VAL B 876 20.97 -11.34 -8.61
C VAL B 876 22.28 -11.64 -7.86
N ARG B 877 23.35 -10.99 -8.29
CA ARG B 877 24.68 -11.22 -7.74
C ARG B 877 24.91 -10.34 -6.50
N GLU B 878 24.28 -9.18 -6.49
CA GLU B 878 24.39 -8.22 -5.39
C GLU B 878 23.40 -8.52 -4.27
N ASN B 879 22.21 -9.03 -4.63
CA ASN B 879 21.13 -9.24 -3.67
C ASN B 879 20.82 -10.70 -3.35
N TRP B 880 21.81 -11.57 -3.49
CA TRP B 880 21.58 -13.01 -3.32
C TRP B 880 21.06 -13.44 -1.95
N THR B 881 21.47 -12.75 -0.89
CA THR B 881 20.99 -13.10 0.44
C THR B 881 19.56 -12.60 0.64
N HIS B 882 19.31 -11.36 0.22
CA HIS B 882 17.96 -10.79 0.32
C HIS B 882 16.98 -11.54 -0.57
N LEU B 883 17.53 -12.35 -1.48
CA LEU B 883 16.73 -13.21 -2.35
C LEU B 883 16.51 -14.57 -1.74
N LEU B 884 17.54 -15.11 -1.09
CA LEU B 884 17.45 -16.44 -0.52
C LEU B 884 16.61 -16.42 0.76
N LYS B 885 16.17 -15.23 1.15
CA LYS B 885 15.22 -15.08 2.25
C LYS B 885 13.79 -15.25 1.74
N LYS B 886 13.46 -14.52 0.68
CA LYS B 886 12.16 -14.64 0.04
C LYS B 886 11.90 -16.08 -0.40
N PHE B 887 12.84 -16.65 -1.16
CA PHE B 887 12.71 -18.03 -1.61
C PHE B 887 13.76 -18.89 -0.95
N ASP B 888 13.76 -20.16 -1.29
CA ASP B 888 14.74 -21.09 -0.74
C ASP B 888 15.24 -22.07 -1.80
N LEU B 889 16.49 -21.89 -2.22
CA LEU B 889 17.09 -22.84 -3.12
C LEU B 889 16.93 -24.22 -2.50
N GLY B 890 16.45 -25.17 -3.30
CA GLY B 890 16.14 -24.90 -4.69
C GLY B 890 14.65 -24.84 -4.97
N SER B 891 14.04 -23.72 -4.61
CA SER B 891 12.69 -23.43 -5.03
C SER B 891 12.78 -23.14 -6.52
N TYR B 892 11.76 -23.53 -7.28
CA TYR B 892 11.76 -23.27 -8.70
C TYR B 892 12.07 -21.80 -8.96
N ASP B 893 11.69 -20.94 -8.03
CA ASP B 893 11.94 -19.51 -8.13
C ASP B 893 13.44 -19.20 -8.15
N ILE B 894 14.16 -19.68 -7.14
CA ILE B 894 15.61 -19.52 -7.07
C ILE B 894 16.31 -20.17 -8.26
N ARG B 895 15.91 -21.41 -8.56
CA ARG B 895 16.45 -22.15 -9.69
C ARG B 895 16.41 -21.32 -10.98
N MET B 896 15.30 -20.64 -11.21
CA MET B 896 15.09 -19.88 -12.44
C MET B 896 15.72 -18.49 -12.37
N ILE B 897 15.83 -17.95 -11.16
CA ILE B 897 16.49 -16.66 -10.98
C ILE B 897 17.96 -16.82 -11.33
N ILE B 898 18.50 -18.01 -11.07
CA ILE B 898 19.86 -18.33 -11.48
C ILE B 898 19.96 -18.41 -13.00
N SER B 899 19.44 -19.49 -13.57
CA SER B 899 19.62 -19.77 -15.00
C SER B 899 18.99 -18.71 -15.86
N GLY B 900 17.99 -18.01 -15.31
CA GLY B 900 17.26 -17.02 -16.06
C GLY B 900 18.06 -15.76 -16.34
N THR B 901 19.29 -15.71 -15.83
CA THR B 901 20.14 -14.52 -15.98
C THR B 901 21.51 -14.86 -16.53
N THR B 902 21.86 -16.14 -16.51
CA THR B 902 23.21 -16.57 -16.83
C THR B 902 23.31 -17.51 -18.03
N ALA B 903 22.28 -18.33 -18.24
CA ALA B 903 22.32 -19.35 -19.30
C ALA B 903 22.32 -18.77 -20.71
N HIS B 904 22.04 -17.47 -20.83
CA HIS B 904 22.01 -16.83 -22.15
C HIS B 904 23.33 -16.14 -22.45
N PHE B 905 24.30 -16.35 -21.57
CA PHE B 905 25.65 -15.82 -21.74
C PHE B 905 26.43 -16.65 -22.75
N SER B 906 27.22 -15.97 -23.59
CA SER B 906 27.99 -16.64 -24.63
C SER B 906 29.36 -15.98 -24.85
N SER B 907 30.21 -16.03 -23.83
CA SER B 907 31.55 -15.46 -23.92
C SER B 907 32.44 -15.96 -22.78
N LYS B 908 33.75 -15.79 -22.94
CA LYS B 908 34.71 -16.21 -21.92
C LYS B 908 34.66 -15.28 -20.72
N ASP B 909 34.57 -13.98 -20.98
CA ASP B 909 34.60 -12.97 -19.93
C ASP B 909 33.48 -13.17 -18.91
N LYS B 910 32.26 -13.34 -19.40
CA LYS B 910 31.09 -13.55 -18.56
C LYS B 910 31.12 -14.89 -17.84
N LEU B 911 31.39 -15.96 -18.59
CA LEU B 911 31.40 -17.32 -18.05
C LEU B 911 32.23 -17.45 -16.79
N GLN B 912 33.16 -16.52 -16.58
CA GLN B 912 33.93 -16.50 -15.34
C GLN B 912 33.16 -15.84 -14.20
N GLU B 913 32.54 -14.70 -14.46
CA GLU B 913 31.73 -14.05 -13.44
C GLU B 913 30.70 -15.05 -12.94
N VAL B 914 30.33 -15.98 -13.82
CA VAL B 914 29.33 -17.01 -13.56
C VAL B 914 29.98 -18.33 -13.13
N LYS B 915 31.26 -18.47 -13.45
CA LYS B 915 32.04 -19.63 -13.01
C LYS B 915 32.55 -19.33 -11.60
N LEU B 916 32.46 -18.07 -11.21
CA LEU B 916 32.96 -17.59 -9.94
C LEU B 916 31.83 -17.18 -9.00
N PHE B 917 30.62 -17.06 -9.54
CA PHE B 917 29.46 -16.79 -8.70
C PHE B 917 28.99 -18.08 -8.04
N PHE B 918 28.75 -19.09 -8.85
CA PHE B 918 28.39 -20.40 -8.35
C PHE B 918 29.49 -20.89 -7.42
N GLU B 919 30.70 -20.34 -7.62
CA GLU B 919 31.83 -20.62 -6.75
C GLU B 919 31.66 -19.89 -5.41
N SER B 920 31.34 -18.60 -5.48
CA SER B 920 31.07 -17.80 -4.29
C SER B 920 30.02 -18.46 -3.40
N LEU B 921 28.98 -19.00 -4.03
CA LEU B 921 27.84 -19.58 -3.32
C LEU B 921 28.16 -20.88 -2.59
N GLU B 922 29.41 -21.05 -2.16
CA GLU B 922 29.74 -22.17 -1.30
C GLU B 922 29.69 -21.76 0.17
N ALA B 923 28.48 -21.39 0.57
CA ALA B 923 28.16 -21.03 1.94
C ALA B 923 26.87 -21.75 2.32
N GLN B 924 25.80 -20.98 2.50
CA GLN B 924 24.47 -21.51 2.76
C GLN B 924 23.80 -21.95 1.46
N GLY B 925 24.14 -21.28 0.36
CA GLY B 925 23.60 -21.61 -0.95
C GLY B 925 24.18 -22.87 -1.53
N SER B 926 24.78 -23.67 -0.65
CA SER B 926 25.48 -24.92 -1.00
C SER B 926 25.23 -25.47 -2.42
N HIS B 927 24.49 -26.56 -2.51
CA HIS B 927 24.47 -27.34 -3.73
C HIS B 927 23.17 -27.33 -4.52
N LEU B 928 23.27 -26.87 -5.77
CA LEU B 928 22.20 -27.02 -6.75
C LEU B 928 22.79 -27.58 -8.04
N ASP B 929 22.25 -28.69 -8.52
CA ASP B 929 22.70 -29.28 -9.78
C ASP B 929 22.54 -28.30 -10.93
N ILE B 930 21.79 -27.22 -10.68
CA ILE B 930 21.53 -26.21 -11.71
C ILE B 930 22.78 -25.37 -11.97
N PHE B 931 23.70 -25.39 -11.02
CA PHE B 931 24.98 -24.71 -11.18
C PHE B 931 25.77 -25.34 -12.33
N GLN B 932 25.98 -26.65 -12.24
CA GLN B 932 26.54 -27.44 -13.33
C GLN B 932 25.86 -27.09 -14.64
N THR B 933 24.57 -27.40 -14.72
CA THR B 933 23.76 -27.17 -15.92
C THR B 933 23.99 -25.79 -16.55
N VAL B 934 23.86 -24.74 -15.74
CA VAL B 934 24.00 -23.37 -16.24
C VAL B 934 25.37 -23.13 -16.87
N LEU B 935 26.38 -23.80 -16.32
CA LEU B 935 27.73 -23.72 -16.88
C LEU B 935 27.77 -24.39 -18.25
N GLU B 936 27.47 -25.69 -18.25
CA GLU B 936 27.52 -26.49 -19.46
C GLU B 936 26.70 -25.87 -20.61
N THR B 937 25.85 -24.91 -20.27
CA THR B 937 25.05 -24.22 -21.28
C THR B 937 25.82 -23.04 -21.86
N ILE B 938 26.43 -22.25 -20.99
CA ILE B 938 27.24 -21.11 -21.42
C ILE B 938 28.47 -21.58 -22.20
N THR B 939 28.76 -22.88 -22.12
CA THR B 939 29.83 -23.46 -22.93
C THR B 939 29.32 -23.71 -24.35
N LYS B 940 28.21 -24.43 -24.46
CA LYS B 940 27.57 -24.65 -25.74
C LYS B 940 27.44 -23.32 -26.47
N ASN B 941 27.13 -22.27 -25.72
CA ASN B 941 26.94 -20.93 -26.27
C ASN B 941 28.16 -20.37 -27.00
N ILE B 942 29.34 -20.57 -26.43
CA ILE B 942 30.57 -20.02 -26.99
C ILE B 942 31.22 -20.97 -28.00
N LYS B 943 30.91 -22.26 -27.89
CA LYS B 943 31.35 -23.22 -28.89
C LYS B 943 30.60 -22.97 -30.18
N TRP B 944 29.28 -23.13 -30.13
CA TRP B 944 28.42 -22.80 -31.26
C TRP B 944 28.74 -21.42 -31.83
N LEU B 945 29.09 -20.47 -30.96
CA LEU B 945 29.40 -19.09 -31.39
C LEU B 945 30.56 -18.99 -32.38
N GLU B 946 31.78 -19.08 -31.87
CA GLU B 946 32.98 -18.99 -32.71
C GLU B 946 33.08 -20.18 -33.68
N LYS B 947 32.25 -21.20 -33.46
CA LYS B 947 32.23 -22.40 -34.30
C LYS B 947 31.00 -22.45 -35.22
N ASN B 948 30.62 -21.30 -35.76
CA ASN B 948 29.49 -21.19 -36.69
C ASN B 948 29.18 -19.77 -37.12
N LEU B 949 29.70 -18.78 -36.40
CA LEU B 949 29.42 -17.37 -36.69
C LEU B 949 29.93 -16.90 -38.07
N PRO B 950 31.06 -17.46 -38.54
CA PRO B 950 31.52 -17.11 -39.90
C PRO B 950 30.57 -17.66 -40.96
N THR B 951 30.04 -18.84 -40.69
CA THR B 951 29.15 -19.54 -41.61
C THR B 951 27.88 -18.75 -41.86
N LEU B 952 27.38 -18.08 -40.82
CA LEU B 952 26.10 -17.39 -40.89
C LEU B 952 26.21 -16.01 -41.56
N ARG B 953 27.30 -15.30 -41.31
CA ARG B 953 27.48 -13.93 -41.83
C ARG B 953 27.70 -13.91 -43.35
N THR B 954 28.59 -14.78 -43.83
CA THR B 954 28.81 -14.91 -45.27
C THR B 954 27.53 -15.40 -45.94
N TRP B 955 26.85 -16.33 -45.28
CA TRP B 955 25.61 -16.90 -45.77
C TRP B 955 24.48 -15.87 -45.86
N LEU B 956 24.54 -14.83 -45.05
CA LEU B 956 23.53 -13.77 -45.08
C LEU B 956 23.76 -12.80 -46.24
N MET B 957 25.01 -12.37 -46.41
CA MET B 957 25.39 -11.53 -47.53
C MET B 957 25.24 -12.30 -48.82
N VAL B 958 25.36 -13.61 -48.74
CA VAL B 958 25.08 -14.50 -49.87
C VAL B 958 23.80 -14.04 -50.56
N ASN B 959 22.83 -13.61 -49.74
CA ASN B 959 21.50 -13.25 -50.22
C ASN B 959 21.34 -11.75 -50.54
N THR B 960 22.08 -10.91 -49.82
CA THR B 960 21.98 -9.46 -49.98
C THR B 960 22.37 -8.98 -51.39
N ARG B 961 22.77 -9.91 -52.25
CA ARG B 961 23.07 -9.59 -53.64
C ARG B 961 22.32 -10.50 -54.62
#